data_1HH3
# 
_entry.id   1HH3 
# 
_audit_conform.dict_name       mmcif_pdbx.dic 
_audit_conform.dict_version    5.403 
_audit_conform.dict_location   http://mmcif.pdb.org/dictionaries/ascii/mmcif_pdbx.dic 
# 
loop_
_database_2.database_id 
_database_2.database_code 
_database_2.pdbx_database_accession 
_database_2.pdbx_DOI 
PDB   1HH3         pdb_00001hh3 10.2210/pdb1hh3/pdb 
PDBE  EBI-5696     ?            ?                   
WWPDB D_1290005696 ?            ?                   
# 
loop_
_pdbx_audit_revision_history.ordinal 
_pdbx_audit_revision_history.data_content_type 
_pdbx_audit_revision_history.major_revision 
_pdbx_audit_revision_history.minor_revision 
_pdbx_audit_revision_history.revision_date 
_pdbx_audit_revision_history.part_number 
1 'Structure model' 1 0 2005-07-11 ? 
2 'Structure model' 1 1 2011-07-13 ? 
3 'Structure model' 1 2 2012-07-11 ? 
4 'Structure model' 1 3 2012-11-30 ? 
5 'Structure model' 1 4 2013-05-01 ? 
6 'Structure model' 2 0 2019-04-24 ? 
7 'Structure model' 3 0 2020-07-29 ? 
8 'Structure model' 3 1 2025-04-09 ? 
# 
loop_
_pdbx_audit_revision_details.ordinal 
_pdbx_audit_revision_details.revision_ordinal 
_pdbx_audit_revision_details.data_content_type 
_pdbx_audit_revision_details.provider 
_pdbx_audit_revision_details.type 
_pdbx_audit_revision_details.description 
_pdbx_audit_revision_details.details 
1 1 'Structure model' repository 'Initial release' ?                          ? 
2 7 'Structure model' repository Remediation       'Carbohydrate remediation' ? 
# 
loop_
_pdbx_audit_revision_group.ordinal 
_pdbx_audit_revision_group.revision_ordinal 
_pdbx_audit_revision_group.data_content_type 
_pdbx_audit_revision_group.group 
1  2 'Structure model' 'Atomic model'              
2  2 'Structure model' 'Database references'       
3  2 'Structure model' 'Derived calculations'      
4  2 'Structure model' 'Structure summary'         
5  2 'Structure model' 'Version format compliance' 
6  3 'Structure model' Other                       
7  4 'Structure model' Other                       
8  5 'Structure model' 'Non-polymer description'   
9  6 'Structure model' 'Data collection'           
10 6 'Structure model' 'Derived calculations'      
11 6 'Structure model' Other                       
12 6 'Structure model' 'Polymer sequence'          
13 7 'Structure model' 'Atomic model'              
14 7 'Structure model' 'Data collection'           
15 7 'Structure model' 'Derived calculations'      
16 7 'Structure model' Other                       
17 7 'Structure model' 'Structure summary'         
18 8 'Structure model' 'Data collection'           
19 8 'Structure model' 'Database references'       
20 8 'Structure model' 'Derived calculations'      
21 8 'Structure model' 'Structure summary'         
# 
loop_
_pdbx_audit_revision_category.ordinal 
_pdbx_audit_revision_category.revision_ordinal 
_pdbx_audit_revision_category.data_content_type 
_pdbx_audit_revision_category.category 
1  6 'Structure model' entity_poly                   
2  6 'Structure model' pdbx_database_proc            
3  6 'Structure model' pdbx_database_status          
4  6 'Structure model' pdbx_seq_map_depositor_info   
5  6 'Structure model' struct_conn                   
6  7 'Structure model' atom_site                     
7  7 'Structure model' atom_site_anisotrop           
8  7 'Structure model' chem_comp                     
9  7 'Structure model' entity                        
10 7 'Structure model' pdbx_branch_scheme            
11 7 'Structure model' pdbx_chem_comp_identifier     
12 7 'Structure model' pdbx_database_status          
13 7 'Structure model' pdbx_entity_branch            
14 7 'Structure model' pdbx_entity_branch_descriptor 
15 7 'Structure model' pdbx_entity_branch_link       
16 7 'Structure model' pdbx_entity_branch_list       
17 7 'Structure model' pdbx_entity_nonpoly           
18 7 'Structure model' pdbx_molecule                 
19 7 'Structure model' pdbx_nonpoly_scheme           
20 7 'Structure model' pdbx_struct_assembly_gen      
21 7 'Structure model' struct_asym                   
22 7 'Structure model' struct_conn                   
23 7 'Structure model' struct_site                   
24 7 'Structure model' struct_site_gen               
25 8 'Structure model' chem_comp                     
26 8 'Structure model' chem_comp_atom                
27 8 'Structure model' chem_comp_bond                
28 8 'Structure model' database_2                    
29 8 'Structure model' pdbx_entry_details            
30 8 'Structure model' pdbx_modification_feature     
31 8 'Structure model' struct_conn                   
# 
loop_
_pdbx_audit_revision_item.ordinal 
_pdbx_audit_revision_item.revision_ordinal 
_pdbx_audit_revision_item.data_content_type 
_pdbx_audit_revision_item.item 
1  6 'Structure model' '_entity_poly.pdbx_seq_one_letter_code_can'    
2  6 'Structure model' '_pdbx_database_status.recvd_author_approval'  
3  6 'Structure model' '_pdbx_seq_map_depositor_info.one_letter_code' 
4  6 'Structure model' '_struct_conn.pdbx_leaving_atom_flag'          
5  7 'Structure model' '_atom_site.B_iso_or_equiv'                    
6  7 'Structure model' '_atom_site.Cartn_x'                           
7  7 'Structure model' '_atom_site.Cartn_y'                           
8  7 'Structure model' '_atom_site.Cartn_z'                           
9  7 'Structure model' '_atom_site.auth_asym_id'                      
10 7 'Structure model' '_atom_site.auth_atom_id'                      
11 7 'Structure model' '_atom_site.auth_comp_id'                      
12 7 'Structure model' '_atom_site.auth_seq_id'                       
13 7 'Structure model' '_atom_site.label_alt_id'                      
14 7 'Structure model' '_atom_site.label_asym_id'                     
15 7 'Structure model' '_atom_site.label_atom_id'                     
16 7 'Structure model' '_atom_site.label_comp_id'                     
17 7 'Structure model' '_atom_site.label_entity_id'                   
18 7 'Structure model' '_atom_site.occupancy'                         
19 7 'Structure model' '_atom_site.type_symbol'                       
20 7 'Structure model' '_atom_site_anisotrop.U[1][1]'                 
21 7 'Structure model' '_atom_site_anisotrop.U[1][2]'                 
22 7 'Structure model' '_atom_site_anisotrop.U[1][3]'                 
23 7 'Structure model' '_atom_site_anisotrop.U[2][2]'                 
24 7 'Structure model' '_atom_site_anisotrop.U[2][3]'                 
25 7 'Structure model' '_atom_site_anisotrop.U[3][3]'                 
26 7 'Structure model' '_atom_site_anisotrop.id'                      
27 7 'Structure model' '_atom_site_anisotrop.pdbx_auth_asym_id'       
28 7 'Structure model' '_atom_site_anisotrop.pdbx_auth_atom_id'       
29 7 'Structure model' '_atom_site_anisotrop.pdbx_auth_comp_id'       
30 7 'Structure model' '_atom_site_anisotrop.pdbx_auth_seq_id'        
31 7 'Structure model' '_atom_site_anisotrop.pdbx_label_alt_id'       
32 7 'Structure model' '_atom_site_anisotrop.pdbx_label_asym_id'      
33 7 'Structure model' '_atom_site_anisotrop.pdbx_label_atom_id'      
34 7 'Structure model' '_atom_site_anisotrop.pdbx_label_comp_id'      
35 7 'Structure model' '_atom_site_anisotrop.type_symbol'             
36 7 'Structure model' '_chem_comp.name'                              
37 7 'Structure model' '_chem_comp.type'                              
38 7 'Structure model' '_pdbx_database_status.status_code_sf'         
39 7 'Structure model' '_pdbx_struct_assembly_gen.asym_id_list'       
40 7 'Structure model' '_struct_conn.pdbx_dist_value'                 
41 7 'Structure model' '_struct_conn.pdbx_leaving_atom_flag'          
42 7 'Structure model' '_struct_conn.ptnr1_auth_asym_id'              
43 7 'Structure model' '_struct_conn.ptnr1_auth_comp_id'              
44 7 'Structure model' '_struct_conn.ptnr1_auth_seq_id'               
45 7 'Structure model' '_struct_conn.ptnr1_label_asym_id'             
46 7 'Structure model' '_struct_conn.ptnr1_label_atom_id'             
47 7 'Structure model' '_struct_conn.ptnr1_label_comp_id'             
48 7 'Structure model' '_struct_conn.ptnr1_label_seq_id'              
49 7 'Structure model' '_struct_conn.ptnr2_auth_asym_id'              
50 7 'Structure model' '_struct_conn.ptnr2_auth_comp_id'              
51 7 'Structure model' '_struct_conn.ptnr2_auth_seq_id'               
52 7 'Structure model' '_struct_conn.ptnr2_label_asym_id'             
53 7 'Structure model' '_struct_conn.ptnr2_label_atom_id'             
54 7 'Structure model' '_struct_conn.ptnr2_label_comp_id'             
55 7 'Structure model' '_struct_conn.ptnr2_label_seq_id'              
56 8 'Structure model' '_chem_comp.pdbx_synonyms'                     
57 8 'Structure model' '_database_2.pdbx_DOI'                         
58 8 'Structure model' '_database_2.pdbx_database_accession'          
59 8 'Structure model' '_pdbx_entry_details.has_protein_modification' 
60 8 'Structure model' '_struct_conn.pdbx_leaving_atom_flag'          
# 
_pdbx_database_status.status_code                     REL 
_pdbx_database_status.entry_id                        1HH3 
_pdbx_database_status.deposit_site                    PDBE 
_pdbx_database_status.process_site                    PDBE 
_pdbx_database_status.SG_entry                        . 
_pdbx_database_status.recvd_initial_deposition_date   2000-12-19 
_pdbx_database_status.pdb_format_compatible           Y 
_pdbx_database_status.status_code_sf                  REL 
_pdbx_database_status.status_code_mr                  ? 
_pdbx_database_status.status_code_cs                  ? 
_pdbx_database_status.methods_development_category    ? 
_pdbx_database_status.status_code_nmr_data            ? 
# 
loop_
_pdbx_database_related.db_name 
_pdbx_database_related.db_id 
_pdbx_database_related.content_type 
_pdbx_database_related.details 
PDB 1HHA unspecified 'CRYSTAL STRUCTURE OF DECAPLANIN - SPACE GROUP P6122'              
PDB 1HHC unspecified 'CRYSTAL STRUCTURE OF DECAPLANIN - SPACE GROUP P21, SECOND FORM'   
PDB 1HHF unspecified 'CRYSTAL STRUCTURE OF DECAPLANIN - SPACE GROUP P6122, SECOND FORM' 
# 
loop_
_audit_author.name 
_audit_author.pdbx_ordinal 
'Lehmann, C.'     1 
'Vertessy, L.'    2 
'Sheldrick, G.M.' 3 
'Dauter, Z.'      4 
'Dauter, M.'      5 
# 
_citation.id                        primary 
_citation.title                     'Structures of Four Crystal Forms of Decaplanin' 
_citation.journal_abbrev            Helv.Chim.Acta 
_citation.journal_volume            86 
_citation.page_first                1478 
_citation.page_last                 ? 
_citation.year                      2003 
_citation.journal_id_ASTM           HCACAV 
_citation.country                   SZ 
_citation.journal_id_ISSN           0018-019X 
_citation.journal_id_CSD            0010 
_citation.book_publisher            ? 
_citation.pdbx_database_id_PubMed   ? 
_citation.pdbx_database_id_DOI      10.1002/HLCA.200390131 
# 
loop_
_citation_author.citation_id 
_citation_author.name 
_citation_author.ordinal 
_citation_author.identifier_ORCID 
primary 'Lehmann, C.'      1 ? 
primary 'Debreczeni, J.E.' 2 ? 
primary 'Bunkoczi, G.'     3 ? 
primary 'Dauter, M.'       4 ? 
primary 'Dauter, Z.'       5 ? 
primary 'Vertesy, L.'      6 ? 
primary 'Sheldrick, G.M.'  7 ? 
# 
loop_
_entity.id 
_entity.type 
_entity.src_method 
_entity.pdbx_description 
_entity.formula_weight 
_entity.pdbx_number_of_molecules 
_entity.pdbx_ec 
_entity.pdbx_mutation 
_entity.pdbx_fragment 
_entity.details 
1 polymer     nat DECAPLANIN                                          1115.532 4   ? ? ? ? 
2 branched    man 'alpha-L-rhamnopyranose-(1-2)-beta-D-glucopyranose' 326.297  4   ? ? ? ? 
3 non-polymer man 4-epi-vancosamine                                   161.199  4   ? ? ? ? 
4 non-polymer syn GLYCEROL                                            92.094   3   ? ? ? ? 
5 water       nat water                                               18.015   162 ? ? ? ? 
# 
_entity_name_com.entity_id   1 
_entity_name_com.name        M86-1410 
# 
_entity_poly.entity_id                      1 
_entity_poly.type                           'polypeptide(L)' 
_entity_poly.nstd_linkage                   no 
_entity_poly.nstd_monomer                   yes 
_entity_poly.pdbx_seq_one_letter_code       '(MLU)(OMZ)N(GHP)(GHP)(OMX)(3FG)' 
_entity_poly.pdbx_seq_one_letter_code_can   XXNGGYX 
_entity_poly.pdbx_strand_id                 A,B,C,D 
_entity_poly.pdbx_target_identifier         ? 
# 
loop_
_pdbx_entity_nonpoly.entity_id 
_pdbx_entity_nonpoly.name 
_pdbx_entity_nonpoly.comp_id 
3 4-epi-vancosamine ERE 
4 GLYCEROL          GOL 
5 water             HOH 
# 
loop_
_entity_poly_seq.entity_id 
_entity_poly_seq.num 
_entity_poly_seq.mon_id 
_entity_poly_seq.hetero 
1 1 MLU n 
1 2 OMZ n 
1 3 ASN n 
1 4 GHP n 
1 5 GHP n 
1 6 OMX n 
1 7 3FG n 
# 
_entity_src_nat.entity_id                  1 
_entity_src_nat.pdbx_src_id                1 
_entity_src_nat.pdbx_alt_source_flag       sample 
_entity_src_nat.pdbx_beg_seq_num           ? 
_entity_src_nat.pdbx_end_seq_num           ? 
_entity_src_nat.common_name                ? 
_entity_src_nat.pdbx_organism_scientific   'UNCULTURED ACTINOMYCETE' 
_entity_src_nat.pdbx_ncbi_taxonomy_id      100235 
_entity_src_nat.genus                      ? 
_entity_src_nat.species                    ? 
_entity_src_nat.strain                     'DSM 4763' 
_entity_src_nat.tissue                     ? 
_entity_src_nat.tissue_fraction            ? 
_entity_src_nat.pdbx_secretion             ? 
_entity_src_nat.pdbx_fragment              ? 
_entity_src_nat.pdbx_variant               ? 
_entity_src_nat.pdbx_cell_line             ? 
_entity_src_nat.pdbx_atcc                  ? 
_entity_src_nat.pdbx_cellular_location     ? 
_entity_src_nat.pdbx_organ                 ? 
_entity_src_nat.pdbx_organelle             ? 
_entity_src_nat.pdbx_cell                  ? 
_entity_src_nat.pdbx_plasmid_name          ? 
_entity_src_nat.pdbx_plasmid_details       ? 
_entity_src_nat.details                    'CULTURE Y-86, 36910' 
# 
_pdbx_entity_branch.entity_id   2 
_pdbx_entity_branch.type        oligosaccharide 
# 
loop_
_pdbx_entity_branch_descriptor.ordinal 
_pdbx_entity_branch_descriptor.entity_id 
_pdbx_entity_branch_descriptor.descriptor 
_pdbx_entity_branch_descriptor.type 
_pdbx_entity_branch_descriptor.program 
_pdbx_entity_branch_descriptor.program_version 
1 2 LRhapa1-2DGlcpb1-ROH                                       'Glycam Condensed Sequence' GMML       1.0   
2 2 'WURCS=2.0/2,2,1/[a2122h-1b_1-5][a2211m-1a_1-5]/1-2/a2-b1' WURCS                       PDB2Glycan 1.1.0 
3 2 '[][D-1-deoxy-Glcp]{[(2+1)][a-L-Rhap]{}}'                  LINUCS                      PDB-CARE   ?     
# 
_pdbx_entity_branch_link.link_id                    1 
_pdbx_entity_branch_link.entity_id                  2 
_pdbx_entity_branch_link.entity_branch_list_num_1   2 
_pdbx_entity_branch_link.comp_id_1                  RAM 
_pdbx_entity_branch_link.atom_id_1                  C1 
_pdbx_entity_branch_link.leaving_atom_id_1          O1 
_pdbx_entity_branch_link.entity_branch_list_num_2   1 
_pdbx_entity_branch_link.comp_id_2                  BGC 
_pdbx_entity_branch_link.atom_id_2                  O2 
_pdbx_entity_branch_link.leaving_atom_id_2          HO2 
_pdbx_entity_branch_link.value_order                sing 
_pdbx_entity_branch_link.details                    ? 
# 
loop_
_chem_comp.id 
_chem_comp.type 
_chem_comp.mon_nstd_flag 
_chem_comp.name 
_chem_comp.pdbx_synonyms 
_chem_comp.formula 
_chem_comp.formula_weight 
3FG 'L-peptide linking'           . '(2S)-amino(3,5-dihydroxyphenyl)ethanoic acid' ? 'C8 H9 N O4'     183.161 
ASN 'L-peptide linking'           y ASPARAGINE                                     ? 'C4 H8 N2 O3'    132.118 
BGC 'D-saccharide, beta linking'  . beta-D-glucopyranose                           'beta-D-glucose; D-glucose; glucose' 
'C6 H12 O6'      180.156 
ERE 'L-saccharide, alpha linking' . 4-epi-vancosamine                              
'(1R,3S,4R,5S)-3-amino-2,3,6-trideoxy-3-methyl-alpha-L-arabino-hexopyranose' 'C7 H15 N O3'    161.199 
GHP 'D-peptide linking'           . '(2R)-amino(4-hydroxyphenyl)ethanoic acid'     ? 'C8 H9 N O3'     167.162 
GOL non-polymer                   . GLYCEROL                                       'GLYCERIN; PROPANE-1,2,3-TRIOL' 'C3 H8 O3' 
92.094  
HOH non-polymer                   . WATER                                          ? 'H2 O'           18.015  
MLU 'D-peptide linking'           . N-methyl-D-leucine                             ? 'C7 H15 N O2'    145.199 
OMX 'L-peptide linking'           n '(betaR)-beta-hydroxy-L-Tyrosine'              ? 'C9 H11 N O4'    197.188 
OMZ 'D-peptide linking'           . '(betaR)-3-CHLORO-BETA-HYDROXY-D-TYROSINE'     ? 'C9 H10 Cl N O4' 231.633 
RAM 'L-saccharide, alpha linking' . alpha-L-rhamnopyranose                         
'alpha-L-rhamnose; 6-deoxy-alpha-L-mannopyranose; L-rhamnose; rhamnose'      'C6 H12 O5'      164.156 
# 
loop_
_pdbx_chem_comp_identifier.comp_id 
_pdbx_chem_comp_identifier.type 
_pdbx_chem_comp_identifier.program 
_pdbx_chem_comp_identifier.program_version 
_pdbx_chem_comp_identifier.identifier 
BGC 'CONDENSED IUPAC CARBOHYDRATE SYMBOL' GMML     1.0 DGlcpb             
BGC 'COMMON NAME'                         GMML     1.0 b-D-glucopyranose  
BGC 'IUPAC CARBOHYDRATE SYMBOL'           PDB-CARE 1.0 b-D-Glcp           
BGC 'SNFG CARBOHYDRATE SYMBOL'            GMML     1.0 Glc                
RAM 'CONDENSED IUPAC CARBOHYDRATE SYMBOL' GMML     1.0 LRhapa             
RAM 'COMMON NAME'                         GMML     1.0 a-L-rhamnopyranose 
RAM 'IUPAC CARBOHYDRATE SYMBOL'           PDB-CARE 1.0 a-L-Rhap           
RAM 'SNFG CARBOHYDRATE SYMBOL'            GMML     1.0 Rha                
# 
loop_
_pdbx_poly_seq_scheme.asym_id 
_pdbx_poly_seq_scheme.entity_id 
_pdbx_poly_seq_scheme.seq_id 
_pdbx_poly_seq_scheme.mon_id 
_pdbx_poly_seq_scheme.ndb_seq_num 
_pdbx_poly_seq_scheme.pdb_seq_num 
_pdbx_poly_seq_scheme.auth_seq_num 
_pdbx_poly_seq_scheme.pdb_mon_id 
_pdbx_poly_seq_scheme.auth_mon_id 
_pdbx_poly_seq_scheme.pdb_strand_id 
_pdbx_poly_seq_scheme.pdb_ins_code 
_pdbx_poly_seq_scheme.hetero 
A 1 1 MLU 1 1 1 MLU MLU A . n 
A 1 2 OMZ 2 2 2 OMZ OMZ A . n 
A 1 3 ASN 3 3 3 ASN ASN A . n 
A 1 4 GHP 4 4 4 GHP GHP A . n 
A 1 5 GHP 5 5 5 GHP GHP A . n 
A 1 6 OMX 6 6 6 OMX OMX A . n 
A 1 7 3FG 7 7 7 3FG 3FG A . n 
B 1 1 MLU 1 1 1 MLU MLU B . n 
B 1 2 OMZ 2 2 2 OMZ OMZ B . n 
B 1 3 ASN 3 3 3 ASN ASN B . n 
B 1 4 GHP 4 4 4 GHP GHP B . n 
B 1 5 GHP 5 5 5 GHP GHP B . n 
B 1 6 OMX 6 6 6 OMX OMX B . n 
B 1 7 3FG 7 7 7 3FG 3FG B . n 
C 1 1 MLU 1 1 1 MLU MLU C . n 
C 1 2 OMZ 2 2 2 OMZ OMZ C . n 
C 1 3 ASN 3 3 3 ASN ASN C . n 
C 1 4 GHP 4 4 4 GHP GHP C . n 
C 1 5 GHP 5 5 5 GHP GHP C . n 
C 1 6 OMX 6 6 6 OMX OMX C . n 
C 1 7 3FG 7 7 7 3FG 3FG C . n 
D 1 1 MLU 1 1 1 MLU MLU D . n 
D 1 2 OMZ 2 2 2 OMZ OMZ D . n 
D 1 3 ASN 3 3 3 ASN ASN D . n 
D 1 4 GHP 4 4 4 GHP GHP D . n 
D 1 5 GHP 5 5 5 GHP GHP D . n 
D 1 6 OMX 6 6 6 OMX OMX D . n 
D 1 7 3FG 7 7 7 3FG 3FG D . n 
# 
loop_
_pdbx_branch_scheme.asym_id 
_pdbx_branch_scheme.entity_id 
_pdbx_branch_scheme.mon_id 
_pdbx_branch_scheme.num 
_pdbx_branch_scheme.pdb_asym_id 
_pdbx_branch_scheme.pdb_mon_id 
_pdbx_branch_scheme.pdb_seq_num 
_pdbx_branch_scheme.auth_asym_id 
_pdbx_branch_scheme.auth_mon_id 
_pdbx_branch_scheme.auth_seq_num 
_pdbx_branch_scheme.hetero 
E 2 BGC 1 E BGC 1 A BGC 9  n 
E 2 RAM 2 E RAM 2 A RAM 10 n 
F 2 BGC 1 F BGC 1 B BGC 9  n 
F 2 RAM 2 F RAM 2 B RAM 10 n 
G 2 BGC 1 G BGC 1 C BGC 9  n 
G 2 RAM 2 G RAM 2 C RAM 10 n 
H 2 BGC 1 H BGC 1 D BGC 9  n 
H 2 RAM 2 H RAM 2 D RAM 10 n 
# 
loop_
_pdbx_nonpoly_scheme.asym_id 
_pdbx_nonpoly_scheme.entity_id 
_pdbx_nonpoly_scheme.mon_id 
_pdbx_nonpoly_scheme.ndb_seq_num 
_pdbx_nonpoly_scheme.pdb_seq_num 
_pdbx_nonpoly_scheme.auth_seq_num 
_pdbx_nonpoly_scheme.pdb_mon_id 
_pdbx_nonpoly_scheme.auth_mon_id 
_pdbx_nonpoly_scheme.pdb_strand_id 
_pdbx_nonpoly_scheme.pdb_ins_code 
I 3 ERE 1  8    8    ERE ERE A . 
J 3 ERE 1  8    8    ERE ERE B . 
K 4 GOL 1  1001 1001 GOL GOL B . 
L 4 GOL 1  1002 1002 GOL GOL B . 
M 3 ERE 1  8    8    ERE ERE C . 
N 3 ERE 1  8    8    ERE ERE D . 
O 4 GOL 1  1003 1003 GOL GOL D . 
P 5 HOH 1  2001 2001 HOH HOH A . 
P 5 HOH 2  2002 2002 HOH HOH A . 
P 5 HOH 3  2003 2003 HOH HOH A . 
P 5 HOH 4  2004 2004 HOH HOH A . 
P 5 HOH 5  2005 2005 HOH HOH A . 
P 5 HOH 6  2006 2006 HOH HOH A . 
P 5 HOH 7  2007 2007 HOH HOH A . 
P 5 HOH 8  2008 2008 HOH HOH A . 
P 5 HOH 9  2009 2009 HOH HOH A . 
P 5 HOH 10 2010 2010 HOH HOH A . 
P 5 HOH 11 2011 2011 HOH HOH A . 
P 5 HOH 12 2012 2012 HOH HOH A . 
P 5 HOH 13 2013 2013 HOH HOH A . 
P 5 HOH 14 2014 2014 HOH HOH A . 
P 5 HOH 15 2015 2015 HOH HOH A . 
P 5 HOH 16 2016 2016 HOH HOH A . 
P 5 HOH 17 2017 2017 HOH HOH A . 
P 5 HOH 18 2018 2018 HOH HOH A . 
P 5 HOH 19 2019 2019 HOH HOH A . 
P 5 HOH 20 2020 2020 HOH HOH A . 
P 5 HOH 21 2021 2021 HOH HOH A . 
P 5 HOH 22 2022 2022 HOH HOH A . 
P 5 HOH 23 2023 2023 HOH HOH A . 
P 5 HOH 24 2024 2024 HOH HOH A . 
P 5 HOH 25 2025 2025 HOH HOH A . 
P 5 HOH 26 2026 2026 HOH HOH A . 
P 5 HOH 27 2027 2027 HOH HOH A . 
P 5 HOH 28 2028 2028 HOH HOH A . 
P 5 HOH 29 2029 2029 HOH HOH A . 
P 5 HOH 30 2030 2030 HOH HOH A . 
P 5 HOH 31 2031 2031 HOH HOH A . 
P 5 HOH 32 2032 2032 HOH HOH A . 
P 5 HOH 33 2033 2033 HOH HOH A . 
P 5 HOH 34 2034 2034 HOH HOH A . 
P 5 HOH 35 2035 2035 HOH HOH A . 
P 5 HOH 36 2036 2036 HOH HOH A . 
P 5 HOH 37 2037 2037 HOH HOH A . 
P 5 HOH 38 2038 2038 HOH HOH A . 
P 5 HOH 39 2039 2039 HOH HOH A . 
P 5 HOH 40 2040 2040 HOH HOH A . 
P 5 HOH 41 2041 2041 HOH HOH A . 
P 5 HOH 42 2042 2042 HOH HOH A . 
Q 5 HOH 1  2001 2001 HOH HOH B . 
Q 5 HOH 2  2002 2002 HOH HOH B . 
Q 5 HOH 3  2003 2003 HOH HOH B . 
Q 5 HOH 4  2004 2004 HOH HOH B . 
Q 5 HOH 5  2005 2005 HOH HOH B . 
Q 5 HOH 6  2006 2006 HOH HOH B . 
Q 5 HOH 7  2007 2007 HOH HOH B . 
Q 5 HOH 8  2008 2008 HOH HOH B . 
Q 5 HOH 9  2009 2009 HOH HOH B . 
Q 5 HOH 10 2010 2010 HOH HOH B . 
Q 5 HOH 11 2011 2011 HOH HOH B . 
Q 5 HOH 12 2012 2012 HOH HOH B . 
Q 5 HOH 13 2013 2013 HOH HOH B . 
Q 5 HOH 14 2014 2014 HOH HOH B . 
Q 5 HOH 15 2015 2015 HOH HOH B . 
Q 5 HOH 16 2016 2016 HOH HOH B . 
Q 5 HOH 17 2017 2017 HOH HOH B . 
Q 5 HOH 18 2018 2018 HOH HOH B . 
Q 5 HOH 19 2019 2019 HOH HOH B . 
Q 5 HOH 20 2020 2020 HOH HOH B . 
Q 5 HOH 21 2021 2021 HOH HOH B . 
Q 5 HOH 22 2022 2022 HOH HOH B . 
Q 5 HOH 23 2023 2023 HOH HOH B . 
Q 5 HOH 24 2024 2024 HOH HOH B . 
Q 5 HOH 25 2025 2025 HOH HOH B . 
Q 5 HOH 26 2026 2026 HOH HOH B . 
Q 5 HOH 27 2027 2027 HOH HOH B . 
Q 5 HOH 28 2028 2028 HOH HOH B . 
Q 5 HOH 29 2029 2029 HOH HOH B . 
Q 5 HOH 30 2030 2030 HOH HOH B . 
Q 5 HOH 31 2031 2031 HOH HOH B . 
Q 5 HOH 32 2032 2032 HOH HOH B . 
Q 5 HOH 33 2033 2033 HOH HOH B . 
Q 5 HOH 34 2034 2034 HOH HOH B . 
Q 5 HOH 35 2035 2035 HOH HOH B . 
Q 5 HOH 36 2036 2036 HOH HOH B . 
Q 5 HOH 37 2037 2037 HOH HOH B . 
Q 5 HOH 38 2038 2038 HOH HOH B . 
Q 5 HOH 39 2039 2039 HOH HOH B . 
Q 5 HOH 40 2040 2040 HOH HOH B . 
Q 5 HOH 41 2041 2041 HOH HOH B . 
Q 5 HOH 42 2042 2042 HOH HOH B . 
Q 5 HOH 43 2043 2043 HOH HOH B . 
Q 5 HOH 44 2044 2044 HOH HOH B . 
Q 5 HOH 45 2045 2045 HOH HOH B . 
Q 5 HOH 46 2046 2046 HOH HOH B . 
Q 5 HOH 47 2047 2047 HOH HOH B . 
R 5 HOH 1  2001 2001 HOH HOH C . 
R 5 HOH 2  2002 2002 HOH HOH C . 
R 5 HOH 3  2003 2003 HOH HOH C . 
R 5 HOH 4  2004 2004 HOH HOH C . 
R 5 HOH 5  2005 2005 HOH HOH C . 
R 5 HOH 6  2006 2006 HOH HOH C . 
R 5 HOH 7  2007 2007 HOH HOH C . 
R 5 HOH 8  2008 2008 HOH HOH C . 
R 5 HOH 9  2009 2009 HOH HOH C . 
R 5 HOH 10 2010 2010 HOH HOH C . 
R 5 HOH 11 2011 2011 HOH HOH C . 
R 5 HOH 12 2012 2012 HOH HOH C . 
R 5 HOH 13 2013 2013 HOH HOH C . 
R 5 HOH 14 2014 2014 HOH HOH C . 
R 5 HOH 15 2015 2015 HOH HOH C . 
R 5 HOH 16 2016 2016 HOH HOH C . 
R 5 HOH 17 2017 2017 HOH HOH C . 
R 5 HOH 18 2018 2018 HOH HOH C . 
R 5 HOH 19 2019 2019 HOH HOH C . 
R 5 HOH 20 2020 2020 HOH HOH C . 
R 5 HOH 21 2021 2021 HOH HOH C . 
R 5 HOH 22 2022 2022 HOH HOH C . 
R 5 HOH 23 2023 2023 HOH HOH C . 
R 5 HOH 24 2024 2024 HOH HOH C . 
R 5 HOH 25 2025 2025 HOH HOH C . 
R 5 HOH 26 2026 2026 HOH HOH C . 
R 5 HOH 27 2027 2027 HOH HOH C . 
R 5 HOH 28 2028 2028 HOH HOH C . 
R 5 HOH 29 2029 2029 HOH HOH C . 
R 5 HOH 30 2030 2030 HOH HOH C . 
R 5 HOH 31 2031 2031 HOH HOH C . 
R 5 HOH 32 2032 2032 HOH HOH C . 
R 5 HOH 33 2033 2033 HOH HOH C . 
R 5 HOH 34 2034 2034 HOH HOH C . 
R 5 HOH 35 2035 2035 HOH HOH C . 
R 5 HOH 36 2036 2036 HOH HOH C . 
R 5 HOH 37 2037 2037 HOH HOH C . 
R 5 HOH 38 2038 2038 HOH HOH C . 
R 5 HOH 39 2039 2039 HOH HOH C . 
S 5 HOH 1  2001 2001 HOH HOH D . 
S 5 HOH 2  2002 2002 HOH HOH D . 
S 5 HOH 3  2003 2003 HOH HOH D . 
S 5 HOH 4  2004 2004 HOH HOH D . 
S 5 HOH 5  2005 2005 HOH HOH D . 
S 5 HOH 6  2006 2006 HOH HOH D . 
S 5 HOH 7  2007 2007 HOH HOH D . 
S 5 HOH 8  2008 2008 HOH HOH D . 
S 5 HOH 9  2009 2009 HOH HOH D . 
S 5 HOH 10 2010 2010 HOH HOH D . 
S 5 HOH 11 2011 2011 HOH HOH D . 
S 5 HOH 12 2012 2012 HOH HOH D . 
S 5 HOH 13 2013 2013 HOH HOH D . 
S 5 HOH 14 2014 2014 HOH HOH D . 
S 5 HOH 15 2015 2015 HOH HOH D . 
S 5 HOH 16 2016 2016 HOH HOH D . 
S 5 HOH 17 2017 2017 HOH HOH D . 
S 5 HOH 18 2018 2018 HOH HOH D . 
S 5 HOH 19 2019 2019 HOH HOH D . 
S 5 HOH 20 2020 2020 HOH HOH D . 
S 5 HOH 21 2021 2021 HOH HOH D . 
S 5 HOH 22 2022 2022 HOH HOH D . 
S 5 HOH 23 2023 2023 HOH HOH D . 
S 5 HOH 24 2024 2024 HOH HOH D . 
S 5 HOH 25 2025 2025 HOH HOH D . 
S 5 HOH 26 2026 2026 HOH HOH D . 
S 5 HOH 27 2027 2027 HOH HOH D . 
S 5 HOH 28 2028 2028 HOH HOH D . 
S 5 HOH 29 2029 2029 HOH HOH D . 
S 5 HOH 30 2030 2030 HOH HOH D . 
S 5 HOH 31 2031 2031 HOH HOH D . 
S 5 HOH 32 2032 2032 HOH HOH D . 
S 5 HOH 33 2033 2033 HOH HOH D . 
S 5 HOH 34 2034 2034 HOH HOH D . 
# 
loop_
_pdbx_unobs_or_zero_occ_atoms.id 
_pdbx_unobs_or_zero_occ_atoms.PDB_model_num 
_pdbx_unobs_or_zero_occ_atoms.polymer_flag 
_pdbx_unobs_or_zero_occ_atoms.occupancy_flag 
_pdbx_unobs_or_zero_occ_atoms.auth_asym_id 
_pdbx_unobs_or_zero_occ_atoms.auth_comp_id 
_pdbx_unobs_or_zero_occ_atoms.auth_seq_id 
_pdbx_unobs_or_zero_occ_atoms.PDB_ins_code 
_pdbx_unobs_or_zero_occ_atoms.auth_atom_id 
_pdbx_unobs_or_zero_occ_atoms.label_alt_id 
_pdbx_unobs_or_zero_occ_atoms.label_asym_id 
_pdbx_unobs_or_zero_occ_atoms.label_comp_id 
_pdbx_unobs_or_zero_occ_atoms.label_seq_id 
_pdbx_unobs_or_zero_occ_atoms.label_atom_id 
1 1 Y 1 A MLU 1 ? N   ? A MLU 1 N   
2 1 Y 1 A MLU 1 ? CN  ? A MLU 1 CN  
3 1 Y 1 A MLU 1 ? CG  ? A MLU 1 CG  
4 1 Y 1 A MLU 1 ? CD1 ? A MLU 1 CD1 
5 1 Y 1 A MLU 1 ? CD2 ? A MLU 1 CD2 
# 
loop_
_software.name 
_software.classification 
_software.version 
_software.citation_id 
_software.pdbx_ordinal 
SHELXL-97 refinement       . ? 1 
DENZO     'data reduction' . ? 2 
SCALEPACK 'data scaling'   . ? 3 
SHELXD    phasing          . ? 4 
# 
_cell.entry_id           1HH3 
_cell.length_a           25.604 
_cell.length_b           38.598 
_cell.length_c           31.713 
_cell.angle_alpha        90.00 
_cell.angle_beta         105.88 
_cell.angle_gamma        90.00 
_cell.Z_PDB              8 
_cell.pdbx_unique_axis   ? 
# 
_symmetry.entry_id                         1HH3 
_symmetry.space_group_name_H-M             'P 1 21 1' 
_symmetry.pdbx_full_space_group_name_H-M   ? 
_symmetry.cell_setting                     ? 
_symmetry.Int_Tables_number                4 
# 
_exptl.entry_id          1HH3 
_exptl.method            'X-RAY DIFFRACTION' 
_exptl.crystals_number   1 
# 
_exptl_crystal.id                    1 
_exptl_crystal.density_meas          ? 
_exptl_crystal.density_Matthews      2.37 
_exptl_crystal.density_percent_sol   51.9 
_exptl_crystal.description           ? 
# 
_exptl_crystal_grow.crystal_id      1 
_exptl_crystal_grow.method          ? 
_exptl_crystal_grow.temp            ? 
_exptl_crystal_grow.temp_details    ? 
_exptl_crystal_grow.pH              8.50 
_exptl_crystal_grow.pdbx_pH_range   ? 
_exptl_crystal_grow.pdbx_details    '39% LI2SO4, 0.2M TRIS 8.5, 20% GLYCEROL, pH 8.50' 
# 
_diffrn.id                     1 
_diffrn.ambient_temp           100.0 
_diffrn.ambient_temp_details   ? 
_diffrn.crystal_id             1 
# 
_diffrn_detector.diffrn_id              1 
_diffrn_detector.detector               CCD 
_diffrn_detector.type                   CHESS 
_diffrn_detector.pdbx_collection_date   1999-10-15 
_diffrn_detector.details                ? 
# 
_diffrn_radiation.diffrn_id                        1 
_diffrn_radiation.wavelength_id                    1 
_diffrn_radiation.pdbx_monochromatic_or_laue_m_l   M 
_diffrn_radiation.monochromator                    ? 
_diffrn_radiation.pdbx_diffrn_protocol             'SINGLE WAVELENGTH' 
_diffrn_radiation.pdbx_scattering_type             x-ray 
# 
_diffrn_radiation_wavelength.id           1 
_diffrn_radiation_wavelength.wavelength   0.98000 
_diffrn_radiation_wavelength.wt           1.0 
# 
_diffrn_source.diffrn_id                   1 
_diffrn_source.source                      SYNCHROTRON 
_diffrn_source.type                        'NSLS BEAMLINE X9B' 
_diffrn_source.pdbx_synchrotron_site       NSLS 
_diffrn_source.pdbx_synchrotron_beamline   X9B 
_diffrn_source.pdbx_wavelength             0.98000 
_diffrn_source.pdbx_wavelength_list        ? 
# 
_reflns.pdbx_diffrn_id               1 
_reflns.pdbx_ordinal                 1 
_reflns.entry_id                     1HH3 
_reflns.observed_criterion_sigma_I   ? 
_reflns.observed_criterion_sigma_F   ? 
_reflns.d_resolution_low             30.500 
_reflns.d_resolution_high            1.000 
_reflns.number_obs                   32325 
_reflns.number_all                   ? 
_reflns.percent_possible_obs         98.5 
_reflns.pdbx_Rmerge_I_obs            0.04800 
_reflns.pdbx_Rsym_value              ? 
_reflns.pdbx_netI_over_sigmaI        12.2200 
_reflns.B_iso_Wilson_estimate        ? 
_reflns.pdbx_redundancy              10.200 
# 
_reflns_shell.pdbx_diffrn_id         1 
_reflns_shell.pdbx_ordinal           1 
_reflns_shell.d_res_high             1.00 
_reflns_shell.d_res_low              1.10 
_reflns_shell.percent_possible_all   96.2 
_reflns_shell.Rmerge_I_obs           0.16600 
_reflns_shell.pdbx_Rsym_value        ? 
_reflns_shell.meanI_over_sigI_obs    4.450 
_reflns_shell.pdbx_redundancy        2.50 
# 
_refine.pdbx_refine_id                           'X-RAY DIFFRACTION' 
_refine.entry_id                                 1HH3 
_refine.pdbx_diffrn_id                           1 
_refine.pdbx_TLS_residual_ADP_flag               ? 
_refine.ls_number_reflns_obs                     ? 
_refine.ls_number_reflns_all                     31754 
_refine.pdbx_ls_sigma_I                          ? 
_refine.pdbx_ls_sigma_F                          0.0 
_refine.pdbx_data_cutoff_high_absF               ? 
_refine.pdbx_data_cutoff_low_absF                ? 
_refine.pdbx_data_cutoff_high_rms_absF           ? 
_refine.ls_d_res_low                             30.5 
_refine.ls_d_res_high                            1.00 
_refine.ls_percent_reflns_obs                    98.5 
_refine.ls_R_factor_obs                          0.1148 
_refine.ls_R_factor_all                          0.1159 
_refine.ls_R_factor_R_work                       ? 
_refine.ls_R_factor_R_free                       0.1478 
_refine.ls_R_factor_R_free_error                 ? 
_refine.ls_R_factor_R_free_error_details         ? 
_refine.ls_percent_reflns_R_free                 4.83 
_refine.ls_number_reflns_R_free                  1535 
_refine.ls_number_parameters                     5659 
_refine.ls_number_restraints                     7613 
_refine.occupancy_min                            ? 
_refine.occupancy_max                            ? 
_refine.correlation_coeff_Fo_to_Fc               ? 
_refine.correlation_coeff_Fo_to_Fc_free          ? 
_refine.B_iso_mean                               ? 
_refine.aniso_B[1][1]                            ? 
_refine.aniso_B[2][2]                            ? 
_refine.aniso_B[3][3]                            ? 
_refine.aniso_B[1][2]                            ? 
_refine.aniso_B[1][3]                            ? 
_refine.aniso_B[2][3]                            ? 
_refine.solvent_model_details                    'MOEWS & KRETSINGER, J.MOL.BIOL.91(1973)201-228' 
_refine.solvent_model_param_ksol                 ? 
_refine.solvent_model_param_bsol                 ? 
_refine.pdbx_solvent_vdw_probe_radii             ? 
_refine.pdbx_solvent_ion_probe_radii             ? 
_refine.pdbx_solvent_shrinkage_radii             ? 
_refine.pdbx_ls_cross_valid_method               THROUGHOUT 
_refine.details                                  ? 
_refine.pdbx_starting_model                      ? 
_refine.pdbx_method_to_determine_struct          'DIRECT METHODS' 
_refine.pdbx_isotropic_thermal_model             ? 
_refine.pdbx_stereochemistry_target_values       'ENGH AND HUBER' 
_refine.pdbx_stereochem_target_val_spec_case     ? 
_refine.pdbx_R_Free_selection_details            SHELLS 
_refine.pdbx_overall_ESU_R                       ? 
_refine.pdbx_overall_ESU_R_Free                  ? 
_refine.overall_SU_ML                            ? 
_refine.pdbx_overall_phase_error                 ? 
_refine.overall_SU_B                             ? 
_refine.overall_SU_R_Cruickshank_DPI             ? 
_refine.pdbx_overall_SU_R_free_Cruickshank_DPI   ? 
_refine.pdbx_overall_SU_R_Blow_DPI               ? 
_refine.pdbx_overall_SU_R_free_Blow_DPI          ? 
# 
_refine_analyze.pdbx_refine_id                  'X-RAY DIFFRACTION' 
_refine_analyze.entry_id                        1HH3 
_refine_analyze.Luzzati_coordinate_error_obs    ? 
_refine_analyze.Luzzati_sigma_a_obs             ? 
_refine_analyze.Luzzati_d_res_low_obs           ? 
_refine_analyze.Luzzati_coordinate_error_free   ? 
_refine_analyze.Luzzati_sigma_a_free            ? 
_refine_analyze.Luzzati_d_res_low_free          ? 
_refine_analyze.number_disordered_residues      3 
_refine_analyze.occupancy_sum_hydrogen          352.2 
_refine_analyze.occupancy_sum_non_hydrogen      150.9 
# 
_refine_hist.pdbx_refine_id                   'X-RAY DIFFRACTION' 
_refine_hist.cycle_id                         LAST 
_refine_hist.pdbx_number_atoms_protein        311 
_refine_hist.pdbx_number_atoms_nucleic_acid   0 
_refine_hist.pdbx_number_atoms_ligand         142 
_refine_hist.number_atoms_solvent             162 
_refine_hist.number_atoms_total               615 
_refine_hist.d_res_high                       1.00 
_refine_hist.d_res_low                        30.5 
# 
loop_
_refine_ls_restr.type 
_refine_ls_restr.dev_ideal 
_refine_ls_restr.dev_ideal_target 
_refine_ls_restr.weight 
_refine_ls_restr.number 
_refine_ls_restr.pdbx_refine_id 
_refine_ls_restr.pdbx_restraint_function 
s_bond_d               0.017 ? ? ? 'X-RAY DIFFRACTION' ? 
s_angle_d              0.029 ? ? ? 'X-RAY DIFFRACTION' ? 
s_similar_dist         0.014 ? ? ? 'X-RAY DIFFRACTION' ? 
s_from_restr_planes    0.091 ? ? ? 'X-RAY DIFFRACTION' ? 
s_zero_chiral_vol      0.099 ? ? ? 'X-RAY DIFFRACTION' ? 
s_non_zero_chiral_vol  ?     ? ? ? 'X-RAY DIFFRACTION' ? 
s_anti_bump_dis_restr  0.059 ? ? ? 'X-RAY DIFFRACTION' ? 
s_rigid_bond_adp_cmpnt 0.005 ? ? ? 'X-RAY DIFFRACTION' ? 
s_similar_adp_cmpnt    0.028 ? ? ? 'X-RAY DIFFRACTION' ? 
s_approx_iso_adps      0.119 ? ? ? 'X-RAY DIFFRACTION' ? 
# 
_pdbx_refine.pdbx_refine_id                              'X-RAY DIFFRACTION' 
_pdbx_refine.entry_id                                    1HH3 
_pdbx_refine.R_factor_all_no_cutoff                      0.1159 
_pdbx_refine.R_factor_obs_no_cutoff                      0.1148 
_pdbx_refine.free_R_factor_no_cutoff                     0.1478 
_pdbx_refine.free_R_error_no_cutoff                      ? 
_pdbx_refine.free_R_val_test_set_size_perc_no_cutoff     4.83 
_pdbx_refine.free_R_val_test_set_ct_no_cutoff            1535 
_pdbx_refine.R_factor_all_4sig_cutoff                    0.1064 
_pdbx_refine.R_factor_obs_4sig_cutoff                    0.1054 
_pdbx_refine.free_R_factor_4sig_cutoff                   0.1381 
_pdbx_refine.free_R_val_test_set_size_perc_4sig_cutoff   4.81 
_pdbx_refine.free_R_val_test_set_ct_4sig_cutoff          1335 
_pdbx_refine.number_reflns_obs_4sig_cutoff               27724 
# 
loop_
_struct_ncs_oper.id 
_struct_ncs_oper.code 
_struct_ncs_oper.details 
_struct_ncs_oper.matrix[1][1] 
_struct_ncs_oper.matrix[1][2] 
_struct_ncs_oper.matrix[1][3] 
_struct_ncs_oper.matrix[2][1] 
_struct_ncs_oper.matrix[2][2] 
_struct_ncs_oper.matrix[2][3] 
_struct_ncs_oper.matrix[3][1] 
_struct_ncs_oper.matrix[3][2] 
_struct_ncs_oper.matrix[3][3] 
_struct_ncs_oper.vector[1] 
_struct_ncs_oper.vector[2] 
_struct_ncs_oper.vector[3] 
1 given ? -0.38431990 0.91142050  -0.14702996 0.90718509  0.34330096  -0.24323715 -0.17121881 -0.22685876 -0.95876106 4.11338  -4.45793 -7.22541 
2 given ? 0.13331546  -0.13532616 0.98179150  -0.12750138 -0.98474268 -0.11842056 0.98284312  -0.10938967 -0.14853278 3.58468  -0.31547 2.80142  
3 given ? -0.35643665 -0.17076804 -0.91858199 -0.80787212 -0.43757241 0.39482732  -0.46936557 0.88281898  0.01800906  -2.48638 4.39622  8.13223 
# 
_struct.entry_id                  1HH3 
_struct.title                     'Decaplanin first P21-Form' 
_struct.pdbx_model_details        ? 
_struct.pdbx_CASP_flag            ? 
_struct.pdbx_model_type_details   ? 
# 
_struct_keywords.entry_id        1HH3 
_struct_keywords.pdbx_keywords   ANTIBIOTIC 
_struct_keywords.text            'ANTIBIOTIC, GLYCOPEPTIDE' 
# 
loop_
_struct_asym.id 
_struct_asym.pdbx_blank_PDB_chainid_flag 
_struct_asym.pdbx_modified 
_struct_asym.entity_id 
_struct_asym.details 
A N N 1 ? 
B N N 1 ? 
C N N 1 ? 
D N N 1 ? 
E N N 2 ? 
F N N 2 ? 
G N N 2 ? 
H N N 2 ? 
I N N 3 ? 
J N N 3 ? 
K N N 4 ? 
L N N 4 ? 
M N N 3 ? 
N N N 3 ? 
O N N 4 ? 
P N N 5 ? 
Q N N 5 ? 
R N N 5 ? 
S N N 5 ? 
# 
_struct_ref.id                         1 
_struct_ref.db_name                    NOR 
_struct_ref.db_code                    NOR00692 
_struct_ref.entity_id                  1 
_struct_ref.pdbx_seq_one_letter_code   ? 
_struct_ref.pdbx_align_begin           ? 
_struct_ref.pdbx_db_accession          NOR00692 
_struct_ref.pdbx_db_isoform            ? 
# 
loop_
_struct_ref_seq.align_id 
_struct_ref_seq.ref_id 
_struct_ref_seq.pdbx_PDB_id_code 
_struct_ref_seq.pdbx_strand_id 
_struct_ref_seq.seq_align_beg 
_struct_ref_seq.pdbx_seq_align_beg_ins_code 
_struct_ref_seq.seq_align_end 
_struct_ref_seq.pdbx_seq_align_end_ins_code 
_struct_ref_seq.pdbx_db_accession 
_struct_ref_seq.db_align_beg 
_struct_ref_seq.pdbx_db_align_beg_ins_code 
_struct_ref_seq.db_align_end 
_struct_ref_seq.pdbx_db_align_end_ins_code 
_struct_ref_seq.pdbx_auth_seq_align_beg 
_struct_ref_seq.pdbx_auth_seq_align_end 
1 1 1HH3 A 1 ? 7 ? NOR00692 1 ? 7 ? 1 7 
2 1 1HH3 B 1 ? 7 ? NOR00692 1 ? 7 ? 1 7 
3 1 1HH3 C 1 ? 7 ? NOR00692 1 ? 7 ? 1 7 
4 1 1HH3 D 1 ? 7 ? NOR00692 1 ? 7 ? 1 7 
# 
loop_
_pdbx_struct_assembly.id 
_pdbx_struct_assembly.details 
_pdbx_struct_assembly.method_details 
_pdbx_struct_assembly.oligomeric_details 
_pdbx_struct_assembly.oligomeric_count 
1 author_and_software_defined_assembly PISA dimeric 2 
2 author_and_software_defined_assembly PISA dimeric 2 
# 
loop_
_pdbx_struct_assembly_gen.assembly_id 
_pdbx_struct_assembly_gen.oper_expression 
_pdbx_struct_assembly_gen.asym_id_list 
1 1 A,B,E,F,I,J,K,L,P,Q 
2 1 C,D,G,H,M,N,O,R,S   
# 
_pdbx_struct_oper_list.id                   1 
_pdbx_struct_oper_list.type                 'identity operation' 
_pdbx_struct_oper_list.name                 1_555 
_pdbx_struct_oper_list.symmetry_operation   x,y,z 
_pdbx_struct_oper_list.matrix[1][1]         1.0000000000 
_pdbx_struct_oper_list.matrix[1][2]         0.0000000000 
_pdbx_struct_oper_list.matrix[1][3]         0.0000000000 
_pdbx_struct_oper_list.vector[1]            0.0000000000 
_pdbx_struct_oper_list.matrix[2][1]         0.0000000000 
_pdbx_struct_oper_list.matrix[2][2]         1.0000000000 
_pdbx_struct_oper_list.matrix[2][3]         0.0000000000 
_pdbx_struct_oper_list.vector[2]            0.0000000000 
_pdbx_struct_oper_list.matrix[3][1]         0.0000000000 
_pdbx_struct_oper_list.matrix[3][2]         0.0000000000 
_pdbx_struct_oper_list.matrix[3][3]         1.0000000000 
_pdbx_struct_oper_list.vector[3]            0.0000000000 
# 
_struct_biol.id   1 
# 
loop_
_struct_conn.id 
_struct_conn.conn_type_id 
_struct_conn.pdbx_leaving_atom_flag 
_struct_conn.pdbx_PDB_id 
_struct_conn.ptnr1_label_asym_id 
_struct_conn.ptnr1_label_comp_id 
_struct_conn.ptnr1_label_seq_id 
_struct_conn.ptnr1_label_atom_id 
_struct_conn.pdbx_ptnr1_label_alt_id 
_struct_conn.pdbx_ptnr1_PDB_ins_code 
_struct_conn.pdbx_ptnr1_standard_comp_id 
_struct_conn.ptnr1_symmetry 
_struct_conn.ptnr2_label_asym_id 
_struct_conn.ptnr2_label_comp_id 
_struct_conn.ptnr2_label_seq_id 
_struct_conn.ptnr2_label_atom_id 
_struct_conn.pdbx_ptnr2_label_alt_id 
_struct_conn.pdbx_ptnr2_PDB_ins_code 
_struct_conn.ptnr1_auth_asym_id 
_struct_conn.ptnr1_auth_comp_id 
_struct_conn.ptnr1_auth_seq_id 
_struct_conn.ptnr2_auth_asym_id 
_struct_conn.ptnr2_auth_comp_id 
_struct_conn.ptnr2_auth_seq_id 
_struct_conn.ptnr2_symmetry 
_struct_conn.pdbx_ptnr3_label_atom_id 
_struct_conn.pdbx_ptnr3_label_seq_id 
_struct_conn.pdbx_ptnr3_label_comp_id 
_struct_conn.pdbx_ptnr3_label_asym_id 
_struct_conn.pdbx_ptnr3_label_alt_id 
_struct_conn.pdbx_ptnr3_PDB_ins_code 
_struct_conn.details 
_struct_conn.pdbx_dist_value 
_struct_conn.pdbx_value_order 
_struct_conn.pdbx_role 
covale1  covale both ? A MLU 1 C  A ? ? 1_555 A OMZ 2 N   ? ? A MLU 1 A OMZ 2 1_555 ? ? ? ? ? ? ? 1.353 ? ? 
covale2  covale both ? A MLU 1 C  B ? ? 1_555 A OMZ 2 N   ? ? A MLU 1 A OMZ 2 1_555 ? ? ? ? ? ? ? 1.355 ? ? 
covale3  covale both ? A OMZ 2 C  ? ? ? 1_555 A ASN 3 N   ? ? A OMZ 2 A ASN 3 1_555 ? ? ? ? ? ? ? 1.322 ? ? 
covale4  covale none ? A OMZ 2 OH ? ? ? 1_555 A GHP 4 C5  ? ? A OMZ 2 A GHP 4 1_555 ? ? ? ? ? ? ? 1.391 ? ? 
covale5  covale both ? A ASN 3 C  ? ? ? 1_555 A GHP 4 N   ? ? A ASN 3 A GHP 4 1_555 ? ? ? ? ? ? ? 1.342 ? ? 
covale6  covale both ? A GHP 4 C  ? ? ? 1_555 A GHP 5 N   ? ? A GHP 4 A GHP 5 1_555 ? ? ? ? ? ? ? 1.338 ? ? 
covale7  covale none ? A GHP 4 C3 ? ? ? 1_555 A OMX 6 OH  ? ? A GHP 4 A OMX 6 1_555 ? ? ? ? ? ? ? 1.377 ? ? 
covale8  covale one  ? A GHP 4 O4 ? ? ? 1_555 E BGC . C1  ? ? A GHP 4 E BGC 1 1_555 ? ? ? ? ? ? ? 1.403 ? ? 
covale9  covale both ? A GHP 5 C  ? ? ? 1_555 A OMX 6 N   ? ? A GHP 5 A OMX 6 1_555 ? ? ? ? ? ? ? 1.347 ? ? 
covale10 covale one  ? A GHP 5 C3 ? ? ? 1_555 A 3FG 7 CG1 ? ? A GHP 5 A 3FG 7 1_555 ? ? ? ? ? ? ? 1.508 ? ? 
covale11 covale both ? A OMX 6 C  ? ? ? 1_555 A 3FG 7 N   ? ? A OMX 6 A 3FG 7 1_555 ? ? ? ? ? ? ? 1.330 ? ? 
covale12 covale one  ? A OMX 6 OC ? ? ? 1_555 I ERE . C1  ? ? A OMX 6 A ERE 8 1_555 ? ? ? ? ? ? ? 1.398 ? ? 
covale13 covale both ? B MLU 1 C  ? ? ? 1_555 B OMZ 2 N   ? ? B MLU 1 B OMZ 2 1_555 ? ? ? ? ? ? ? 1.335 ? ? 
covale14 covale both ? B OMZ 2 C  ? ? ? 1_555 B ASN 3 N   ? ? B OMZ 2 B ASN 3 1_555 ? ? ? ? ? ? ? 1.336 ? ? 
covale15 covale none ? B OMZ 2 OH ? ? ? 1_555 B GHP 4 C5  ? ? B OMZ 2 B GHP 4 1_555 ? ? ? ? ? ? ? 1.396 ? ? 
covale16 covale both ? B ASN 3 C  ? ? ? 1_555 B GHP 4 N   ? ? B ASN 3 B GHP 4 1_555 ? ? ? ? ? ? ? 1.325 ? ? 
covale17 covale both ? B GHP 4 C  ? ? ? 1_555 B GHP 5 N   ? ? B GHP 4 B GHP 5 1_555 ? ? ? ? ? ? ? 1.347 ? ? 
covale18 covale none ? B GHP 4 C3 ? ? ? 1_555 B OMX 6 OH  ? ? B GHP 4 B OMX 6 1_555 ? ? ? ? ? ? ? 1.392 ? ? 
covale19 covale one  ? B GHP 4 O4 ? ? ? 1_555 F BGC . C1  ? ? B GHP 4 F BGC 1 1_555 ? ? ? ? ? ? ? 1.414 ? ? 
covale20 covale both ? B GHP 5 C  ? ? ? 1_555 B OMX 6 N   ? ? B GHP 5 B OMX 6 1_555 ? ? ? ? ? ? ? 1.335 ? ? 
covale21 covale one  ? B GHP 5 C3 ? ? ? 1_555 B 3FG 7 CG1 ? ? B GHP 5 B 3FG 7 1_555 ? ? ? ? ? ? ? 1.502 ? ? 
covale22 covale both ? B OMX 6 C  ? ? ? 1_555 B 3FG 7 N   ? ? B OMX 6 B 3FG 7 1_555 ? ? ? ? ? ? ? 1.337 ? ? 
covale23 covale one  ? B OMX 6 OC ? ? ? 1_555 J ERE . C1  ? ? B OMX 6 B ERE 8 1_555 ? ? ? ? ? ? ? 1.392 ? ? 
covale24 covale both ? C MLU 1 C  ? ? ? 1_555 C OMZ 2 N   ? ? C MLU 1 C OMZ 2 1_555 ? ? ? ? ? ? ? 1.340 ? ? 
covale25 covale both ? C OMZ 2 C  ? ? ? 1_555 C ASN 3 N   ? ? C OMZ 2 C ASN 3 1_555 ? ? ? ? ? ? ? 1.336 ? ? 
covale26 covale none ? C OMZ 2 OH ? ? ? 1_555 C GHP 4 C5  ? ? C OMZ 2 C GHP 4 1_555 ? ? ? ? ? ? ? 1.396 ? ? 
covale27 covale both ? C ASN 3 C  ? ? ? 1_555 C GHP 4 N   ? ? C ASN 3 C GHP 4 1_555 ? ? ? ? ? ? ? 1.336 ? ? 
covale28 covale both ? C GHP 4 C  ? ? ? 1_555 C GHP 5 N   ? ? C GHP 4 C GHP 5 1_555 ? ? ? ? ? ? ? 1.346 ? ? 
covale29 covale none ? C GHP 4 C3 ? ? ? 1_555 C OMX 6 OH  ? ? C GHP 4 C OMX 6 1_555 ? ? ? ? ? ? ? 1.385 ? ? 
covale30 covale one  ? C GHP 4 O4 ? ? ? 1_555 G BGC . C1  ? ? C GHP 4 G BGC 1 1_555 ? ? ? ? ? ? ? 1.432 ? ? 
covale31 covale both ? C GHP 5 C  ? ? ? 1_555 C OMX 6 N   ? ? C GHP 5 C OMX 6 1_555 ? ? ? ? ? ? ? 1.345 ? ? 
covale32 covale one  ? C GHP 5 C3 ? ? ? 1_555 C 3FG 7 CG1 ? ? C GHP 5 C 3FG 7 1_555 ? ? ? ? ? ? ? 1.513 ? ? 
covale33 covale both ? C OMX 6 C  ? ? ? 1_555 C 3FG 7 N   ? ? C OMX 6 C 3FG 7 1_555 ? ? ? ? ? ? ? 1.328 ? ? 
covale34 covale one  ? C OMX 6 OC ? ? ? 1_555 M ERE . C1  ? ? C OMX 6 C ERE 8 1_555 ? ? ? ? ? ? ? 1.402 ? ? 
covale35 covale both ? D MLU 1 C  ? ? ? 1_555 D OMZ 2 N   ? ? D MLU 1 D OMZ 2 1_555 ? ? ? ? ? ? ? 1.343 ? ? 
covale36 covale both ? D OMZ 2 C  ? ? ? 1_555 D ASN 3 N   ? ? D OMZ 2 D ASN 3 1_555 ? ? ? ? ? ? ? 1.301 ? ? 
covale37 covale none ? D OMZ 2 OH ? ? ? 1_555 D GHP 4 C5  ? ? D OMZ 2 D GHP 4 1_555 ? ? ? ? ? ? ? 1.388 ? ? 
covale38 covale both ? D ASN 3 C  ? ? ? 1_555 D GHP 4 N   ? ? D ASN 3 D GHP 4 1_555 ? ? ? ? ? ? ? 1.321 ? ? 
covale39 covale both ? D GHP 4 C  ? ? ? 1_555 D GHP 5 N   ? ? D GHP 4 D GHP 5 1_555 ? ? ? ? ? ? ? 1.345 ? ? 
covale40 covale none ? D GHP 4 C3 ? ? ? 1_555 D OMX 6 OH  ? ? D GHP 4 D OMX 6 1_555 ? ? ? ? ? ? ? 1.379 ? ? 
covale41 covale one  ? D GHP 4 O4 ? ? ? 1_555 H BGC . C1  ? ? D GHP 4 H BGC 1 1_555 ? ? ? ? ? ? ? 1.426 ? ? 
covale42 covale both ? D GHP 5 C  ? ? ? 1_555 D OMX 6 N   ? ? D GHP 5 D OMX 6 1_555 ? ? ? ? ? ? ? 1.330 ? ? 
covale43 covale one  ? D GHP 5 C3 ? ? ? 1_555 D 3FG 7 CG1 ? ? D GHP 5 D 3FG 7 1_555 ? ? ? ? ? ? ? 1.498 ? ? 
covale44 covale both ? D OMX 6 C  ? ? ? 1_555 D 3FG 7 N   ? ? D OMX 6 D 3FG 7 1_555 ? ? ? ? ? ? ? 1.326 ? ? 
covale45 covale one  ? D OMX 6 OC ? ? ? 1_555 N ERE . C1  ? ? D OMX 6 D ERE 8 1_555 ? ? ? ? ? ? ? 1.396 ? ? 
covale46 covale both ? E BGC . O2 ? ? ? 1_555 E RAM . C1  ? ? E BGC 1 E RAM 2 1_555 ? ? ? ? ? ? ? 1.395 ? ? 
covale47 covale both ? F BGC . O2 ? ? ? 1_555 F RAM . C1  ? ? F BGC 1 F RAM 2 1_555 ? ? ? ? ? ? ? 1.437 ? ? 
covale48 covale both ? G BGC . O2 ? ? ? 1_555 G RAM . C1  ? ? G BGC 1 G RAM 2 1_555 ? ? ? ? ? ? ? 1.438 ? ? 
covale49 covale both ? H BGC . O2 ? ? ? 1_555 H RAM . C1  ? ? H BGC 1 H RAM 2 1_555 ? ? ? ? ? ? ? 1.454 ? ? 
# 
_struct_conn_type.id          covale 
_struct_conn_type.criteria    ? 
_struct_conn_type.reference   ? 
# 
loop_
_pdbx_modification_feature.ordinal 
_pdbx_modification_feature.label_comp_id 
_pdbx_modification_feature.label_asym_id 
_pdbx_modification_feature.label_seq_id 
_pdbx_modification_feature.label_alt_id 
_pdbx_modification_feature.modified_residue_label_comp_id 
_pdbx_modification_feature.modified_residue_label_asym_id 
_pdbx_modification_feature.modified_residue_label_seq_id 
_pdbx_modification_feature.modified_residue_label_alt_id 
_pdbx_modification_feature.auth_comp_id 
_pdbx_modification_feature.auth_asym_id 
_pdbx_modification_feature.auth_seq_id 
_pdbx_modification_feature.PDB_ins_code 
_pdbx_modification_feature.symmetry 
_pdbx_modification_feature.modified_residue_auth_comp_id 
_pdbx_modification_feature.modified_residue_auth_asym_id 
_pdbx_modification_feature.modified_residue_auth_seq_id 
_pdbx_modification_feature.modified_residue_PDB_ins_code 
_pdbx_modification_feature.modified_residue_symmetry 
_pdbx_modification_feature.comp_id_linking_atom 
_pdbx_modification_feature.modified_residue_id_linking_atom 
_pdbx_modification_feature.modified_residue_id 
_pdbx_modification_feature.ref_pcm_id 
_pdbx_modification_feature.ref_comp_id 
_pdbx_modification_feature.type 
_pdbx_modification_feature.category 
1  MLU A 1 A .   . . . MLU A 1 ? 1_555 .   . . . .     .  .   DLE 1 MLU Methylation   'Named protein modification' 
2  MLU A 1 B .   . . . MLU A 1 ? 1_555 .   . . . .     .  .   DLE 1 MLU Methylation   'Named protein modification' 
3  OMZ A 2 ? .   . . . OMZ A 2 ? 1_555 .   . . . .     .  .   DTY 1 OMZ Chlorination  'Named protein modification' 
4  OMZ A 2 ? .   . . . OMZ A 2 ? 1_555 .   . . . .     .  .   DTY 2 OMZ Hydroxylation 'Named protein modification' 
5  OMX A 6 ? .   . . . OMX A 6 ? 1_555 .   . . . .     .  .   TYR 1 OMX Hydroxylation 'Named protein modification' 
6  MLU B 1 ? .   . . . MLU B 1 ? 1_555 .   . . . .     .  .   DLE 1 MLU Methylation   'Named protein modification' 
7  OMZ B 2 ? .   . . . OMZ B 2 ? 1_555 .   . . . .     .  .   DTY 1 OMZ Chlorination  'Named protein modification' 
8  OMZ B 2 ? .   . . . OMZ B 2 ? 1_555 .   . . . .     .  .   DTY 2 OMZ Hydroxylation 'Named protein modification' 
9  OMX B 6 ? .   . . . OMX B 6 ? 1_555 .   . . . .     .  .   TYR 1 OMX Hydroxylation 'Named protein modification' 
10 MLU C 1 ? .   . . . MLU C 1 ? 1_555 .   . . . .     .  .   DLE 1 MLU Methylation   'Named protein modification' 
11 OMZ C 2 ? .   . . . OMZ C 2 ? 1_555 .   . . . .     .  .   DTY 1 OMZ Chlorination  'Named protein modification' 
12 OMZ C 2 ? .   . . . OMZ C 2 ? 1_555 .   . . . .     .  .   DTY 2 OMZ Hydroxylation 'Named protein modification' 
13 OMX C 6 ? .   . . . OMX C 6 ? 1_555 .   . . . .     .  .   TYR 1 OMX Hydroxylation 'Named protein modification' 
14 MLU D 1 ? .   . . . MLU D 1 ? 1_555 .   . . . .     .  .   DLE 1 MLU Methylation   'Named protein modification' 
15 OMZ D 2 ? .   . . . OMZ D 2 ? 1_555 .   . . . .     .  .   DTY 1 OMZ Chlorination  'Named protein modification' 
16 OMZ D 2 ? .   . . . OMZ D 2 ? 1_555 .   . . . .     .  .   DTY 2 OMZ Hydroxylation 'Named protein modification' 
17 OMX D 6 ? .   . . . OMX D 6 ? 1_555 .   . . . .     .  .   TYR 1 OMX Hydroxylation 'Named protein modification' 
18 GHP A 4 ? .   . . . GHP A 4 ? 1_555 .   . . . .     .  .   ?   1 GHP None          'Non-standard residue'       
19 GHP A 5 ? .   . . . GHP A 5 ? 1_555 .   . . . .     .  .   ?   1 GHP None          'Non-standard residue'       
20 3FG A 7 ? .   . . . 3FG A 7 ? 1_555 .   . . . .     .  .   ?   1 3FG None          'Non-standard residue'       
21 GHP B 4 ? .   . . . GHP B 4 ? 1_555 .   . . . .     .  .   ?   1 GHP None          'Non-standard residue'       
22 GHP B 5 ? .   . . . GHP B 5 ? 1_555 .   . . . .     .  .   ?   1 GHP None          'Non-standard residue'       
23 3FG B 7 ? .   . . . 3FG B 7 ? 1_555 .   . . . .     .  .   ?   1 3FG None          'Non-standard residue'       
24 GHP C 4 ? .   . . . GHP C 4 ? 1_555 .   . . . .     .  .   ?   1 GHP None          'Non-standard residue'       
25 GHP C 5 ? .   . . . GHP C 5 ? 1_555 .   . . . .     .  .   ?   1 GHP None          'Non-standard residue'       
26 3FG C 7 ? .   . . . 3FG C 7 ? 1_555 .   . . . .     .  .   ?   1 3FG None          'Non-standard residue'       
27 GHP D 4 ? .   . . . GHP D 4 ? 1_555 .   . . . .     .  .   ?   1 GHP None          'Non-standard residue'       
28 GHP D 5 ? .   . . . GHP D 5 ? 1_555 .   . . . .     .  .   ?   1 GHP None          'Non-standard residue'       
29 3FG D 7 ? .   . . . 3FG D 7 ? 1_555 .   . . . .     .  .   ?   1 3FG None          'Non-standard residue'       
30 BGC E . ? GHP A 4 ? BGC E 1 ? 1_555 GHP A 4 ? 1_555 C1 O4  GHP 6 BGC None          Carbohydrate                 
31 BGC F . ? GHP B 4 ? BGC F 1 ? 1_555 GHP B 4 ? 1_555 C1 O4  GHP 6 BGC None          Carbohydrate                 
32 BGC G . ? GHP C 4 ? BGC G 1 ? 1_555 GHP C 4 ? 1_555 C1 O4  GHP 6 BGC None          Carbohydrate                 
33 BGC H . ? GHP D 4 ? BGC H 1 ? 1_555 GHP D 4 ? 1_555 C1 O4  GHP 6 BGC None          Carbohydrate                 
34 ERE I . ? OMX A 6 ? ERE A 8 ? 1_555 OMX A 6 ? 1_555 C1 OC  OMX 1 ERE None          Carbohydrate                 
35 ERE J . ? OMX B 6 ? ERE B 8 ? 1_555 OMX B 6 ? 1_555 C1 OC  OMX 1 ERE None          Carbohydrate                 
36 ERE M . ? OMX C 6 ? ERE C 8 ? 1_555 OMX C 6 ? 1_555 C1 OC  OMX 1 ERE None          Carbohydrate                 
37 ERE N . ? OMX D 6 ? ERE D 8 ? 1_555 OMX D 6 ? 1_555 C1 OC  OMX 1 ERE None          Carbohydrate                 
38 OMZ A 2 ? GHP A 4 ? OMZ A 2 ? 1_555 GHP A 4 ? 1_555 OH C5  .   . .   None          'Non-standard linkage'       
39 GHP A 4 ? OMX A 6 ? GHP A 4 ? 1_555 OMX A 6 ? 1_555 C3 OH  .   . .   None          'Non-standard linkage'       
40 GHP A 5 ? 3FG A 7 ? GHP A 5 ? 1_555 3FG A 7 ? 1_555 C3 CG1 .   . .   None          'Non-standard linkage'       
41 OMZ B 2 ? GHP B 4 ? OMZ B 2 ? 1_555 GHP B 4 ? 1_555 OH C5  .   . .   None          'Non-standard linkage'       
42 GHP B 4 ? OMX B 6 ? GHP B 4 ? 1_555 OMX B 6 ? 1_555 C3 OH  .   . .   None          'Non-standard linkage'       
43 GHP B 5 ? 3FG B 7 ? GHP B 5 ? 1_555 3FG B 7 ? 1_555 C3 CG1 .   . .   None          'Non-standard linkage'       
44 OMZ C 2 ? GHP C 4 ? OMZ C 2 ? 1_555 GHP C 4 ? 1_555 OH C5  .   . .   None          'Non-standard linkage'       
45 GHP C 4 ? OMX C 6 ? GHP C 4 ? 1_555 OMX C 6 ? 1_555 C3 OH  .   . .   None          'Non-standard linkage'       
46 GHP C 5 ? 3FG C 7 ? GHP C 5 ? 1_555 3FG C 7 ? 1_555 C3 CG1 .   . .   None          'Non-standard linkage'       
47 OMZ D 2 ? GHP D 4 ? OMZ D 2 ? 1_555 GHP D 4 ? 1_555 OH C5  .   . .   None          'Non-standard linkage'       
48 GHP D 4 ? OMX D 6 ? GHP D 4 ? 1_555 OMX D 6 ? 1_555 C3 OH  .   . .   None          'Non-standard linkage'       
49 GHP D 5 ? 3FG D 7 ? GHP D 5 ? 1_555 3FG D 7 ? 1_555 C3 CG1 .   . .   None          'Non-standard linkage'       
# 
loop_
_struct_mon_prot_cis.pdbx_id 
_struct_mon_prot_cis.label_comp_id 
_struct_mon_prot_cis.label_seq_id 
_struct_mon_prot_cis.label_asym_id 
_struct_mon_prot_cis.label_alt_id 
_struct_mon_prot_cis.pdbx_PDB_ins_code 
_struct_mon_prot_cis.auth_comp_id 
_struct_mon_prot_cis.auth_seq_id 
_struct_mon_prot_cis.auth_asym_id 
_struct_mon_prot_cis.pdbx_label_comp_id_2 
_struct_mon_prot_cis.pdbx_label_seq_id_2 
_struct_mon_prot_cis.pdbx_label_asym_id_2 
_struct_mon_prot_cis.pdbx_PDB_ins_code_2 
_struct_mon_prot_cis.pdbx_auth_comp_id_2 
_struct_mon_prot_cis.pdbx_auth_seq_id_2 
_struct_mon_prot_cis.pdbx_auth_asym_id_2 
_struct_mon_prot_cis.pdbx_PDB_model_num 
_struct_mon_prot_cis.pdbx_omega_angle 
1 GHP 5 A . ? GHP 5 A OMX 6 A ? OMX 6 A 1 13.03 
2 GHP 5 B . ? GHP 5 B OMX 6 B ? OMX 6 B 1 9.71  
3 GHP 5 C . ? GHP 5 C OMX 6 C ? OMX 6 C 1 3.72  
4 GHP 5 D . ? GHP 5 D OMX 6 D ? OMX 6 D 1 4.47  
# 
_pdbx_entry_details.entry_id                   1HH3 
_pdbx_entry_details.compound_details           
;DECAPLANIN IS A TRICYCLIC GLYCOPEPTIDE.
HERE, DECAPLSNIN IS REPRESENTED BY GROUPING TOGETHER THE
SEQUENCE (SEQRES) AND THE THREE LIGANDS (HET) BGC, ERE AND RAM.

 GROUP: 1
  NAME: DECAPLANIN
  CHAIN: A, B, C, D
  COMPONENT_1: PEPTIDE LIKE SEQUENCE RESIDUES 1 TO 7
  COMPONENT_2: SUGAR RESIDUES 8, 9 AND 10
  DESCRIPTION: DECAPLANIN IS A TRICYCLIC GLYCOPEPTIDE.
               THE SCAFFOLD IS A HEPTAPEPTIDE WITH THE
               CONFIGURATION D-D-L-D-D-L-L, GLYCOSYLATED
;
_pdbx_entry_details.source_details             ? 
_pdbx_entry_details.nonpolymer_details         ? 
_pdbx_entry_details.sequence_details           ? 
_pdbx_entry_details.has_ligand_of_interest     ? 
_pdbx_entry_details.has_protein_modification   Y 
# 
_pdbx_validate_close_contact.id               1 
_pdbx_validate_close_contact.PDB_model_num    1 
_pdbx_validate_close_contact.auth_atom_id_1   O 
_pdbx_validate_close_contact.auth_asym_id_1   C 
_pdbx_validate_close_contact.auth_comp_id_1   HOH 
_pdbx_validate_close_contact.auth_seq_id_1    2009 
_pdbx_validate_close_contact.PDB_ins_code_1   ? 
_pdbx_validate_close_contact.label_alt_id_1   ? 
_pdbx_validate_close_contact.auth_atom_id_2   O 
_pdbx_validate_close_contact.auth_asym_id_2   C 
_pdbx_validate_close_contact.auth_comp_id_2   HOH 
_pdbx_validate_close_contact.auth_seq_id_2    2010 
_pdbx_validate_close_contact.PDB_ins_code_2   ? 
_pdbx_validate_close_contact.label_alt_id_2   ? 
_pdbx_validate_close_contact.dist             2.16 
# 
_pdbx_molecule_features.prd_id    PRD_000207 
_pdbx_molecule_features.name      Decaplanin 
_pdbx_molecule_features.type      Glycopeptide 
_pdbx_molecule_features.class     Antibiotic 
_pdbx_molecule_features.details   
;DECAPLANIN IS A TRICYCLIC GLYCOPEPTIDE.
 THE SCAFFOLD IS A HEPTAPEPTIDE WITH THE
 CONFIGURATION D-D-L-D-D-L-L, GLYCOSYLATED
;
# 
loop_
_pdbx_molecule.instance_id 
_pdbx_molecule.prd_id 
_pdbx_molecule.asym_id 
1 PRD_000207 A 
1 PRD_000207 E 
1 PRD_000207 I 
2 PRD_000207 B 
2 PRD_000207 F 
2 PRD_000207 J 
3 PRD_000207 C 
3 PRD_000207 G 
3 PRD_000207 M 
4 PRD_000207 D 
4 PRD_000207 H 
4 PRD_000207 N 
# 
loop_
_pdbx_struct_mod_residue.id 
_pdbx_struct_mod_residue.label_asym_id 
_pdbx_struct_mod_residue.label_comp_id 
_pdbx_struct_mod_residue.label_seq_id 
_pdbx_struct_mod_residue.auth_asym_id 
_pdbx_struct_mod_residue.auth_comp_id 
_pdbx_struct_mod_residue.auth_seq_id 
_pdbx_struct_mod_residue.PDB_ins_code 
_pdbx_struct_mod_residue.parent_comp_id 
_pdbx_struct_mod_residue.details 
1 A OMX 6 A OMX 6 ? TYR '(BETAR)-BETA-HYDROXY-L-TYROSINE' 
2 B OMX 6 B OMX 6 ? TYR '(BETAR)-BETA-HYDROXY-L-TYROSINE' 
3 C OMX 6 C OMX 6 ? TYR '(BETAR)-BETA-HYDROXY-L-TYROSINE' 
4 D OMX 6 D OMX 6 ? TYR '(BETAR)-BETA-HYDROXY-L-TYROSINE' 
# 
loop_
_pdbx_distant_solvent_atoms.id 
_pdbx_distant_solvent_atoms.PDB_model_num 
_pdbx_distant_solvent_atoms.auth_atom_id 
_pdbx_distant_solvent_atoms.label_alt_id 
_pdbx_distant_solvent_atoms.auth_asym_id 
_pdbx_distant_solvent_atoms.auth_comp_id 
_pdbx_distant_solvent_atoms.auth_seq_id 
_pdbx_distant_solvent_atoms.PDB_ins_code 
_pdbx_distant_solvent_atoms.neighbor_macromolecule_distance 
_pdbx_distant_solvent_atoms.neighbor_ligand_distance 
1 1 O ? A HOH 2021 ? .    6.83 
2 1 O ? B HOH 2019 ? 6.35 .    
# 
loop_
_chem_comp_atom.comp_id 
_chem_comp_atom.atom_id 
_chem_comp_atom.type_symbol 
_chem_comp_atom.pdbx_aromatic_flag 
_chem_comp_atom.pdbx_stereo_config 
_chem_comp_atom.pdbx_ordinal 
3FG N    N  N N 1   
3FG OD1  O  N N 2   
3FG CD1  C  Y N 3   
3FG CG1  C  Y N 4   
3FG CZ   C  Y N 5   
3FG CD2  C  Y N 6   
3FG OD2  O  N N 7   
3FG CG2  C  Y N 8   
3FG CB   C  Y N 9   
3FG CA   C  N S 10  
3FG C    C  N N 11  
3FG O    O  N N 12  
3FG OXT  O  N N 13  
3FG H    H  N N 14  
3FG H2   H  N N 15  
3FG HA   H  N N 16  
3FG HD1  H  N N 17  
3FG HG1  H  N N 18  
3FG HZ   H  N N 19  
3FG HD2  H  N N 20  
3FG HG2  H  N N 21  
3FG HXT  H  N N 22  
ASN N    N  N N 23  
ASN CA   C  N S 24  
ASN C    C  N N 25  
ASN O    O  N N 26  
ASN CB   C  N N 27  
ASN CG   C  N N 28  
ASN OD1  O  N N 29  
ASN ND2  N  N N 30  
ASN OXT  O  N N 31  
ASN H    H  N N 32  
ASN H2   H  N N 33  
ASN HA   H  N N 34  
ASN HB2  H  N N 35  
ASN HB3  H  N N 36  
ASN HD21 H  N N 37  
ASN HD22 H  N N 38  
ASN HXT  H  N N 39  
BGC C2   C  N R 40  
BGC C3   C  N S 41  
BGC C4   C  N S 42  
BGC C5   C  N R 43  
BGC C6   C  N N 44  
BGC C1   C  N R 45  
BGC O1   O  N N 46  
BGC O2   O  N N 47  
BGC O3   O  N N 48  
BGC O4   O  N N 49  
BGC O5   O  N N 50  
BGC O6   O  N N 51  
BGC H2   H  N N 52  
BGC H3   H  N N 53  
BGC H4   H  N N 54  
BGC H5   H  N N 55  
BGC H61  H  N N 56  
BGC H62  H  N N 57  
BGC H1   H  N N 58  
BGC HO1  H  N N 59  
BGC HO2  H  N N 60  
BGC HO3  H  N N 61  
BGC HO4  H  N N 62  
BGC HO6  H  N N 63  
ERE C1   C  N R 64  
ERE C2   C  N N 65  
ERE C3   C  N S 66  
ERE C4   C  N R 67  
ERE C5   C  N S 68  
ERE O5   O  N N 69  
ERE C3A  C  N N 70  
ERE N3   N  N N 71  
ERE O4   O  N N 72  
ERE C5A  C  N N 73  
ERE O1   O  N N 74  
ERE H1   H  N N 75  
ERE H21  H  N N 76  
ERE H22  H  N N 77  
ERE HO1  H  N N 78  
ERE H4   H  N N 79  
ERE H31  H  N N 80  
ERE H32  H  N N 81  
ERE H33  H  N N 82  
ERE HN31 H  N N 83  
ERE HN32 H  N N 84  
ERE H5   H  N N 85  
ERE HO4  H  N N 86  
ERE H51  H  N N 87  
ERE H52  H  N N 88  
ERE H53  H  N N 89  
GHP N    N  N N 90  
GHP CA   C  N R 91  
GHP C    C  N N 92  
GHP O    O  N N 93  
GHP OXT  O  N N 94  
GHP C1   C  Y N 95  
GHP C2   C  Y N 96  
GHP C3   C  Y N 97  
GHP C4   C  Y N 98  
GHP O4   O  N N 99  
GHP C5   C  Y N 100 
GHP C6   C  Y N 101 
GHP H    H  N N 102 
GHP H2   H  N N 103 
GHP HA   H  N N 104 
GHP HXT  H  N N 105 
GHP HC2  H  N N 106 
GHP H3   H  N N 107 
GHP HO4  H  N N 108 
GHP H5   H  N N 109 
GHP H6   H  N N 110 
GOL C1   C  N N 111 
GOL O1   O  N N 112 
GOL C2   C  N N 113 
GOL O2   O  N N 114 
GOL C3   C  N N 115 
GOL O3   O  N N 116 
GOL H11  H  N N 117 
GOL H12  H  N N 118 
GOL HO1  H  N N 119 
GOL H2   H  N N 120 
GOL HO2  H  N N 121 
GOL H31  H  N N 122 
GOL H32  H  N N 123 
GOL HO3  H  N N 124 
HOH O    O  N N 125 
HOH H1   H  N N 126 
HOH H2   H  N N 127 
MLU N    N  N N 128 
MLU CN   C  N N 129 
MLU CA   C  N R 130 
MLU C    C  N N 131 
MLU O    O  N N 132 
MLU CB   C  N N 133 
MLU CG   C  N N 134 
MLU CD1  C  N N 135 
MLU CD2  C  N N 136 
MLU OXT  O  N N 137 
MLU H    H  N N 138 
MLU HCN1 H  N N 139 
MLU HCN2 H  N N 140 
MLU HCN3 H  N N 141 
MLU HA   H  N N 142 
MLU HB2  H  N N 143 
MLU HB3  H  N N 144 
MLU HXT  H  N N 145 
MLU HG   H  N N 146 
MLU HD11 H  N N 147 
MLU HD12 H  N N 148 
MLU HD13 H  N N 149 
MLU HD21 H  N N 150 
MLU HD22 H  N N 151 
MLU HD23 H  N N 152 
OMX N    N  N N 153 
OMX CA   C  N S 154 
OMX C    C  N N 155 
OMX O    O  N N 156 
OMX CB   C  N R 157 
OMX OC   O  N N 158 
OMX CG   C  Y N 159 
OMX CD1  C  Y N 160 
OMX CD2  C  Y N 161 
OMX CE1  C  Y N 162 
OMX CE2  C  Y N 163 
OMX CZ   C  Y N 164 
OMX OH   O  N N 165 
OMX OXT  O  N N 166 
OMX H    H  N N 167 
OMX H2   H  N N 168 
OMX HA   H  N N 169 
OMX HB   H  N N 170 
OMX HXT  H  N N 171 
OMX HC   H  N N 172 
OMX HD1  H  N N 173 
OMX HD2  H  N N 174 
OMX HE1  H  N N 175 
OMX HE2  H  N N 176 
OMX HH   H  N N 177 
OMZ N    N  N N 178 
OMZ CA   C  N R 179 
OMZ C    C  N N 180 
OMZ O    O  N N 181 
OMZ OXT  O  N N 182 
OMZ CB   C  N R 183 
OMZ OC   O  N N 184 
OMZ CG   C  Y N 185 
OMZ CD1  C  Y N 186 
OMZ CD2  C  Y N 187 
OMZ CE1  C  Y N 188 
OMZ CL   CL N N 189 
OMZ CE2  C  Y N 190 
OMZ CZ   C  Y N 191 
OMZ OH   O  N N 192 
OMZ H    H  N N 193 
OMZ H2   H  N N 194 
OMZ HA   H  N N 195 
OMZ HB   H  N N 196 
OMZ HXT  H  N N 197 
OMZ HC   H  N N 198 
OMZ HD1  H  N N 199 
OMZ HD2  H  N N 200 
OMZ HE2  H  N N 201 
OMZ HH   H  N N 202 
RAM C1   C  N R 203 
RAM C2   C  N R 204 
RAM C3   C  N R 205 
RAM C4   C  N R 206 
RAM C5   C  N S 207 
RAM C6   C  N N 208 
RAM O1   O  N N 209 
RAM O2   O  N N 210 
RAM O3   O  N N 211 
RAM O4   O  N N 212 
RAM O5   O  N N 213 
RAM H1   H  N N 214 
RAM H2   H  N N 215 
RAM H3   H  N N 216 
RAM H4   H  N N 217 
RAM H5   H  N N 218 
RAM H61  H  N N 219 
RAM H62  H  N N 220 
RAM H63  H  N N 221 
RAM HO1  H  N N 222 
RAM HO2  H  N N 223 
RAM HO3  H  N N 224 
RAM HO4  H  N N 225 
# 
loop_
_chem_comp_bond.comp_id 
_chem_comp_bond.atom_id_1 
_chem_comp_bond.atom_id_2 
_chem_comp_bond.value_order 
_chem_comp_bond.pdbx_aromatic_flag 
_chem_comp_bond.pdbx_stereo_config 
_chem_comp_bond.pdbx_ordinal 
3FG N   CA   sing N N 1   
3FG OD1 CD1  sing N N 2   
3FG CD1 CG1  sing Y N 3   
3FG CD1 CZ   doub Y N 4   
3FG CG1 CB   doub Y N 5   
3FG CZ  CD2  sing Y N 6   
3FG CD2 OD2  sing N N 7   
3FG CD2 CG2  doub Y N 8   
3FG CG2 CB   sing Y N 9   
3FG CB  CA   sing N N 10  
3FG CA  C    sing N N 11  
3FG C   O    doub N N 12  
3FG C   OXT  sing N N 13  
3FG N   H    sing N N 14  
3FG N   H2   sing N N 15  
3FG CA  HA   sing N N 16  
3FG OD1 HD1  sing N N 17  
3FG CG1 HG1  sing N N 18  
3FG CZ  HZ   sing N N 19  
3FG OD2 HD2  sing N N 20  
3FG CG2 HG2  sing N N 21  
3FG OXT HXT  sing N N 22  
ASN N   CA   sing N N 23  
ASN N   H    sing N N 24  
ASN N   H2   sing N N 25  
ASN CA  C    sing N N 26  
ASN CA  CB   sing N N 27  
ASN CA  HA   sing N N 28  
ASN C   O    doub N N 29  
ASN C   OXT  sing N N 30  
ASN CB  CG   sing N N 31  
ASN CB  HB2  sing N N 32  
ASN CB  HB3  sing N N 33  
ASN CG  OD1  doub N N 34  
ASN CG  ND2  sing N N 35  
ASN ND2 HD21 sing N N 36  
ASN ND2 HD22 sing N N 37  
ASN OXT HXT  sing N N 38  
BGC C2  C3   sing N N 39  
BGC C2  C1   sing N N 40  
BGC C2  O2   sing N N 41  
BGC C2  H2   sing N N 42  
BGC C3  C4   sing N N 43  
BGC C3  O3   sing N N 44  
BGC C3  H3   sing N N 45  
BGC C4  C5   sing N N 46  
BGC C4  O4   sing N N 47  
BGC C4  H4   sing N N 48  
BGC C5  C6   sing N N 49  
BGC C5  O5   sing N N 50  
BGC C5  H5   sing N N 51  
BGC C6  O6   sing N N 52  
BGC C6  H61  sing N N 53  
BGC C6  H62  sing N N 54  
BGC C1  O1   sing N N 55  
BGC C1  O5   sing N N 56  
BGC C1  H1   sing N N 57  
BGC O1  HO1  sing N N 58  
BGC O2  HO2  sing N N 59  
BGC O3  HO3  sing N N 60  
BGC O4  HO4  sing N N 61  
BGC O6  HO6  sing N N 62  
ERE C1  C2   sing N N 63  
ERE C1  O5   sing N N 64  
ERE C1  O1   sing N N 65  
ERE C2  C3   sing N N 66  
ERE C3  C4   sing N N 67  
ERE C3  C3A  sing N N 68  
ERE C3  N3   sing N N 69  
ERE C4  C5   sing N N 70  
ERE C4  O4   sing N N 71  
ERE C5  O5   sing N N 72  
ERE C5  C5A  sing N N 73  
ERE C1  H1   sing N N 74  
ERE C2  H21  sing N N 75  
ERE C2  H22  sing N N 76  
ERE O1  HO1  sing N N 77  
ERE C4  H4   sing N N 78  
ERE C3A H31  sing N N 79  
ERE C3A H32  sing N N 80  
ERE C3A H33  sing N N 81  
ERE N3  HN31 sing N N 82  
ERE N3  HN32 sing N N 83  
ERE C5  H5   sing N N 84  
ERE O4  HO4  sing N N 85  
ERE C5A H51  sing N N 86  
ERE C5A H52  sing N N 87  
ERE C5A H53  sing N N 88  
GHP N   CA   sing N N 89  
GHP N   H    sing N N 90  
GHP N   H2   sing N N 91  
GHP CA  C    sing N N 92  
GHP CA  C1   sing N N 93  
GHP CA  HA   sing N N 94  
GHP C   O    doub N N 95  
GHP C   OXT  sing N N 96  
GHP OXT HXT  sing N N 97  
GHP C1  C2   doub Y N 98  
GHP C1  C6   sing Y N 99  
GHP C2  C3   sing Y N 100 
GHP C2  HC2  sing N N 101 
GHP C3  C4   doub Y N 102 
GHP C3  H3   sing N N 103 
GHP C4  O4   sing N N 104 
GHP C4  C5   sing Y N 105 
GHP O4  HO4  sing N N 106 
GHP C5  C6   doub Y N 107 
GHP C5  H5   sing N N 108 
GHP C6  H6   sing N N 109 
GOL C1  O1   sing N N 110 
GOL C1  C2   sing N N 111 
GOL C1  H11  sing N N 112 
GOL C1  H12  sing N N 113 
GOL O1  HO1  sing N N 114 
GOL C2  O2   sing N N 115 
GOL C2  C3   sing N N 116 
GOL C2  H2   sing N N 117 
GOL O2  HO2  sing N N 118 
GOL C3  O3   sing N N 119 
GOL C3  H31  sing N N 120 
GOL C3  H32  sing N N 121 
GOL O3  HO3  sing N N 122 
HOH O   H1   sing N N 123 
HOH O   H2   sing N N 124 
MLU N   CN   sing N N 125 
MLU N   CA   sing N N 126 
MLU CA  C    sing N N 127 
MLU CA  CB   sing N N 128 
MLU C   O    doub N N 129 
MLU C   OXT  sing N N 130 
MLU CB  CG   sing N N 131 
MLU CG  CD1  sing N N 132 
MLU CG  CD2  sing N N 133 
MLU N   H    sing N N 134 
MLU CN  HCN1 sing N N 135 
MLU CN  HCN2 sing N N 136 
MLU CN  HCN3 sing N N 137 
MLU CA  HA   sing N N 138 
MLU CB  HB2  sing N N 139 
MLU CB  HB3  sing N N 140 
MLU OXT HXT  sing N N 141 
MLU CG  HG   sing N N 142 
MLU CD1 HD11 sing N N 143 
MLU CD1 HD12 sing N N 144 
MLU CD1 HD13 sing N N 145 
MLU CD2 HD21 sing N N 146 
MLU CD2 HD22 sing N N 147 
MLU CD2 HD23 sing N N 148 
OMX N   CA   sing N N 149 
OMX CA  C    sing N N 150 
OMX CA  CB   sing N N 151 
OMX C   O    doub N N 152 
OMX C   OXT  sing N N 153 
OMX CB  OC   sing N N 154 
OMX CB  CG   sing N N 155 
OMX CG  CD1  sing Y N 156 
OMX CG  CD2  doub Y N 157 
OMX CD1 CE1  doub Y N 158 
OMX CD2 CE2  sing Y N 159 
OMX CE1 CZ   sing Y N 160 
OMX CE2 CZ   doub Y N 161 
OMX CZ  OH   sing N N 162 
OMX N   H    sing N N 163 
OMX N   H2   sing N N 164 
OMX CA  HA   sing N N 165 
OMX CB  HB   sing N N 166 
OMX OXT HXT  sing N N 167 
OMX OC  HC   sing N N 168 
OMX CD1 HD1  sing N N 169 
OMX CD2 HD2  sing N N 170 
OMX CE1 HE1  sing N N 171 
OMX CE2 HE2  sing N N 172 
OMX OH  HH   sing N N 173 
OMZ N   CA   sing N N 174 
OMZ CA  C    sing N N 175 
OMZ CA  CB   sing N N 176 
OMZ C   O    doub N N 177 
OMZ C   OXT  sing N N 178 
OMZ CL  CE1  sing N N 179 
OMZ CB  OC   sing N N 180 
OMZ CB  CG   sing N N 181 
OMZ CG  CD1  doub Y N 182 
OMZ CG  CD2  sing Y N 183 
OMZ CD1 CE1  sing Y N 184 
OMZ CD2 CE2  doub Y N 185 
OMZ CE1 CZ   doub Y N 186 
OMZ CE2 CZ   sing Y N 187 
OMZ CZ  OH   sing N N 188 
OMZ N   H    sing N N 189 
OMZ N   H2   sing N N 190 
OMZ CA  HA   sing N N 191 
OMZ CB  HB   sing N N 192 
OMZ OXT HXT  sing N N 193 
OMZ OC  HC   sing N N 194 
OMZ CD1 HD1  sing N N 195 
OMZ CD2 HD2  sing N N 196 
OMZ CE2 HE2  sing N N 197 
OMZ OH  HH   sing N N 198 
RAM C1  C2   sing N N 199 
RAM C1  O1   sing N N 200 
RAM C1  O5   sing N N 201 
RAM C1  H1   sing N N 202 
RAM C2  C3   sing N N 203 
RAM C2  O2   sing N N 204 
RAM C2  H2   sing N N 205 
RAM C3  C4   sing N N 206 
RAM C3  O3   sing N N 207 
RAM C3  H3   sing N N 208 
RAM C4  C5   sing N N 209 
RAM C4  O4   sing N N 210 
RAM C4  H4   sing N N 211 
RAM C5  C6   sing N N 212 
RAM C5  O5   sing N N 213 
RAM C5  H5   sing N N 214 
RAM C6  H61  sing N N 215 
RAM C6  H62  sing N N 216 
RAM C6  H63  sing N N 217 
RAM O1  HO1  sing N N 218 
RAM O2  HO2  sing N N 219 
RAM O3  HO3  sing N N 220 
RAM O4  HO4  sing N N 221 
# 
loop_
_pdbx_entity_branch_list.entity_id 
_pdbx_entity_branch_list.comp_id 
_pdbx_entity_branch_list.num 
_pdbx_entity_branch_list.hetero 
2 BGC 1 n 
2 RAM 2 n 
# 
_atom_sites.entry_id                    1HH3 
_atom_sites.fract_transf_matrix[1][1]   -0.01894890 
_atom_sites.fract_transf_matrix[1][2]   0.01531557 
_atom_sites.fract_transf_matrix[1][3]   0.03248381 
_atom_sites.fract_transf_matrix[2][1]   -0.02010794 
_atom_sites.fract_transf_matrix[2][2]   0.00671222 
_atom_sites.fract_transf_matrix[2][3]   -0.01489434 
_atom_sites.fract_transf_matrix[3][1]   -0.01755915 
_atom_sites.fract_transf_matrix[3][2]   -0.02465431 
_atom_sites.fract_transf_matrix[3][3]   0.01259492 
_atom_sites.fract_transf_vector[1]      0.612976 
_atom_sites.fract_transf_vector[2]      0.090535 
_atom_sites.fract_transf_vector[3]      -0.095040 
# 
loop_
_atom_type.symbol 
C  
CL 
N  
O  
# 
loop_
_atom_site.group_PDB 
_atom_site.id 
_atom_site.type_symbol 
_atom_site.label_atom_id 
_atom_site.label_alt_id 
_atom_site.label_comp_id 
_atom_site.label_asym_id 
_atom_site.label_entity_id 
_atom_site.label_seq_id 
_atom_site.pdbx_PDB_ins_code 
_atom_site.Cartn_x 
_atom_site.Cartn_y 
_atom_site.Cartn_z 
_atom_site.occupancy 
_atom_site.B_iso_or_equiv 
_atom_site.pdbx_formal_charge 
_atom_site.auth_seq_id 
_atom_site.auth_comp_id 
_atom_site.auth_asym_id 
_atom_site.auth_atom_id 
_atom_site.pdbx_PDB_model_num 
HETATM 1   C  CA  A MLU A 1 1 ? -10.019 0.548   -2.071  0.50 12.54 ? 1    MLU A CA  1 
HETATM 2   C  CA  B MLU A 1 1 ? -9.128  0.553   -1.694  0.50 14.18 ? 1    MLU A CA  1 
HETATM 3   C  C   A MLU A 1 1 ? -9.528  0.155   -3.492  0.50 10.99 ? 1    MLU A C   1 
HETATM 4   C  C   B MLU A 1 1 ? -8.961  0.093   -3.185  0.50 12.63 ? 1    MLU A C   1 
HETATM 5   O  O   A MLU A 1 1 ? -9.424  0.973   -4.368  0.50 10.72 ? 1    MLU A O   1 
HETATM 6   O  O   B MLU A 1 1 ? -8.536  0.828   -4.061  0.50 13.66 ? 1    MLU A O   1 
HETATM 7   C  CB  A MLU A 1 1 ? -11.214 1.394   -2.356  0.50 16.70 ? 1    MLU A CB  1 
HETATM 8   C  CB  B MLU A 1 1 ? -9.623  1.988   -1.641  0.50 13.52 ? 1    MLU A CB  1 
HETATM 9   N  N   . OMZ A 1 2 ? -9.275  -1.172  -3.554  1.00 12.48 ? 2    OMZ A N   1 
HETATM 10  C  CA  . OMZ A 1 2 ? -9.242  -1.688  -4.905  1.00 10.94 ? 2    OMZ A CA  1 
HETATM 11  C  C   . OMZ A 1 2 ? -7.842  -2.049  -5.415  1.00 7.26  ? 2    OMZ A C   1 
HETATM 12  O  O   . OMZ A 1 2 ? -7.725  -2.339  -6.585  1.00 7.96  ? 2    OMZ A O   1 
HETATM 13  C  CB  . OMZ A 1 2 ? -10.223 -2.881  -5.145  1.00 12.71 ? 2    OMZ A CB  1 
HETATM 14  O  OC  . OMZ A 1 2 ? -11.488 -2.573  -4.591  1.00 19.33 ? 2    OMZ A OC  1 
HETATM 15  C  CG  . OMZ A 1 2 ? -9.722  -4.173  -4.529  1.00 9.75  ? 2    OMZ A CG  1 
HETATM 16  C  CD1 . OMZ A 1 2 ? -9.063  -5.089  -5.334  1.00 8.29  ? 2    OMZ A CD1 1 
HETATM 17  C  CD2 . OMZ A 1 2 ? -9.814  -4.435  -3.169  1.00 10.20 ? 2    OMZ A CD2 1 
HETATM 18  C  CE1 . OMZ A 1 2 ? -8.458  -6.216  -4.793  1.00 6.97  ? 2    OMZ A CE1 1 
HETATM 19  CL CL  . OMZ A 1 2 ? -7.623  -7.333  -5.762  1.00 10.27 ? 2    OMZ A CL  1 
HETATM 20  C  CE2 . OMZ A 1 2 ? -9.240  -5.569  -2.632  1.00 8.19  ? 2    OMZ A CE2 1 
HETATM 21  C  CZ  . OMZ A 1 2 ? -8.535  -6.425  -3.430  1.00 6.82  ? 2    OMZ A CZ  1 
HETATM 22  O  OH  . OMZ A 1 2 ? -7.867  -7.512  -2.846  1.00 7.06  ? 2    OMZ A OH  1 
ATOM   23  N  N   . ASN A 1 3 ? -6.829  -2.024  -4.566  1.00 6.56  ? 3    ASN A N   1 
ATOM   24  C  CA  . ASN A 1 3 ? -5.458  -2.131  -5.044  1.00 5.34  ? 3    ASN A CA  1 
ATOM   25  C  C   . ASN A 1 3 ? -4.714  -3.385  -4.606  1.00 4.81  ? 3    ASN A C   1 
ATOM   26  O  O   . ASN A 1 3 ? -4.174  -4.085  -5.457  1.00 5.42  ? 3    ASN A O   1 
ATOM   27  C  CB  . ASN A 1 3 ? -4.637  -0.894  -4.630  1.00 6.52  ? 3    ASN A CB  1 
ATOM   28  C  CG  . ASN A 1 3 ? -5.245  0.374   -5.197  1.00 5.53  ? 3    ASN A CG  1 
ATOM   29  O  OD1 . ASN A 1 3 ? -5.804  0.381   -6.273  1.00 6.88  ? 3    ASN A OD1 1 
ATOM   30  N  ND2 . ASN A 1 3 ? -5.089  1.448   -4.456  1.00 6.42  ? 3    ASN A ND2 1 
HETATM 31  N  N   . GHP A 1 4 ? -4.610  -3.604  -3.286  1.00 4.69  ? 4    GHP A N   1 
HETATM 32  C  CA  . GHP A 1 4 ? -3.768  -4.694  -2.799  1.00 4.69  ? 4    GHP A CA  1 
HETATM 33  C  C   . GHP A 1 4 ? -2.942  -4.184  -1.612  1.00 4.68  ? 4    GHP A C   1 
HETATM 34  O  O   . GHP A 1 4 ? -3.443  -3.545  -0.697  1.00 5.88  ? 4    GHP A O   1 
HETATM 35  C  C1  . GHP A 1 4 ? -4.545  -5.925  -2.367  1.00 4.97  ? 4    GHP A C1  1 
HETATM 36  C  C2  . GHP A 1 4 ? -3.957  -6.917  -1.594  1.00 5.27  ? 4    GHP A C2  1 
HETATM 37  C  C3  . GHP A 1 4 ? -4.651  -8.065  -1.245  1.00 5.73  ? 4    GHP A C3  1 
HETATM 38  C  C4  . GHP A 1 4 ? -5.959  -8.242  -1.694  1.00 5.36  ? 4    GHP A C4  1 
HETATM 39  O  O4  . GHP A 1 4 ? -6.682  -9.359  -1.320  1.00 6.24  ? 4    GHP A O4  1 
HETATM 40  C  C5  . GHP A 1 4 ? -6.555  -7.259  -2.457  1.00 5.73  ? 4    GHP A C5  1 
HETATM 41  C  C6  . GHP A 1 4 ? -5.862  -6.114  -2.782  1.00 5.38  ? 4    GHP A C6  1 
HETATM 42  N  N   . GHP A 1 5 ? -1.652  -4.544  -1.620  1.00 4.38  ? 5    GHP A N   1 
HETATM 43  C  CA  . GHP A 1 5 ? -0.857  -4.525  -0.431  1.00 4.61  ? 5    GHP A CA  1 
HETATM 44  C  C   . GHP A 1 5 ? 0.265   -5.575  -0.600  1.00 4.92  ? 5    GHP A C   1 
HETATM 45  O  O   . GHP A 1 5 ? 0.585   -5.914  -1.739  1.00 5.59  ? 5    GHP A O   1 
HETATM 46  C  C1  . GHP A 1 5 ? -0.162  -3.212  -0.064  1.00 4.82  ? 5    GHP A C1  1 
HETATM 47  C  C2  . GHP A 1 5 ? -0.349  -2.674  1.208   1.00 4.55  ? 5    GHP A C2  1 
HETATM 48  C  C3  . GHP A 1 5 ? 0.431   -1.630  1.683   1.00 4.90  ? 5    GHP A C3  1 
HETATM 49  C  C4  . GHP A 1 5 ? 1.355   -1.052  0.830   1.00 5.84  ? 5    GHP A C4  1 
HETATM 50  O  O4  . GHP A 1 5 ? 2.122   -0.009  1.265   1.00 7.92  ? 5    GHP A O4  1 
HETATM 51  C  C5  . GHP A 1 5 ? 1.511   -1.549  -0.453  1.00 5.91  ? 5    GHP A C5  1 
HETATM 52  C  C6  . GHP A 1 5 ? 0.774   -2.642  -0.886  1.00 5.24  ? 5    GHP A C6  1 
HETATM 53  N  N   . OMX A 1 6 ? 0.920   -6.020  0.489   1.00 5.19  ? 6    OMX A N   1 
HETATM 54  C  CA  . OMX A 1 6 ? 0.529   -5.825  1.864   1.00 5.01  ? 6    OMX A CA  1 
HETATM 55  C  C   . OMX A 1 6 ? 1.534   -4.916  2.585   1.00 5.44  ? 6    OMX A C   1 
HETATM 56  O  O   . OMX A 1 6 ? 2.714   -4.890  2.257   1.00 6.40  ? 6    OMX A O   1 
HETATM 57  C  CB  . OMX A 1 6 ? 0.303   -7.195  2.539   1.00 5.67  ? 6    OMX A CB  1 
HETATM 58  O  OC  . OMX A 1 6 ? 1.515   -7.898  2.375   1.00 6.10  ? 6    OMX A OC  1 
HETATM 59  C  CG  . OMX A 1 6 ? -0.878  -7.858  1.839   1.00 5.60  ? 6    OMX A CG  1 
HETATM 60  C  CD1 . OMX A 1 6 ? -0.703  -8.701  0.746   1.00 5.95  ? 6    OMX A CD1 1 
HETATM 61  C  CD2 . OMX A 1 6 ? -2.170  -7.494  2.192   1.00 5.92  ? 6    OMX A CD2 1 
HETATM 62  C  CE1 . OMX A 1 6 ? -1.777  -9.146  0.003   1.00 6.02  ? 6    OMX A CE1 1 
HETATM 63  C  CE2 . OMX A 1 6 ? -3.249  -7.903  1.450   1.00 6.28  ? 6    OMX A CE2 1 
HETATM 64  C  CZ  . OMX A 1 6 ? -3.051  -8.726  0.356   1.00 5.94  ? 6    OMX A CZ  1 
HETATM 65  O  OH  . OMX A 1 6 ? -4.122  -9.075  -0.475  1.00 6.37  ? 6    OMX A OH  1 
HETATM 66  N  N   . 3FG A 1 7 ? 1.008   -4.117  3.509   1.00 5.45  ? 7    3FG A N   1 
HETATM 67  O  OD1 . 3FG A 1 7 ? -1.076  0.595   2.177   1.00 7.92  ? 7    3FG A OD1 1 
HETATM 68  C  CD1 . 3FG A 1 7 ? -0.561  -0.009  3.293   1.00 6.17  ? 7    3FG A CD1 1 
HETATM 69  C  CG1 . 3FG A 1 7 ? 0.239   -1.129  3.092   1.00 5.34  ? 7    3FG A CG1 1 
HETATM 70  C  CZ  . 3FG A 1 7 ? -0.893  0.435   4.567   1.00 7.13  ? 7    3FG A CZ  1 
HETATM 71  C  CD2 . 3FG A 1 7 ? -0.412  -0.245  5.664   1.00 6.95  ? 7    3FG A CD2 1 
HETATM 72  O  OD2 . 3FG A 1 7 ? -0.779  0.165   6.906   1.00 9.35  ? 7    3FG A OD2 1 
HETATM 73  C  CG2 . 3FG A 1 7 ? 0.457   -1.336  5.500   1.00 6.21  ? 7    3FG A CG2 1 
HETATM 74  C  CB  . 3FG A 1 7 ? 0.774   -1.786  4.222   1.00 5.35  ? 7    3FG A CB  1 
HETATM 75  C  CA  . 3FG A 1 7 ? 1.723   -2.967  4.039   1.00 5.08  ? 7    3FG A CA  1 
HETATM 76  C  C   . 3FG A 1 7 ? 2.507   -3.286  5.342   1.00 5.33  ? 7    3FG A C   1 
HETATM 77  O  O   . 3FG A 1 7 ? 2.267   -4.382  5.926   1.00 6.62  ? 7    3FG A O   1 
HETATM 78  O  OXT . 3FG A 1 7 ? 3.318   -2.431  5.724   1.00 6.54  ? 7    3FG A OXT 1 
HETATM 79  N  N   . MLU B 1 1 ? 7.420   -15.148 -5.054  1.00 12.65 ? 1    MLU B N   1 
HETATM 80  C  CN  . MLU B 1 1 ? 6.850   -16.268 -4.305  1.00 16.15 ? 1    MLU B CN  1 
HETATM 81  C  CA  . MLU B 1 1 ? 6.736   -13.858 -4.776  1.00 9.54  ? 1    MLU B CA  1 
HETATM 82  C  C   . MLU B 1 1 ? 7.047   -13.561 -3.293  1.00 8.78  ? 1    MLU B C   1 
HETATM 83  O  O   . MLU B 1 1 ? 8.130   -13.830 -2.810  1.00 9.97  ? 1    MLU B O   1 
HETATM 84  C  CB  . MLU B 1 1 ? 7.310   -12.764 -5.625  1.00 13.19 ? 1    MLU B CB  1 
HETATM 85  C  CG  . MLU B 1 1 ? 7.124   -12.838 -7.135  1.00 19.26 ? 1    MLU B CG  1 
HETATM 86  C  CD1 . MLU B 1 1 ? 5.641   -13.075 -7.484  1.00 19.74 ? 1    MLU B CD1 1 
HETATM 87  C  CD2 . MLU B 1 1 ? 7.594   -11.554 -7.750  1.00 27.04 ? 1    MLU B CD2 1 
HETATM 88  N  N   . OMZ B 1 2 ? 6.062   -12.931 -2.651  1.00 7.85  ? 2    OMZ B N   1 
HETATM 89  C  CA  . OMZ B 1 2 ? 6.118   -12.730 -1.217  1.00 7.83  ? 2    OMZ B CA  1 
HETATM 90  C  C   . OMZ B 1 2 ? 5.620   -11.359 -0.768  1.00 7.53  ? 2    OMZ B C   1 
HETATM 91  O  O   . OMZ B 1 2 ? 5.458   -11.159 0.447   1.00 9.55  ? 2    OMZ B O   1 
HETATM 92  C  CB  . OMZ B 1 2 ? 5.431   -13.881 -0.404  1.00 8.31  ? 2    OMZ B CB  1 
HETATM 93  O  OC  . OMZ B 1 2 ? 6.076   -15.069 -0.843  1.00 9.57  ? 2    OMZ B OC  1 
HETATM 94  C  CG  . OMZ B 1 2 ? 3.947   -13.924 -0.695  1.00 7.18  ? 2    OMZ B CG  1 
HETATM 95  C  CD1 . OMZ B 1 2 ? 3.090   -13.250 0.152   1.00 7.15  ? 2    OMZ B CD1 1 
HETATM 96  C  CD2 . OMZ B 1 2 ? 3.440   -14.520 -1.848  1.00 8.00  ? 2    OMZ B CD2 1 
HETATM 97  C  CE1 . OMZ B 1 2 ? 1.732   -13.138 -0.140  1.00 7.07  ? 2    OMZ B CE1 1 
HETATM 98  CL CL  . OMZ B 1 2 ? 0.710   -12.161 0.852   1.00 10.34 ? 2    OMZ B CL  1 
HETATM 99  C  CE2 . OMZ B 1 2 ? 2.095   -14.396 -2.143  1.00 7.36  ? 2    OMZ B CE2 1 
HETATM 100 C  CZ  . OMZ B 1 2 ? 1.257   -13.652 -1.334  1.00 6.59  ? 2    OMZ B CZ  1 
HETATM 101 O  OH  . OMZ B 1 2 ? -0.046  -13.433 -1.762  1.00 7.19  ? 2    OMZ B OH  1 
ATOM   102 N  N   . ASN B 1 3 ? 5.345   -10.453 -1.710  1.00 8.02  ? 3    ASN B N   1 
ATOM   103 C  CA  . ASN B 1 3 ? 4.981   -9.080  -1.400  1.00 7.64  ? 3    ASN B CA  1 
ATOM   104 C  C   . ASN B 1 3 ? 3.482   -8.777  -1.532  1.00 6.56  ? 3    ASN B C   1 
ATOM   105 O  O   . ASN B 1 3 ? 2.981   -8.004  -0.717  1.00 7.87  ? 3    ASN B O   1 
ATOM   106 C  CB  A ASN B 1 3 ? 5.814   -8.032  -2.099  0.70 9.34  ? 3    ASN B CB  1 
ATOM   107 C  CB  B ASN B 1 3 ? 5.664   -8.164  -2.475  0.30 8.10  ? 3    ASN B CB  1 
ATOM   108 C  CG  A ASN B 1 3 ? 5.574   -8.230  -3.606  0.70 9.54  ? 3    ASN B CG  1 
ATOM   109 C  CG  B ASN B 1 3 ? 7.147   -7.873  -2.298  0.30 10.52 ? 3    ASN B CG  1 
ATOM   110 O  OD1 A ASN B 1 3 ? 5.724   -9.327  -4.145  0.70 11.16 ? 3    ASN B OD1 1 
ATOM   111 O  OD1 B ASN B 1 3 ? 7.915   -7.500  -3.215  0.30 15.53 ? 3    ASN B OD1 1 
ATOM   112 N  ND2 A ASN B 1 3 ? 5.217   -7.129  -4.253  0.70 13.87 ? 3    ASN B ND2 1 
ATOM   113 N  ND2 B ASN B 1 3 ? 7.532   -8.135  -1.045  0.30 22.65 ? 3    ASN B ND2 1 
HETATM 114 N  N   . GHP B 1 4 ? 2.815   -9.305  -2.548  1.00 5.83  ? 4    GHP B N   1 
HETATM 115 C  CA  . GHP B 1 4 ? 1.469   -8.843  -2.889  1.00 5.22  ? 4    GHP B CA  1 
HETATM 116 C  C   . GHP B 1 4 ? 1.487   -8.240  -4.303  1.00 4.96  ? 4    GHP B C   1 
HETATM 117 O  O   . GHP B 1 4 ? 1.974   -8.820  -5.263  1.00 6.35  ? 4    GHP B O   1 
HETATM 118 C  C1  . GHP B 1 4 ? 0.419   -9.949  -2.899  1.00 5.14  ? 4    GHP B C1  1 
HETATM 119 C  C2  . GHP B 1 4 ? -0.853  -9.713  -3.381  1.00 5.47  ? 4    GHP B C2  1 
HETATM 120 C  C3  . GHP B 1 4 ? -1.810  -10.707 -3.387  1.00 5.63  ? 4    GHP B C3  1 
HETATM 121 C  C4  . GHP B 1 4 ? -1.534  -11.954 -2.841  1.00 5.93  ? 4    GHP B C4  1 
HETATM 122 O  O4  . GHP B 1 4 ? -2.511  -12.949 -2.782  1.00 6.60  ? 4    GHP B O4  1 
HETATM 123 C  C5  . GHP B 1 4 ? -0.279  -12.176 -2.321  1.00 5.88  ? 4    GHP B C5  1 
HETATM 124 C  C6  . GHP B 1 4 ? 0.690   -11.186 -2.396  1.00 5.82  ? 4    GHP B C6  1 
HETATM 125 N  N   . GHP B 1 5 ? 0.838   -7.064  -4.407  1.00 4.57  ? 5    GHP B N   1 
HETATM 126 C  CA  . GHP B 1 5 ? 0.427   -6.555  -5.668  1.00 4.83  ? 5    GHP B CA  1 
HETATM 127 C  C   . GHP B 1 5 ? -0.893  -5.798  -5.447  1.00 4.64  ? 5    GHP B C   1 
HETATM 128 O  O   . GHP B 1 5 ? -1.133  -5.395  -4.302  1.00 5.70  ? 5    GHP B O   1 
HETATM 129 C  C1  . GHP B 1 5 ? 1.408   -5.609  -6.361  1.00 4.95  ? 5    GHP B C1  1 
HETATM 130 C  C2  . GHP B 1 5 ? 1.720   -5.759  -7.697  1.00 4.79  ? 5    GHP B C2  1 
HETATM 131 C  C3  . GHP B 1 5 ? 2.473   -4.845  -8.407  1.00 5.38  ? 5    GHP B C3  1 
HETATM 132 C  C4  . GHP B 1 5 ? 2.993   -3.750  -7.715  1.00 5.99  ? 5    GHP B C4  1 
HETATM 133 O  O4  . GHP B 1 5 ? 3.714   -2.820  -8.404  1.00 8.01  ? 5    GHP B O4  1 
HETATM 134 C  C5  . GHP B 1 5 ? 2.735   -3.613  -6.368  1.00 6.33  ? 5    GHP B C5  1 
HETATM 135 C  C6  . GHP B 1 5 ? 1.936   -4.513  -5.704  1.00 5.38  ? 5    GHP B C6  1 
HETATM 136 N  N   . OMX B 1 6 ? -1.716  -5.551  -6.469  1.00 4.70  ? 6    OMX B N   1 
HETATM 137 C  CA  . OMX B 1 6 ? -1.637  -6.076  -7.815  1.00 4.76  ? 6    OMX B CA  1 
HETATM 138 C  C   . OMX B 1 6 ? -1.213  -4.975  -8.763  1.00 5.16  ? 6    OMX B C   1 
HETATM 139 O  O   . OMX B 1 6 ? -1.476  -3.790  -8.525  1.00 6.03  ? 6    OMX B O   1 
HETATM 140 C  CB  . OMX B 1 6 ? -2.956  -6.813  -8.181  1.00 5.08  ? 6    OMX B CB  1 
HETATM 141 O  OC  . OMX B 1 6 ? -3.958  -5.795  -8.189  1.00 5.13  ? 6    OMX B OC  1 
HETATM 142 C  CG  . OMX B 1 6 ? -3.194  -7.880  -7.120  1.00 5.14  ? 6    OMX B CG  1 
HETATM 143 C  CD1 . OMX B 1 6 ? -3.924  -7.625  -5.973  1.00 5.30  ? 6    OMX B CD1 1 
HETATM 144 C  CD2 . OMX B 1 6 ? -2.512  -9.101  -7.213  1.00 5.59  ? 6    OMX B CD2 1 
HETATM 145 C  CE1 . OMX B 1 6 ? -3.938  -8.505  -4.901  1.00 5.45  ? 6    OMX B CE1 1 
HETATM 146 C  CE2 . OMX B 1 6 ? -2.513  -9.971  -6.159  1.00 5.87  ? 6    OMX B CE2 1 
HETATM 147 C  CZ  . OMX B 1 6 ? -3.179  -9.644  -4.987  1.00 5.49  ? 6    OMX B CZ  1 
HETATM 148 O  OH  . OMX B 1 6 ? -3.092  -10.493 -3.883  1.00 6.26  ? 6    OMX B OH  1 
HETATM 149 N  N   . 3FG B 1 7 ? -0.448  -5.355  -9.792  1.00 5.73  ? 7    3FG B N   1 
HETATM 150 O  OD1 . 3FG B 1 7 ? 4.945   -5.694  -9.273  1.00 7.84  ? 7    3FG B OD1 1 
HETATM 151 C  CD1 . 3FG B 1 7 ? 3.994   -5.604  -10.230 1.00 6.29  ? 7    3FG B CD1 1 
HETATM 152 C  CG1 . 3FG B 1 7 ? 2.739   -5.100  -9.862  1.00 5.56  ? 7    3FG B CG1 1 
HETATM 153 C  CZ  . 3FG B 1 7 ? 4.247   -5.992  -11.535 1.00 6.44  ? 7    3FG B CZ  1 
HETATM 154 C  CD2 . 3FG B 1 7 ? 3.254   -5.932  -12.494 1.00 6.39  ? 7    3FG B CD2 1 
HETATM 155 O  OD2 . 3FG B 1 7 ? 3.520   -6.361  -13.765 1.00 7.21  ? 7    3FG B OD2 1 
HETATM 156 C  CG2 . 3FG B 1 7 ? 1.994   -5.421  -12.140 1.00 6.26  ? 7    3FG B CG2 1 
HETATM 157 C  CB  . 3FG B 1 7 ? 1.740   -5.010  -10.844 1.00 5.69  ? 7    3FG B CB  1 
HETATM 158 C  CA  . 3FG B 1 7 ? 0.388   -4.392  -10.501 1.00 6.04  ? 7    3FG B CA  1 
HETATM 159 C  C   . 3FG B 1 7 ? -0.309  -3.742  -11.724 1.00 7.58  ? 7    3FG B C   1 
HETATM 160 O  O   . 3FG B 1 7 ? -1.347  -4.282  -12.173 1.00 9.66  ? 7    3FG B O   1 
HETATM 161 O  OXT . 3FG B 1 7 ? 0.235   -2.731  -12.179 1.00 9.91  ? 7    3FG B OXT 1 
HETATM 162 N  N   A MLU C 1 1 ? 0.329   0.469   -8.235  0.50 8.95  ? 1    MLU C N   1 
HETATM 163 N  N   B MLU C 1 1 ? 0.119   0.454   -8.280  0.50 8.14  ? 1    MLU C N   1 
HETATM 164 C  CN  A MLU C 1 1 ? 1.496   -0.370  -8.641  0.50 12.89 ? 1    MLU C CN  1 
HETATM 165 C  CN  B MLU C 1 1 ? 0.185   1.769   -8.984  0.50 11.33 ? 1    MLU C CN  1 
HETATM 166 C  CA  . MLU C 1 1 ? 0.044   0.545   -6.801  1.00 8.10  ? 1    MLU C CA  1 
HETATM 167 C  C   . MLU C 1 1 ? -1.193  1.376   -6.509  1.00 7.03  ? 1    MLU C C   1 
HETATM 168 O  O   . MLU C 1 1 ? -2.278  0.944   -6.901  1.00 8.86  ? 1    MLU C O   1 
HETATM 169 C  CB  . MLU C 1 1 ? -0.149  -0.860  -6.223  1.00 8.74  ? 1    MLU C CB  1 
HETATM 170 C  CG  . MLU C 1 1 ? -0.442  -0.871  -4.747  1.00 8.47  ? 1    MLU C CG  1 
HETATM 171 C  CD1 . MLU C 1 1 ? -0.974  -2.238  -4.262  1.00 10.59 ? 1    MLU C CD1 1 
HETATM 172 C  CD2 . MLU C 1 1 ? 0.790   -0.536  -3.966  1.00 12.58 ? 1    MLU C CD2 1 
HETATM 173 N  N   . OMZ C 1 2 ? -1.083  2.496   -5.781  1.00 6.01  ? 2    OMZ C N   1 
HETATM 174 C  CA  . OMZ C 1 2 ? -2.254  3.253   -5.421  1.00 5.76  ? 2    OMZ C CA  1 
HETATM 175 C  C   . OMZ C 1 2 ? -2.457  3.463   -3.923  1.00 5.17  ? 2    OMZ C C   1 
HETATM 176 O  O   . OMZ C 1 2 ? -3.510  3.977   -3.546  1.00 6.06  ? 2    OMZ C O   1 
HETATM 177 C  CB  . OMZ C 1 2 ? -2.425  4.599   -6.202  1.00 6.39  ? 2    OMZ C CB  1 
HETATM 178 O  OC  . OMZ C 1 2 ? -2.123  4.368   -7.575  1.00 8.01  ? 2    OMZ C OC  1 
HETATM 179 C  CG  . OMZ C 1 2 ? -1.545  5.703   -5.664  1.00 6.11  ? 2    OMZ C CG  1 
HETATM 180 C  CD1 . OMZ C 1 2 ? -2.105  6.618   -4.784  1.00 6.50  ? 2    OMZ C CD1 1 
HETATM 181 C  CD2 . OMZ C 1 2 ? -0.180  5.762   -5.951  1.00 7.21  ? 2    OMZ C CD2 1 
HETATM 182 C  CE1 . OMZ C 1 2 ? -1.301  7.601   -4.195  1.00 6.91  ? 2    OMZ C CE1 1 
HETATM 183 CL CL  . OMZ C 1 2 ? -1.908  8.714   -3.061  1.00 12.46 ? 2    OMZ C CL  1 
HETATM 184 C  CE2 . OMZ C 1 2 ? 0.619   6.699   -5.339  1.00 7.27  ? 2    OMZ C CE2 1 
HETATM 185 C  CZ  . OMZ C 1 2 ? 0.054   7.581   -4.430  1.00 6.75  ? 2    OMZ C CZ  1 
HETATM 186 O  OH  . OMZ C 1 2 ? 0.902   8.461   -3.755  1.00 7.72  ? 2    OMZ C OH  1 
ATOM   187 N  N   . ASN C 1 3 ? -1.512  3.032   -3.083  1.00 5.24  ? 3    ASN C N   1 
ATOM   188 C  CA  . ASN C 1 3 ? -1.743  2.998   -1.644  1.00 5.09  ? 3    ASN C CA  1 
ATOM   189 C  C   . ASN C 1 3 ? -1.027  4.100   -0.864  1.00 5.01  ? 3    ASN C C   1 
ATOM   190 O  O   . ASN C 1 3 ? -1.695  4.812   -0.112  1.00 6.62  ? 3    ASN C O   1 
ATOM   191 C  CB  . ASN C 1 3 ? -1.358  1.656   -1.057  1.00 5.61  ? 3    ASN C CB  1 
ATOM   192 C  CG  . ASN C 1 3 ? -2.430  0.602   -1.288  1.00 5.82  ? 3    ASN C CG  1 
ATOM   193 O  OD1 . ASN C 1 3 ? -3.429  0.786   -1.979  1.00 8.08  ? 3    ASN C OD1 1 
ATOM   194 N  ND2 . ASN C 1 3 ? -2.243  -0.537  -0.629  1.00 7.29  ? 3    ASN C ND2 1 
HETATM 195 N  N   . GHP C 1 4 ? 0.299   4.215   -0.981  1.00 5.24  ? 4    GHP C N   1 
HETATM 196 C  CA  . GHP C 1 4 ? 1.074   5.101   -0.108  1.00 5.24  ? 4    GHP C CA  1 
HETATM 197 C  C   . GHP C 1 4 ? 2.272   4.375   0.471   1.00 5.26  ? 4    GHP C C   1 
HETATM 198 O  O   . GHP C 1 4 ? 3.092   3.795   -0.263  1.00 6.77  ? 4    GHP C O   1 
HETATM 199 C  C1  . GHP C 1 4 ? 1.551   6.388   -0.761  1.00 5.35  ? 4    GHP C C1  1 
HETATM 200 C  C2  . GHP C 1 4 ? 2.477   7.190   -0.157  1.00 5.92  ? 4    GHP C C2  1 
HETATM 201 C  C3  . GHP C 1 4 ? 2.882   8.386   -0.730  1.00 5.94  ? 4    GHP C C3  1 
HETATM 202 C  C4  . GHP C 1 4 ? 2.303   8.819   -1.913  1.00 5.96  ? 4    GHP C C4  1 
HETATM 203 O  O4  . GHP C 1 4 ? 2.688   9.998   -2.534  1.00 6.99  ? 4    GHP C O4  1 
HETATM 204 C  C5  . GHP C 1 4 ? 1.376   7.996   -2.527  1.00 6.51  ? 4    GHP C C5  1 
HETATM 205 C  C6  . GHP C 1 4 ? 1.005   6.797   -1.977  1.00 5.75  ? 4    GHP C C6  1 
HETATM 206 N  N   . GHP C 1 5 ? 2.442   4.461   1.803   1.00 5.54  ? 5    GHP C N   1 
HETATM 207 C  CA  . GHP C 1 5 ? 3.688   4.194   2.424   1.00 5.54  ? 5    GHP C CA  1 
HETATM 208 C  C   . GHP C 1 5 ? 3.797   5.084   3.678   1.00 5.87  ? 5    GHP C C   1 
HETATM 209 O  O   . GHP C 1 5 ? 2.746   5.427   4.236   1.00 6.22  ? 5    GHP C O   1 
HETATM 210 C  C1  . GHP C 1 5 ? 3.961   2.754   2.877   1.00 5.47  ? 5    GHP C C1  1 
HETATM 211 C  C2  . GHP C 1 5 ? 5.160   2.142   2.549   1.00 6.82  ? 5    GHP C C2  1 
HETATM 212 C  C3  . GHP C 1 5 ? 5.529   0.930   3.079   1.00 6.76  ? 5    GHP C C3  1 
HETATM 213 C  C4  . GHP C 1 5 ? 4.628   0.263   3.887   1.00 6.27  ? 5    GHP C C4  1 
HETATM 214 O  O4  . GHP C 1 5 ? 4.981   -0.976  4.380   1.00 7.39  ? 5    GHP C O4  1 
HETATM 215 C  C5  . GHP C 1 5 ? 3.400   0.834   4.183   1.00 5.93  ? 5    GHP C C5  1 
HETATM 216 C  C6  . GHP C 1 5 ? 3.084   2.087   3.692   1.00 5.28  ? 5    GHP C C6  1 
HETATM 217 N  N   . OMX C 1 6 ? 5.001   5.416   4.177   1.00 6.11  ? 6    OMX C N   1 
HETATM 218 C  CA  . OMX C 1 6 ? 6.298   5.092   3.627   1.00 7.16  ? 6    OMX C CA  1 
HETATM 219 C  C   . OMX C 1 6 ? 6.942   4.009   4.483   1.00 7.93  ? 6    OMX C C   1 
HETATM 220 O  O   . OMX C 1 6 ? 6.694   3.899   5.670   1.00 9.03  ? 6    OMX C O   1 
HETATM 221 C  CB  . OMX C 1 6 ? 7.147   6.391   3.472   1.00 7.73  ? 6    OMX C CB  1 
HETATM 222 O  OC  . OMX C 1 6 ? 7.259   6.912   4.792   1.00 8.41  ? 6    OMX C OC  1 
HETATM 223 C  CG  . OMX C 1 6 ? 6.410   7.299   2.505   1.00 6.90  ? 6    OMX C CG  1 
HETATM 224 C  CD1 . OMX C 1 6 ? 5.490   8.255   2.929   1.00 7.39  ? 6    OMX C CD1 1 
HETATM 225 C  CD2 . OMX C 1 6 ? 6.495   7.044   1.135   1.00 7.38  ? 6    OMX C CD2 1 
HETATM 226 C  CE1 . OMX C 1 6 ? 4.681   8.935   2.051   1.00 6.96  ? 6    OMX C CE1 1 
HETATM 227 C  CE2 . OMX C 1 6 ? 5.668   7.696   0.259   1.00 7.39  ? 6    OMX C CE2 1 
HETATM 228 C  CZ  . OMX C 1 6 ? 4.737   8.610   0.712   1.00 6.55  ? 6    OMX C CZ  1 
HETATM 229 O  OH  . OMX C 1 6 ? 3.847   9.208   -0.173  1.00 6.86  ? 6    OMX C OH  1 
HETATM 230 N  N   . 3FG C 1 7 ? 7.704   3.129   3.844   1.00 9.05  ? 7    3FG C N   1 
HETATM 231 O  OD1 . 3FG C 1 7 ? 5.762   -1.123  1.267   1.00 13.77 ? 7    3FG C OD1 1 
HETATM 232 C  CD1 . 3FG C 1 7 ? 6.930   -0.682  1.806   1.00 11.06 ? 7    3FG C CD1 1 
HETATM 233 C  CG1 . 3FG C 1 7 ? 6.876   0.322   2.753   1.00 8.43  ? 7    3FG C CG1 1 
HETATM 234 C  CZ  . 3FG C 1 7 ? 8.163   -1.233  1.436   1.00 14.56 ? 7    3FG C CZ  1 
HETATM 235 C  CD2 . 3FG C 1 7 ? 9.324   -0.774  2.021   1.00 15.07 ? 7    3FG C CD2 1 
HETATM 236 O  OD2 . 3FG C 1 7 ? 10.536  -1.315  1.677   1.00 20.59 ? 7    3FG C OD2 1 
HETATM 237 C  CG2 . 3FG C 1 7 ? 9.289   0.219   2.993   1.00 12.70 ? 7    3FG C CG2 1 
HETATM 238 C  CB  . 3FG C 1 7 ? 8.064   0.779   3.360   1.00 9.62  ? 7    3FG C CB  1 
HETATM 239 C  CA  . 3FG C 1 7 ? 8.004   1.842   4.446   1.00 9.76  ? 7    3FG C CA  1 
HETATM 240 C  C   . 3FG C 1 7 ? 9.283   1.876   5.341   1.00 13.56 ? 7    3FG C C   1 
HETATM 241 O  O   . 3FG C 1 7 ? 10.076  2.832   5.201   1.00 18.07 ? 7    3FG C O   1 
HETATM 242 O  OXT . 3FG C 1 7 ? 9.464   0.907   6.087   1.00 16.54 ? 7    3FG C OXT 1 
HETATM 243 N  N   . MLU D 1 1 ? 1.670   13.802  12.656  1.00 24.39 ? 1    MLU D N   1 
HETATM 244 C  CN  . MLU D 1 1 ? 2.636   14.850  12.274  1.00 29.15 ? 1    MLU D CN  1 
HETATM 245 C  CA  . MLU D 1 1 ? 1.746   12.634  11.729  1.00 22.26 ? 1    MLU D CA  1 
HETATM 246 C  C   . MLU D 1 1 ? 3.174   12.088  11.777  1.00 19.57 ? 1    MLU D C   1 
HETATM 247 O  O   . MLU D 1 1 ? 3.826   12.080  12.799  1.00 21.62 ? 1    MLU D O   1 
HETATM 248 C  CB  . MLU D 1 1 ? 0.763   11.577  12.120  1.00 23.53 ? 1    MLU D CB  1 
HETATM 249 C  CG  . MLU D 1 1 ? -0.753  11.860  12.105  1.00 26.42 ? 1    MLU D CG  1 
HETATM 250 C  CD1 . MLU D 1 1 ? -1.331  12.148  10.752  1.00 28.94 ? 1    MLU D CD1 1 
HETATM 251 C  CD2 . MLU D 1 1 ? -1.524  10.884  12.917  1.00 34.81 ? 1    MLU D CD2 1 
HETATM 252 N  N   . OMZ D 1 2 ? 3.657   11.697  10.587  1.00 17.29 ? 2    OMZ D N   1 
HETATM 253 C  CA  . OMZ D 1 2 ? 5.051   11.338  10.392  1.00 15.02 ? 2    OMZ D CA  1 
HETATM 254 C  C   . OMZ D 1 2 ? 5.251   10.042  9.570   1.00 13.55 ? 2    OMZ D C   1 
HETATM 255 O  O   . OMZ D 1 2 ? 6.356   9.675   9.188   1.00 13.73 ? 2    OMZ D O   1 
HETATM 256 C  CB  . OMZ D 1 2 ? 5.886   12.459  9.701   1.00 15.60 ? 2    OMZ D CB  1 
HETATM 257 O  OC  . OMZ D 1 2 ? 5.801   13.656  10.463  1.00 19.50 ? 2    OMZ D OC  1 
HETATM 258 C  CG  . OMZ D 1 2 ? 5.473   12.774  8.275   1.00 13.69 ? 2    OMZ D CG  1 
HETATM 259 C  CD1 . OMZ D 1 2 ? 6.129   12.174  7.212   1.00 12.16 ? 2    OMZ D CD1 1 
HETATM 260 C  CD2 . OMZ D 1 2 ? 4.338   13.533  8.031   1.00 14.88 ? 2    OMZ D CD2 1 
HETATM 261 C  CE1 . OMZ D 1 2 ? 5.642   12.318  5.906   1.00 10.74 ? 2    OMZ D CE1 1 
HETATM 262 CL CL  . OMZ D 1 2 ? 6.328   11.432  4.603   1.00 16.26 ? 2    OMZ D CL  1 
HETATM 263 C  CE2 . OMZ D 1 2 ? 3.878   13.681  6.732   1.00 13.39 ? 2    OMZ D CE2 1 
HETATM 264 C  CZ  . OMZ D 1 2 ? 4.470   12.997  5.699   1.00 10.79 ? 2    OMZ D CZ  1 
HETATM 265 O  OH  . OMZ D 1 2 ? 3.837   13.016  4.460   1.00 10.24 ? 2    OMZ D OH  1 
ATOM   266 N  N   . ASN D 1 3 ? 4.195   9.331   9.301   1.00 12.14 ? 3    ASN D N   1 
ATOM   267 C  CA  . ASN D 1 3 ? 4.225   7.994   8.747   1.00 10.50 ? 3    ASN D CA  1 
ATOM   268 C  C   . ASN D 1 3 ? 3.819   7.947   7.275   1.00 9.01  ? 3    ASN D C   1 
ATOM   269 O  O   . ASN D 1 3 ? 4.449   7.200   6.529   1.00 10.29 ? 3    ASN D O   1 
ATOM   270 C  CB  . ASN D 1 3 ? 3.369   7.043   9.535   1.00 12.48 ? 3    ASN D CB  1 
ATOM   271 C  CG  . ASN D 1 3 ? 1.864   7.218   9.492   1.00 14.74 ? 3    ASN D CG  1 
ATOM   272 O  OD1 . ASN D 1 3 ? 1.079   6.347   8.959   1.00 20.31 ? 3    ASN D OD1 1 
ATOM   273 N  ND2 . ASN D 1 3 ? 1.355   8.259   10.060  1.00 20.47 ? 3    ASN D ND2 1 
HETATM 274 N  N   . GHP D 1 4 ? 2.776   8.647   6.864   1.00 7.53  ? 4    GHP D N   1 
HETATM 275 C  CA  . GHP D 1 4 ? 2.193   8.454   5.528   1.00 6.86  ? 4    GHP D CA  1 
HETATM 276 C  C   . GHP D 1 4 ? 0.734   8.026   5.656   1.00 6.51  ? 4    GHP D C   1 
HETATM 277 O  O   . GHP D 1 4 ? -0.075  8.658   6.332   1.00 8.66  ? 4    GHP D O   1 
HETATM 278 C  C1  . GHP D 1 4 ? 2.220   9.691   4.645   1.00 6.76  ? 4    GHP D C1  1 
HETATM 279 C  C2  . GHP D 1 4 ? 1.522   9.728   3.473   1.00 6.66  ? 4    GHP D C2  1 
HETATM 280 C  C3  . GHP D 1 4 ? 1.560   10.844  2.640   1.00 6.96  ? 4    GHP D C3  1 
HETATM 281 C  C4  . GHP D 1 4 ? 2.316   11.958  2.995   1.00 7.62  ? 4    GHP D C4  1 
HETATM 282 O  O4  . GHP D 1 4 ? 2.400   13.065  2.153   1.00 8.53  ? 4    GHP D O4  1 
HETATM 283 C  C5  . GHP D 1 4 ? 3.048   11.910  4.179   1.00 8.26  ? 4    GHP D C5  1 
HETATM 284 C  C6  . GHP D 1 4 ? 2.978   10.789  4.988   1.00 7.69  ? 4    GHP D C6  1 
HETATM 285 N  N   . GHP D 1 5 ? 0.365   6.962   4.922   1.00 5.51  ? 5    GHP D N   1 
HETATM 286 C  CA  . GHP D 1 5 ? -1.008  6.700   4.628   1.00 5.24  ? 5    GHP D CA  1 
HETATM 287 C  C   . GHP D 1 5 ? -1.062  6.077   3.208   1.00 5.07  ? 5    GHP D C   1 
HETATM 288 O  O   . GHP D 1 5 ? -0.054  5.494   2.792   1.00 5.99  ? 5    GHP D O   1 
HETATM 289 C  C1  . GHP D 1 5 ? -1.740  5.733   5.564   1.00 4.82  ? 5    GHP D C1  1 
HETATM 290 C  C2  . GHP D 1 5 ? -2.986  6.077   6.068   1.00 5.38  ? 5    GHP D C2  1 
HETATM 291 C  C3  . GHP D 1 5 ? -3.784  5.192   6.750   1.00 5.17  ? 5    GHP D C3  1 
HETATM 292 C  C4  . GHP D 1 5 ? -3.308  3.900   6.966   1.00 5.64  ? 5    GHP D C4  1 
HETATM 293 O  O4  . GHP D 1 5 ? -4.102  2.989   7.606   1.00 7.13  ? 5    GHP D O4  1 
HETATM 294 C  C5  . GHP D 1 5 ? -2.040  3.558   6.512   1.00 5.77  ? 5    GHP D C5  1 
HETATM 295 C  C6  . GHP D 1 5 ? -1.274  4.462   5.814   1.00 5.49  ? 5    GHP D C6  1 
HETATM 296 N  N   . OMX D 1 6 ? -2.186  6.141   2.500   1.00 5.42  ? 6    OMX D N   1 
HETATM 297 C  CA  . OMX D 1 6 ? -3.413  6.816   2.841   1.00 5.27  ? 6    OMX D CA  1 
HETATM 298 C  C   . OMX D 1 6 ? -4.473  5.808   3.246   1.00 5.48  ? 6    OMX D C   1 
HETATM 299 O  O   . OMX D 1 6 ? -4.455  4.640   2.849   1.00 6.65  ? 6    OMX D O   1 
HETATM 300 C  CB  . OMX D 1 6 ? -3.821  7.807   1.708   1.00 5.61  ? 6    OMX D CB  1 
HETATM 301 O  OC  . OMX D 1 6 ? -4.139  6.996   0.594   1.00 5.81  ? 6    OMX D OC  1 
HETATM 302 C  CG  . OMX D 1 6 ? -2.668  8.759   1.486   1.00 5.73  ? 6    OMX D CG  1 
HETATM 303 C  CD1 . OMX D 1 6 ? -1.653  8.432   0.587   1.00 5.88  ? 6    OMX D CD1 1 
HETATM 304 C  CD2 . OMX D 1 6 ? -2.504  9.850   2.308   1.00 6.44  ? 6    OMX D CD2 1 
HETATM 305 C  CE1 . OMX D 1 6 ? -0.489  9.171   0.541   1.00 6.35  ? 6    OMX D CE1 1 
HETATM 306 C  CE2 . OMX D 1 6 ? -1.366  10.588  2.273   1.00 7.20  ? 6    OMX D CE2 1 
HETATM 307 C  CZ  . OMX D 1 6 ? -0.325  10.202  1.440   1.00 6.60  ? 6    OMX D CZ  1 
HETATM 308 O  OH  . OMX D 1 6 ? 0.889   10.912  1.437   1.00 7.27  ? 6    OMX D OH  1 
HETATM 309 N  N   . 3FG D 1 7 ? -5.357  6.224   4.142   1.00 6.17  ? 7    3FG D N   1 
HETATM 310 O  OD1 . 3FG D 1 7 ? -4.161  5.842   9.386   1.00 7.46  ? 7    3FG D OD1 1 
HETATM 311 C  CD1 . 3FG D 1 7 ? -5.264  5.979   8.579   1.00 6.09  ? 7    3FG D CD1 1 
HETATM 312 C  CG1 . 3FG D 1 7 ? -5.138  5.612   7.235   1.00 6.00  ? 7    3FG D CG1 1 
HETATM 313 C  CZ  . 3FG D 1 7 ? -6.446  6.483   9.076   1.00 6.85  ? 7    3FG D CZ  1 
HETATM 314 C  CD2 . 3FG D 1 7 ? -7.536  6.632   8.241   1.00 6.64  ? 7    3FG D CD2 1 
HETATM 315 O  OD2 . 3FG D 1 7 ? -8.679  7.170   8.758   1.00 7.88  ? 7    3FG D OD2 1 
HETATM 316 C  CG2 . 3FG D 1 7 ? -7.440  6.263   6.901   1.00 6.91  ? 7    3FG D CG2 1 
HETATM 317 C  CB  . 3FG D 1 7 ? -6.256  5.740   6.377   1.00 6.02  ? 7    3FG D CB  1 
HETATM 318 C  CA  . 3FG D 1 7 ? -6.167  5.303   4.919   1.00 6.55  ? 7    3FG D CA  1 
HETATM 319 C  C   . 3FG D 1 7 ? -7.542  4.989   4.288   1.00 8.17  ? 7    3FG D C   1 
HETATM 320 O  O   . 3FG D 1 7 ? -7.951  5.797   3.408   1.00 9.46  ? 7    3FG D O   1 
HETATM 321 O  OXT . 3FG D 1 7 ? -8.114  3.964   4.674   1.00 9.57  ? 7    3FG D OXT 1 
HETATM 322 C  C2  . BGC E 2 . ? -6.982  -11.710 -1.138  1.00 7.09  ? 1    BGC E C2  1 
HETATM 323 C  C3  . BGC E 2 . ? -6.676  -13.025 -1.784  1.00 8.03  ? 1    BGC E C3  1 
HETATM 324 C  C4  . BGC E 2 . ? -7.001  -12.938 -3.255  1.00 8.04  ? 1    BGC E C4  1 
HETATM 325 C  C5  . BGC E 2 . ? -6.269  -11.757 -3.933  1.00 7.60  ? 1    BGC E C5  1 
HETATM 326 C  C6  . BGC E 2 . ? -6.642  -11.559 -5.352  1.00 9.48  ? 1    BGC E C6  1 
HETATM 327 C  C1  . BGC E 2 . ? -6.266  -10.587 -1.856  1.00 6.25  ? 1    BGC E C1  1 
HETATM 328 O  O2  . BGC E 2 . ? -6.547  -11.757 0.226   1.00 7.36  ? 1    BGC E O2  1 
HETATM 329 O  O3  . BGC E 2 . ? -7.455  -14.064 -1.202  1.00 9.58  ? 1    BGC E O3  1 
HETATM 330 O  O4  . BGC E 2 . ? -6.490  -14.196 -3.879  1.00 10.13 ? 1    BGC E O4  1 
HETATM 331 O  O5  . BGC E 2 . ? -6.657  -10.570 -3.223  1.00 6.98  ? 1    BGC E O5  1 
HETATM 332 O  O6  . BGC E 2 . ? -8.060  -11.393 -5.476  1.00 10.94 ? 1    BGC E O6  1 
HETATM 333 C  C1  . RAM E 2 . ? -7.535  -11.636 1.204   1.00 8.90  ? 2    RAM E C1  1 
HETATM 334 C  C2  . RAM E 2 . ? -7.054  -12.053 2.490   1.00 9.74  ? 2    RAM E C2  1 
HETATM 335 C  C3  . RAM E 2 . ? -6.085  -11.131 3.139   1.00 9.14  ? 2    RAM E C3  1 
HETATM 336 C  C4  . RAM E 2 . ? -6.643  -9.750  3.189   1.00 9.53  ? 2    RAM E C4  1 
HETATM 337 C  C5  . RAM E 2 . ? -7.024  -9.320  1.763   1.00 9.41  ? 2    RAM E C5  1 
HETATM 338 C  C6  . RAM E 2 . ? -7.616  -7.970  1.708   1.00 14.01 ? 2    RAM E C6  1 
HETATM 339 O  O2  . RAM E 2 . ? -8.179  -12.258 3.345   1.00 12.52 ? 2    RAM E O2  1 
HETATM 340 O  O3  . RAM E 2 . ? -5.749  -11.629 4.419   1.00 11.61 ? 2    RAM E O3  1 
HETATM 341 O  O4  . RAM E 2 . ? -5.630  -8.856  3.646   1.00 14.33 ? 2    RAM E O4  1 
HETATM 342 O  O5  . RAM E 2 . ? -7.997  -10.250 1.306   1.00 9.71  ? 2    RAM E O5  1 
HETATM 343 C  C2  . BGC F 2 . ? -3.155  -15.156 -3.281  1.00 9.60  ? 1    BGC F C2  1 
HETATM 344 C  C3  . BGC F 2 . ? -3.205  -16.229 -4.367  1.00 12.58 ? 1    BGC F C3  1 
HETATM 345 C  C4  . BGC F 2 . ? -3.773  -15.576 -5.623  1.00 13.14 ? 1    BGC F C4  1 
HETATM 346 C  C5  . BGC F 2 . ? -2.916  -14.359 -6.055  1.00 10.95 ? 1    BGC F C5  1 
HETATM 347 C  C6  A BGC F 2 . ? -3.407  -13.715 -7.263  0.70 10.49 ? 1    BGC F C6  1 
HETATM 348 C  C6  B BGC F 2 . ? -3.601  -13.178 -7.175  0.30 13.91 ? 1    BGC F C6  1 
HETATM 349 C  C1  . BGC F 2 . ? -2.403  -13.969 -3.755  1.00 7.77  ? 1    BGC F C1  1 
HETATM 350 O  O2  . BGC F 2 . ? -2.525  -15.733 -2.140  1.00 9.78  ? 1    BGC F O2  1 
HETATM 351 O  O3  . BGC F 2 . ? -4.035  -17.329 -4.038  1.00 17.29 ? 1    BGC F O3  1 
HETATM 352 O  O4  . BGC F 2 . ? -3.643  -16.593 -6.741  1.00 19.46 ? 1    BGC F O4  1 
HETATM 353 O  O5  . BGC F 2 . ? -2.942  -13.439 -4.934  1.00 8.70  ? 1    BGC F O5  1 
HETATM 354 O  O6  A BGC F 2 . ? -2.479  -12.868 -7.729  0.70 10.01 ? 1    BGC F O6  1 
HETATM 355 O  O6  B BGC F 2 . ? -4.227  -12.119 -6.648  0.30 19.80 ? 1    BGC F O6  1 
HETATM 356 C  C1  . RAM F 2 . ? -3.301  -16.167 -1.011  1.00 10.10 ? 2    RAM F C1  1 
HETATM 357 C  C2  . RAM F 2 . ? -2.522  -17.160 -0.298  1.00 11.93 ? 2    RAM F C2  1 
HETATM 358 C  C3  . RAM F 2 . ? -1.483  -16.620 0.336   1.00 13.18 ? 2    RAM F C3  1 
HETATM 359 C  C4  . RAM F 2 . ? -1.934  -15.384 1.233   1.00 12.14 ? 2    RAM F C4  1 
HETATM 360 C  C5  . RAM F 2 . ? -2.645  -14.399 0.316   1.00 10.60 ? 2    RAM F C5  1 
HETATM 361 C  C6  . RAM F 2 . ? -3.304  -13.232 1.104   1.00 12.59 ? 2    RAM F C6  1 
HETATM 362 O  O2  . RAM F 2 . ? -3.481  -17.859 0.608   1.00 14.10 ? 2    RAM F O2  1 
HETATM 363 O  O3  . RAM F 2 . ? -0.811  -17.568 1.213   1.00 18.60 ? 2    RAM F O3  1 
HETATM 364 O  O4  . RAM F 2 . ? -0.799  -14.747 1.830   1.00 15.03 ? 2    RAM F O4  1 
HETATM 365 O  O5  . RAM F 2 . ? -3.753  -15.092 -0.276  1.00 10.38 ? 2    RAM F O5  1 
HETATM 366 C  C2  . BGC G 2 . ? 2.995   12.331  -2.658  1.00 7.47  ? 1    BGC G C2  1 
HETATM 367 C  C3  . BGC G 2 . ? 2.514   13.660  -2.087  1.00 8.19  ? 1    BGC G C3  1 
HETATM 368 C  C4  . BGC G 2 . ? 1.045   13.709  -2.129  1.00 8.63  ? 1    BGC G C4  1 
HETATM 369 C  C5  . BGC G 2 . ? 0.445   12.522  -1.360  1.00 8.58  ? 1    BGC G C5  1 
HETATM 370 C  C6  . BGC G 2 . ? -1.047  12.430  -1.386  1.00 10.21 ? 1    BGC G C6  1 
HETATM 371 C  C1  . BGC G 2 . ? 2.327   11.225  -1.888  1.00 6.81  ? 1    BGC G C1  1 
HETATM 372 O  O2  . BGC G 2 . ? 4.416   12.229  -2.509  1.00 7.32  ? 1    BGC G O2  1 
HETATM 373 O  O3  . BGC G 2 . ? 3.039   14.727  -2.940  1.00 10.13 ? 1    BGC G O3  1 
HETATM 374 O  O4  . BGC G 2 . ? 0.642   14.955  -1.430  1.00 11.17 ? 1    BGC G O4  1 
HETATM 375 O  O5  . BGC G 2 . ? 0.927   11.345  -1.984  1.00 7.51  ? 1    BGC G O5  1 
HETATM 376 O  O6  . BGC G 2 . ? -1.595  12.484  -2.679  1.00 13.01 ? 1    BGC G O6  1 
HETATM 377 C  C1  . RAM G 2 . ? 5.126   12.057  -3.747  1.00 8.70  ? 2    RAM G C1  1 
HETATM 378 C  C2  . RAM G 2 . ? 6.601   12.358  -3.459  1.00 8.67  ? 2    RAM G C2  1 
HETATM 379 C  C3  . RAM G 2 . ? 7.251   11.228  -2.754  1.00 10.04 ? 2    RAM G C3  1 
HETATM 380 C  C4  . RAM G 2 . ? 7.002   9.936   -3.332  1.00 11.91 ? 2    RAM G C4  1 
HETATM 381 C  C5  . RAM G 2 . ? 5.501   9.729   -3.403  1.00 11.41 ? 2    RAM G C5  1 
HETATM 382 C  C6  . RAM G 2 . ? 5.186   8.371   -4.061  1.00 15.65 ? 2    RAM G C6  1 
HETATM 383 O  O2  . RAM G 2 . ? 7.202   12.538  -4.738  1.00 10.99 ? 2    RAM G O2  1 
HETATM 384 O  O3  . RAM G 2 . ? 8.661   11.535  -2.661  1.00 12.31 ? 2    RAM G O3  1 
HETATM 385 O  O4  . RAM G 2 . ? 7.549   8.894   -2.509  1.00 17.85 ? 2    RAM G O4  1 
HETATM 386 O  O5  . RAM G 2 . ? 4.974   10.760  -4.266  1.00 9.79  ? 2    RAM G O5  1 
HETATM 387 C  C2  . BGC H 2 . ? 2.065   15.390  1.794   1.00 10.55 ? 1    BGC H C2  1 
HETATM 388 C  C3  . BGC H 2 . ? 1.144   16.588  2.083   1.00 13.70 ? 1    BGC H C3  1 
HETATM 389 C  C4  . BGC H 2 . ? -0.234  16.172  1.745   1.00 15.15 ? 1    BGC H C4  1 
HETATM 390 C  C5  . BGC H 2 . ? -0.652  14.906  2.587   1.00 14.66 ? 1    BGC H C5  1 
HETATM 391 C  C6  . BGC H 2 . ? -2.046  14.350  2.298   1.00 18.29 ? 1    BGC H C6  1 
HETATM 392 C  C1  . BGC H 2 . ? 1.602   14.178  2.552   1.00 10.14 ? 1    BGC H C1  1 
HETATM 393 O  O2  . BGC H 2 . ? 3.407   15.739  2.273   1.00 10.33 ? 1    BGC H O2  1 
HETATM 394 O  O3  . BGC H 2 . ? 1.447   17.688  1.382   1.00 17.85 ? 1    BGC H O3  1 
HETATM 395 O  O4  . BGC H 2 . ? -1.183  17.255  2.147   1.00 18.42 ? 1    BGC H O4  1 
HETATM 396 O  O5  . BGC H 2 . ? 0.280   13.878  2.212   1.00 11.35 ? 1    BGC H O5  1 
HETATM 397 O  O6  . BGC H 2 . ? -2.464  13.522  3.254   1.00 17.26 ? 1    BGC H O6  1 
HETATM 398 C  C1  . RAM H 2 . ? 4.404   16.146  1.295   1.00 10.62 ? 2    RAM H C1  1 
HETATM 399 C  C2  . RAM H 2 . ? 5.358   16.922  2.001   1.00 11.49 ? 2    RAM H C2  1 
HETATM 400 C  C3  . RAM H 2 . ? 6.255   16.040  2.866   1.00 12.21 ? 2    RAM H C3  1 
HETATM 401 C  C4  . RAM H 2 . ? 6.782   14.872  2.115   1.00 11.32 ? 2    RAM H C4  1 
HETATM 402 C  C5  . RAM H 2 . ? 5.561   14.130  1.440   1.00 11.03 ? 2    RAM H C5  1 
HETATM 403 C  C6  . RAM H 2 . ? 5.987   12.992  0.559   1.00 16.10 ? 2    RAM H C6  1 
HETATM 404 O  O2  . RAM H 2 . ? 6.289   17.600  1.042   1.00 14.14 ? 2    RAM H O2  1 
HETATM 405 O  O3  . RAM H 2 . ? 7.308   16.773  3.441   1.00 16.67 ? 2    RAM H O3  1 
HETATM 406 O  O4  . RAM H 2 . ? 7.442   13.982  2.973   1.00 15.03 ? 2    RAM H O4  1 
HETATM 407 O  O5  . RAM H 2 . ? 4.865   15.057  0.596   1.00 10.98 ? 2    RAM H O5  1 
HETATM 408 C  C1  . ERE I 3 . ? 1.591   -9.135  3.020   1.00 7.25  ? 8    ERE A C1  1 
HETATM 409 C  C2  . ERE I 3 . ? 2.877   -9.800  2.623   1.00 8.08  ? 8    ERE A C2  1 
HETATM 410 C  C3  . ERE I 3 . ? 4.091   -9.180  3.276   1.00 7.35  ? 8    ERE A C3  1 
HETATM 411 C  C4  . ERE I 3 . ? 3.831   -8.992  4.758   1.00 7.14  ? 8    ERE A C4  1 
HETATM 412 C  C5  . ERE I 3 . ? 2.547   -8.245  5.006   1.00 7.25  ? 8    ERE A C5  1 
HETATM 413 O  O5  . ERE I 3 . ? 1.448   -8.990  4.420   1.00 7.90  ? 8    ERE A O5  1 
HETATM 414 C  C3A . ERE I 3 . ? 4.531   -7.883  2.623   1.00 7.00  ? 8    ERE A C3A 1 
HETATM 415 N  N3  . ERE I 3 . ? 5.230   -10.163 3.122   1.00 9.81  ? 8    ERE A N3  1 
HETATM 416 O  O4  . ERE I 3 . ? 4.894   -8.307  5.399   1.00 7.62  ? 8    ERE A O4  1 
HETATM 417 C  C5A . ERE I 3 . ? 2.171   -8.180  6.544   1.00 9.25  ? 8    ERE A C5A 1 
HETATM 418 C  C1  . ERE J 3 . ? -5.202  -6.189  -8.674  1.00 5.70  ? 8    ERE B C1  1 
HETATM 419 C  C2  . ERE J 3 . ? -6.179  -5.078  -8.421  1.00 5.92  ? 8    ERE B C2  1 
HETATM 420 C  C3  . ERE J 3 . ? -6.009  -3.898  -9.357  1.00 5.91  ? 8    ERE B C3  1 
HETATM 421 C  C4  . ERE J 3 . ? -5.981  -4.413  -10.788 1.00 6.88  ? 8    ERE B C4  1 
HETATM 422 C  C5  . ERE J 3 . ? -4.873  -5.433  -10.954 1.00 6.95  ? 8    ERE B C5  1 
HETATM 423 O  O5  . ERE J 3 . ? -5.135  -6.546  -10.050 1.00 6.84  ? 8    ERE B O5  1 
HETATM 424 C  C3A . ERE J 3 . ? -4.824  -3.006  -9.014  1.00 6.11  ? 8    ERE B C3A 1 
HETATM 425 N  N3  . ERE J 3 . ? -7.234  -3.035  -9.228  1.00 7.07  ? 8    ERE B N3  1 
HETATM 426 O  O4  . ERE J 3 . ? -5.808  -3.334  -11.693 1.00 7.41  ? 8    ERE B O4  1 
HETATM 427 C  C5A . ERE J 3 . ? -4.824  -6.056  -12.341 1.00 9.44  ? 8    ERE B C5A 1 
HETATM 428 C  C1  . GOL K 4 . ? 2.113   -12.486 -8.136  1.00 10.72 ? 1001 GOL B C1  1 
HETATM 429 O  O1  . GOL K 4 . ? 2.034   -12.592 -9.522  1.00 12.49 ? 1001 GOL B O1  1 
HETATM 430 C  C2  . GOL K 4 . ? 0.747   -12.398 -7.529  1.00 10.65 ? 1001 GOL B C2  1 
HETATM 431 O  O2  . GOL K 4 . ? 0.126   -13.669 -7.861  1.00 12.57 ? 1001 GOL B O2  1 
HETATM 432 C  C3  . GOL K 4 . ? 0.771   -12.240 -6.030  1.00 9.47  ? 1001 GOL B C3  1 
HETATM 433 O  O3  . GOL K 4 . ? 1.614   -13.138 -5.322  1.00 11.82 ? 1001 GOL B O3  1 
HETATM 434 C  C1  . GOL L 4 . ? 3.867   -4.458  -2.167  0.70 12.31 ? 1002 GOL B C1  1 
HETATM 435 O  O1  . GOL L 4 . ? 5.022   -4.830  -2.868  0.70 13.31 ? 1002 GOL B O1  1 
HETATM 436 C  C2  . GOL L 4 . ? 4.366   -4.025  -0.804  0.70 11.39 ? 1002 GOL B C2  1 
HETATM 437 O  O2  . GOL L 4 . ? 5.131   -2.832  -0.923  0.70 16.09 ? 1002 GOL B O2  1 
HETATM 438 C  C3  . GOL L 4 . ? 4.975   -5.078  0.060   0.70 9.59  ? 1002 GOL B C3  1 
HETATM 439 O  O3  . GOL L 4 . ? 5.232   -4.623  1.379   0.70 11.31 ? 1002 GOL B O3  1 
HETATM 440 C  C1  . ERE M 3 . ? 8.109   8.020   4.920   1.00 9.84  ? 8    ERE C C1  1 
HETATM 441 C  C2  . ERE M 3 . ? 7.998   8.575   6.317   1.00 11.42 ? 8    ERE C C2  1 
HETATM 442 C  C3  . ERE M 3 . ? 8.741   7.756   7.328   1.00 12.12 ? 8    ERE C C3  1 
HETATM 443 C  C4  . ERE M 3 . ? 10.126  7.444   6.845   1.00 13.46 ? 8    ERE C C4  1 
HETATM 444 C  C5  . ERE M 3 . ? 10.124  6.852   5.451   1.00 12.37 ? 8    ERE C C5  1 
HETATM 445 O  O5  . ERE M 3 . ? 9.428   7.746   4.547   1.00 11.11 ? 8    ERE C O5  1 
HETATM 446 C  C3A . ERE M 3 . ? 7.992   6.485   7.728   1.00 12.41 ? 8    ERE C C3A 1 
HETATM 447 N  N3  . ERE M 3 . ? 8.836   8.564   8.605   1.00 15.13 ? 8    ERE C N3  1 
HETATM 448 O  O4  . ERE M 3 . ? 10.900  6.665   7.718   1.00 16.83 ? 8    ERE C O4  1 
HETATM 449 C  C5A . ERE M 3 . ? 11.536  6.691   4.855   1.00 15.33 ? 8    ERE C C5A 1 
HETATM 450 C  C1  . ERE N 3 . ? -4.629  7.677   -0.522  1.00 7.16  ? 8    ERE D C1  1 
HETATM 451 C  C2  . ERE N 3 . ? -4.657  6.754   -1.715  1.00 7.12  ? 8    ERE D C2  1 
HETATM 452 C  C3  . ERE N 3 . ? -5.812  5.788   -1.676  1.00 6.82  ? 8    ERE D C3  1 
HETATM 453 C  C4  . ERE N 3 . ? -7.096  6.535   -1.381  1.00 7.48  ? 8    ERE D C4  1 
HETATM 454 C  C5  . ERE N 3 . ? -6.988  7.399   -0.135  1.00 8.23  ? 8    ERE D C5  1 
HETATM 455 O  O5  . ERE N 3 . ? -5.859  8.312   -0.281  1.00 7.90  ? 8    ERE D O5  1 
HETATM 456 C  C3A . ERE N 3 . ? -5.603  4.642   -0.707  1.00 7.11  ? 8    ERE D C3A 1 
HETATM 457 N  N3  . ERE N 3 . ? -5.958  5.160   -3.047  1.00 8.01  ? 8    ERE D N3  1 
HETATM 458 O  O4  . ERE N 3 . ? -8.176  5.638   -1.258  1.00 9.00  ? 8    ERE D O4  1 
HETATM 459 C  C5A . ERE N 3 . ? -8.178  8.332   0.067   1.00 10.92 ? 8    ERE D C5A 1 
HETATM 460 C  C1  . GOL O 4 . ? -2.283  12.757  7.505   0.70 13.04 ? 1003 GOL D C1  1 
HETATM 461 O  O1  . GOL O 4 . ? -3.683  13.025  7.653   0.70 11.96 ? 1003 GOL D O1  1 
HETATM 462 C  C2  . GOL O 4 . ? -1.881  12.817  6.078   0.70 12.99 ? 1003 GOL D C2  1 
HETATM 463 O  O2  . GOL O 4 . ? -2.099  14.188  5.726   0.70 15.20 ? 1003 GOL D O2  1 
HETATM 464 C  C3  . GOL O 4 . ? -0.450  12.410  5.764   0.70 11.78 ? 1003 GOL D C3  1 
HETATM 465 O  O3  . GOL O 4 . ? 0.493   13.002  6.664   0.70 15.75 ? 1003 GOL D O3  1 
HETATM 466 O  O   . HOH P 5 . ? -7.624  3.194   -3.784  1.00 30.72 ? 2001 HOH A O   1 
HETATM 467 O  O   . HOH P 5 . ? -6.419  0.799   -1.107  1.00 29.33 ? 2002 HOH A O   1 
HETATM 468 O  O   . HOH P 5 . ? -7.712  1.465   1.315   1.00 49.50 ? 2003 HOH A O   1 
HETATM 469 O  O   . HOH P 5 . ? -7.735  -3.829  0.186   0.50 23.92 ? 2004 HOH A O   1 
HETATM 470 O  O   . HOH P 5 . ? -10.286 -5.134  0.739   1.00 34.93 ? 2005 HOH A O   1 
HETATM 471 O  O   . HOH P 5 . ? -12.351 -5.121  -0.794  0.50 30.30 ? 2006 HOH A O   1 
HETATM 472 O  O   . HOH P 5 . ? -10.790 -11.926 -2.450  0.50 30.40 ? 2007 HOH A O   1 
HETATM 473 O  O   . HOH P 5 . ? -11.283 -7.326  -0.164  1.00 34.89 ? 2008 HOH A O   1 
HETATM 474 O  O   . HOH P 5 . ? -6.234  -1.757  -1.747  1.00 25.68 ? 2009 HOH A O   1 
HETATM 475 O  O   . HOH P 5 . ? -10.643 -1.828  -0.773  1.00 44.84 ? 2010 HOH A O   1 
HETATM 476 O  O   . HOH P 5 . ? -13.156 -4.933  -4.092  1.00 37.96 ? 2011 HOH A O   1 
HETATM 477 O  O   . HOH P 5 . ? -13.333 -2.216  -1.914  1.00 46.76 ? 2012 HOH A O   1 
HETATM 478 O  O   . HOH P 5 . ? -9.903  -9.372  -0.800  1.00 26.75 ? 2013 HOH A O   1 
HETATM 479 O  O   . HOH P 5 . ? -9.640  -9.770  -3.767  1.00 14.23 ? 2014 HOH A O   1 
HETATM 480 O  O   . HOH P 5 . ? -8.250  -4.856  3.560   0.50 34.21 ? 2015 HOH A O   1 
HETATM 481 O  O   . HOH P 5 . ? 3.914   0.196   -2.808  1.00 40.96 ? 2016 HOH A O   1 
HETATM 482 O  O   . HOH P 5 . ? 5.816   0.387   8.106   1.00 26.87 ? 2017 HOH A O   1 
HETATM 483 O  O   . HOH P 5 . ? -4.774  0.826   4.531   1.00 27.15 ? 2018 HOH A O   1 
HETATM 484 O  O   . HOH P 5 . ? -10.525 -14.424 -4.496  1.00 45.81 ? 2019 HOH A O   1 
HETATM 485 O  O   . HOH P 5 . ? -1.328  -11.442 3.857   0.50 34.36 ? 2020 HOH A O   1 
HETATM 486 O  O   . HOH P 5 . ? -12.387 -17.546 -4.684  0.50 34.92 ? 2021 HOH A O   1 
HETATM 487 O  O   . HOH P 5 . ? -5.707  -5.057  0.936   0.50 22.88 ? 2022 HOH A O   1 
HETATM 488 O  O   . HOH P 5 . ? 4.069   1.006   -0.391  1.00 18.46 ? 2023 HOH A O   1 
HETATM 489 O  O   . HOH P 5 . ? 5.784   -3.607  3.585   1.00 20.33 ? 2024 HOH A O   1 
HETATM 490 O  O   . HOH P 5 . ? -0.166  -5.414  6.511   1.00 26.10 ? 2025 HOH A O   1 
HETATM 491 O  O   . HOH P 5 . ? -1.822  -4.447  3.929   0.50 6.30  ? 2026 HOH A O   1 
HETATM 492 O  O   . HOH P 5 . ? -2.069  -4.150  4.156   0.50 14.18 ? 2027 HOH A O   1 
HETATM 493 O  O   . HOH P 5 . ? 3.128   -0.478  7.712   1.00 14.45 ? 2028 HOH A O   1 
HETATM 494 O  O   . HOH P 5 . ? -2.993  2.386   2.479   1.00 16.55 ? 2029 HOH A O   1 
HETATM 495 O  O   . HOH P 5 . ? -0.107  -1.309  8.827   1.00 30.54 ? 2030 HOH A O   1 
HETATM 496 O  O   . HOH P 5 . ? 1.419   1.906   7.281   1.00 22.26 ? 2031 HOH A O   1 
HETATM 497 O  O   . HOH P 5 . ? -3.431  0.475   7.298   1.00 14.70 ? 2032 HOH A O   1 
HETATM 498 O  O   . HOH P 5 . ? -1.607  -7.494  5.739   1.00 49.66 ? 2033 HOH A O   1 
HETATM 499 O  O   . HOH P 5 . ? 5.710   -13.055 3.445   1.00 13.24 ? 2034 HOH A O   1 
HETATM 500 O  O   . HOH P 5 . ? 5.377   -9.950  7.453   1.00 10.92 ? 2035 HOH A O   1 
HETATM 501 O  O   . HOH P 5 . ? -6.433  -16.734 -3.078  0.50 14.79 ? 2036 HOH A O   1 
HETATM 502 O  O   . HOH P 5 . ? -7.055  -17.088 -2.724  0.50 22.04 ? 2037 HOH A O   1 
HETATM 503 O  O   . HOH P 5 . ? -9.976  -15.027 -1.724  1.00 28.17 ? 2038 HOH A O   1 
HETATM 504 O  O   . HOH P 5 . ? -7.907  -15.198 -5.913  1.00 22.75 ? 2039 HOH A O   1 
HETATM 505 O  O   . HOH P 5 . ? -3.824  -14.175 4.805   1.00 44.81 ? 2040 HOH A O   1 
HETATM 506 O  O   . HOH P 5 . ? -3.397  -9.417  5.186   1.00 30.79 ? 2041 HOH A O   1 
HETATM 507 O  O   . HOH P 5 . ? -6.485  -6.706  4.975   1.00 38.73 ? 2042 HOH A O   1 
HETATM 508 O  O   . HOH Q 5 . ? 10.195  -15.098 -4.860  1.00 21.66 ? 2001 HOH B O   1 
HETATM 509 O  O   . HOH Q 5 . ? 6.752   -16.565 -7.401  1.00 34.98 ? 2002 HOH B O   1 
HETATM 510 O  O   . HOH Q 5 . ? 10.463  -17.961 -5.826  1.00 34.79 ? 2003 HOH B O   1 
HETATM 511 O  O   . HOH Q 5 . ? 11.170  -13.647 -6.986  1.00 36.10 ? 2004 HOH B O   1 
HETATM 512 O  O   . HOH Q 5 . ? 5.971   -19.083 -2.149  0.50 31.30 ? 2005 HOH B O   1 
HETATM 513 O  O   . HOH Q 5 . ? 4.350   -11.162 -4.490  0.50 15.71 ? 2006 HOH B O   1 
HETATM 514 O  O   . HOH Q 5 . ? 3.725   -11.889 -4.072  0.50 4.82  ? 2007 HOH B O   1 
HETATM 515 O  O   . HOH Q 5 . ? 4.924   -17.398 -0.412  1.00 21.44 ? 2008 HOH B O   1 
HETATM 516 O  O   . HOH Q 5 . ? 4.346   0.465   -5.127  0.50 33.42 ? 2009 HOH B O   1 
HETATM 517 O  O   . HOH Q 5 . ? 3.359   2.988   -7.052  0.50 16.19 ? 2010 HOH B O   1 
HETATM 518 O  O   . HOH Q 5 . ? 4.127   -9.852  -6.353  0.50 12.18 ? 2011 HOH B O   1 
HETATM 519 O  O   . HOH Q 5 . ? 5.457   -6.626  -6.792  0.50 21.39 ? 2012 HOH B O   1 
HETATM 520 O  O   . HOH Q 5 . ? -4.418  -2.865  -15.528 1.00 37.26 ? 2013 HOH B O   1 
HETATM 521 O  O   . HOH Q 5 . ? 3.342   0.521   -14.772 1.00 52.88 ? 2014 HOH B O   1 
HETATM 522 O  O   . HOH Q 5 . ? -4.838  -9.511  -13.811 1.00 52.14 ? 2015 HOH B O   1 
HETATM 523 O  O   . HOH Q 5 . ? 2.216   -18.004 -3.324  0.50 34.78 ? 2016 HOH B O   1 
HETATM 524 O  O   . HOH Q 5 . ? -0.492  -19.501 -3.346  0.50 33.60 ? 2017 HOH B O   1 
HETATM 525 O  O   . HOH Q 5 . ? -6.185  -12.905 -9.838  1.00 38.01 ? 2018 HOH B O   1 
HETATM 526 O  O   . HOH Q 5 . ? -1.043  -3.767  -18.497 1.00 49.92 ? 2019 HOH B O   1 
HETATM 527 O  O   . HOH Q 5 . ? 2.905   -0.070  -7.719  0.50 18.98 ? 2020 HOH B O   1 
HETATM 528 O  O   . HOH Q 5 . ? 4.797   -0.983  -6.849  1.00 23.44 ? 2021 HOH B O   1 
HETATM 529 O  O   . HOH Q 5 . ? 1.826   -1.189  -10.057 0.50 20.27 ? 2022 HOH B O   1 
HETATM 530 O  O   . HOH Q 5 . ? -1.658  -1.284  -9.606  1.00 10.91 ? 2023 HOH B O   1 
HETATM 531 O  O   . HOH Q 5 . ? -1.457  -6.517  -13.570 1.00 36.98 ? 2024 HOH B O   1 
HETATM 532 O  O   . HOH Q 5 . ? -0.734  -2.085  -14.680 1.00 30.42 ? 2025 HOH B O   1 
HETATM 533 O  O   . HOH Q 5 . ? -3.407  -2.565  -12.791 1.00 14.28 ? 2026 HOH B O   1 
HETATM 534 O  O   . HOH Q 5 . ? -2.206  -0.297  -12.135 1.00 38.13 ? 2027 HOH B O   1 
HETATM 535 O  O   . HOH Q 5 . ? 0.707   0.206   -12.884 0.50 39.89 ? 2028 HOH B O   1 
HETATM 536 O  O   . HOH Q 5 . ? -4.898  -9.273  -10.644 1.00 21.38 ? 2029 HOH B O   1 
HETATM 537 O  O   . HOH Q 5 . ? 0.107   -17.152 -2.902  1.00 25.41 ? 2030 HOH B O   1 
HETATM 538 O  O   . HOH Q 5 . ? -2.957  -19.554 -3.660  1.00 36.27 ? 2031 HOH B O   1 
HETATM 539 O  O   . HOH Q 5 . ? -0.179  -17.273 -7.285  1.00 41.61 ? 2032 HOH B O   1 
HETATM 540 O  O   . HOH Q 5 . ? -6.250  -17.213 -7.244  0.50 26.69 ? 2033 HOH B O   1 
HETATM 541 O  O   . HOH Q 5 . ? -3.104  -11.715 -10.105 1.00 40.02 ? 2034 HOH B O   1 
HETATM 542 O  O   . HOH Q 5 . ? -5.814  -10.901 -8.775  1.00 29.15 ? 2035 HOH B O   1 
HETATM 543 O  O   . HOH Q 5 . ? -2.920  -20.353 0.970   0.50 30.46 ? 2036 HOH B O   1 
HETATM 544 O  O   . HOH Q 5 . ? -4.733  -19.903 -0.777  0.50 27.91 ? 2037 HOH B O   1 
HETATM 545 O  O   . HOH Q 5 . ? 2.129   -17.320 -0.231  1.00 41.49 ? 2038 HOH B O   1 
HETATM 546 O  O   . HOH Q 5 . ? 0.104   -20.055 0.567   0.50 41.65 ? 2039 HOH B O   1 
HETATM 547 O  O   . HOH Q 5 . ? 1.709   -16.055 1.978   1.00 25.89 ? 2040 HOH B O   1 
HETATM 548 O  O   . HOH Q 5 . ? -1.399  -13.397 4.073   0.50 32.89 ? 2041 HOH B O   1 
HETATM 549 O  O   . HOH Q 5 . ? -0.052  -12.680 -11.220 1.00 30.48 ? 2042 HOH B O   1 
HETATM 550 O  O   . HOH Q 5 . ? 1.179   -15.743 -9.305  0.50 31.68 ? 2043 HOH B O   1 
HETATM 551 O  O   . HOH Q 5 . ? 0.645   -15.800 -5.176  1.00 15.69 ? 2044 HOH B O   1 
HETATM 552 O  O   . HOH Q 5 . ? 3.738   -15.535 -5.560  1.00 25.21 ? 2045 HOH B O   1 
HETATM 553 O  O   . HOH Q 5 . ? 5.648   -2.517  -4.221  0.50 27.10 ? 2046 HOH B O   1 
HETATM 554 O  O   . HOH Q 5 . ? 7.195   -2.949  -2.315  0.50 36.02 ? 2047 HOH B O   1 
HETATM 555 O  O   . HOH R 5 . ? 0.058   3.072   -8.935  0.50 16.18 ? 2001 HOH C O   1 
HETATM 556 O  O   . HOH R 5 . ? 2.498   4.178   -7.751  0.50 18.70 ? 2002 HOH C O   1 
HETATM 557 O  O   . HOH R 5 . ? 4.294   3.022   -5.411  0.50 16.11 ? 2003 HOH C O   1 
HETATM 558 O  O   . HOH R 5 . ? 3.656   3.155   -4.117  0.50 18.53 ? 2004 HOH C O   1 
HETATM 559 O  O   . HOH R 5 . ? 2.388   8.752   -7.911  0.50 26.86 ? 2005 HOH C O   1 
HETATM 560 O  O   . HOH R 5 . ? -1.961  9.997   -6.657  1.00 38.04 ? 2006 HOH C O   1 
HETATM 561 O  O   . HOH R 5 . ? -0.308  13.848  -6.006  1.00 36.22 ? 2007 HOH C O   1 
HETATM 562 O  O   . HOH R 5 . ? 3.916   6.016   -6.865  0.50 31.63 ? 2008 HOH C O   1 
HETATM 563 O  O   . HOH R 5 . ? 1.420   2.813   -3.368  1.00 14.19 ? 2009 HOH C O   1 
HETATM 564 O  O   . HOH R 5 . ? 1.741   3.077   -5.487  1.00 13.42 ? 2010 HOH C O   1 
HETATM 565 O  O   . HOH R 5 . ? -1.031  6.228   -9.250  0.50 27.73 ? 2011 HOH C O   1 
HETATM 566 O  O   . HOH R 5 . ? -4.363  3.410   -8.897  1.00 40.67 ? 2012 HOH C O   1 
HETATM 567 O  O   . HOH R 5 . ? -5.486  5.347   -8.452  0.50 9.08  ? 2013 HOH C O   1 
HETATM 568 O  O   . HOH R 5 . ? 2.691   10.629  -5.855  1.00 22.71 ? 2014 HOH C O   1 
HETATM 569 O  O   . HOH R 5 . ? 0.058   11.204  -4.934  1.00 16.20 ? 2015 HOH C O   1 
HETATM 570 O  O   . HOH R 5 . ? 7.364   4.758   -2.134  0.50 24.01 ? 2016 HOH C O   1 
HETATM 571 O  O   . HOH R 5 . ? 6.424   4.651   -3.217  0.50 24.50 ? 2017 HOH C O   1 
HETATM 572 O  O   . HOH R 5 . ? 6.204   5.480   -5.340  1.00 46.04 ? 2018 HOH C O   1 
HETATM 573 O  O   . HOH R 5 . ? 6.071   4.413   10.221  1.00 30.78 ? 2019 HOH C O   1 
HETATM 574 O  O   . HOH R 5 . ? 10.054  5.427   1.016   1.00 37.76 ? 2020 HOH C O   1 
HETATM 575 O  O   . HOH R 5 . ? 10.399  11.351  4.836   0.50 28.74 ? 2021 HOH C O   1 
HETATM 576 O  O   . HOH R 5 . ? 5.738   4.307   -0.628  1.00 42.89 ? 2022 HOH C O   1 
HETATM 577 O  O   . HOH R 5 . ? 4.213   5.013   -2.899  1.00 34.47 ? 2023 HOH C O   1 
HETATM 578 O  O   . HOH R 5 . ? 2.314   4.573   6.981   1.00 16.23 ? 2024 HOH C O   1 
HETATM 579 O  O   . HOH R 5 . ? 7.288   -0.844  6.311   1.00 16.83 ? 2025 HOH C O   1 
HETATM 580 O  O   . HOH R 5 . ? 6.962   2.785   8.277   1.00 27.94 ? 2026 HOH C O   1 
HETATM 581 O  O   . HOH R 5 . ? 4.951   3.932   7.746   1.00 27.91 ? 2027 HOH C O   1 
HETATM 582 O  O   . HOH R 5 . ? 11.185  3.622   3.100   1.00 25.75 ? 2028 HOH C O   1 
HETATM 583 O  O   . HOH R 5 . ? 8.055   3.742   0.927   1.00 13.72 ? 2029 HOH C O   1 
HETATM 584 O  O   . HOH R 5 . ? 10.857  3.928   7.632   1.00 21.46 ? 2030 HOH C O   1 
HETATM 585 O  O   . HOH R 5 . ? 10.106  8.357   1.743   1.00 31.31 ? 2031 HOH C O   1 
HETATM 586 O  O   . HOH R 5 . ? 8.026   10.582  3.156   0.50 37.84 ? 2032 HOH C O   1 
HETATM 587 O  O   . HOH R 5 . ? 10.164  11.133  7.955   1.00 29.18 ? 2033 HOH C O   1 
HETATM 588 O  O   . HOH R 5 . ? 9.986   7.286   11.045  1.00 36.98 ? 2034 HOH C O   1 
HETATM 589 O  O   . HOH R 5 . ? 2.227   15.325  -5.426  1.00 32.46 ? 2035 HOH C O   1 
HETATM 590 O  O   . HOH R 5 . ? 1.823   17.507  -1.496  1.00 35.51 ? 2036 HOH C O   1 
HETATM 591 O  O   . HOH R 5 . ? -2.060  15.607  -2.604  1.00 38.89 ? 2037 HOH C O   1 
HETATM 592 O  O   . HOH R 5 . ? -4.109  11.135  -2.293  1.00 33.19 ? 2038 HOH C O   1 
HETATM 593 O  O   . HOH R 5 . ? 8.801   9.957   0.731   1.00 31.66 ? 2039 HOH C O   1 
HETATM 594 O  O   . HOH S 5 . ? 1.567   10.987  8.524   1.00 19.13 ? 2001 HOH D O   1 
HETATM 595 O  O   . HOH S 5 . ? 6.932   6.766   11.211  1.00 49.56 ? 2002 HOH D O   1 
HETATM 596 O  O   . HOH S 5 . ? 7.467   13.557  13.082  1.00 52.06 ? 2003 HOH D O   1 
HETATM 597 O  O   . HOH S 5 . ? 2.408   3.394   8.949   1.00 43.58 ? 2004 HOH D O   1 
HETATM 598 O  O   . HOH S 5 . ? -1.632  6.836   9.115   1.00 24.79 ? 2005 HOH D O   1 
HETATM 599 O  O   . HOH S 5 . ? -1.143  9.016   8.666   1.00 26.93 ? 2006 HOH D O   1 
HETATM 600 O  O   . HOH S 5 . ? 3.468   18.941  4.978   1.00 58.33 ? 2007 HOH D O   1 
HETATM 601 O  O   . HOH S 5 . ? -0.060  19.935  5.071   0.50 27.21 ? 2008 HOH D O   1 
HETATM 602 O  O   . HOH S 5 . ? 11.302  16.550  4.002   0.50 30.54 ? 2009 HOH D O   1 
HETATM 603 O  O   . HOH S 5 . ? 12.261  14.191  5.871   0.50 38.78 ? 2010 HOH D O   1 
HETATM 604 O  O   . HOH S 5 . ? -1.635  10.162  6.798   0.50 41.35 ? 2011 HOH D O   1 
HETATM 605 O  O   . HOH S 5 . ? -5.801  1.905   2.510   0.50 24.88 ? 2012 HOH D O   1 
HETATM 606 O  O   . HOH S 5 . ? -7.432  8.526   3.435   1.00 15.94 ? 2013 HOH D O   1 
HETATM 607 O  O   . HOH S 5 . ? -9.422  5.036   1.211   1.00 16.16 ? 2014 HOH D O   1 
HETATM 608 O  O   . HOH S 5 . ? -10.263 3.014   3.482   1.00 36.94 ? 2015 HOH D O   1 
HETATM 609 O  O   . HOH S 5 . ? -10.390 6.743   4.682   1.00 29.75 ? 2016 HOH D O   1 
HETATM 610 O  O   . HOH S 5 . ? -10.592 4.520   5.185   1.00 50.95 ? 2017 HOH D O   1 
HETATM 611 O  O   . HOH S 5 . ? -4.247  7.861   11.505  0.50 14.15 ? 2018 HOH D O   1 
HETATM 612 O  O   . HOH S 5 . ? -10.709 6.841   7.205   1.00 25.79 ? 2019 HOH D O   1 
HETATM 613 O  O   . HOH S 5 . ? -5.569  11.233  0.402   1.00 40.38 ? 2020 HOH D O   1 
HETATM 614 O  O   . HOH S 5 . ? -5.880  7.213   -5.027  1.00 14.60 ? 2021 HOH D O   1 
HETATM 615 O  O   . HOH S 5 . ? 3.306   16.658  5.132   1.00 26.06 ? 2022 HOH D O   1 
HETATM 616 O  O   . HOH S 5 . ? 2.294   19.790  2.473   1.00 47.70 ? 2023 HOH D O   1 
HETATM 617 O  O   . HOH S 5 . ? -1.659  18.441  -0.619  0.50 31.79 ? 2024 HOH D O   1 
HETATM 618 O  O   . HOH S 5 . ? -0.935  17.578  5.210   1.00 46.44 ? 2025 HOH D O   1 
HETATM 619 O  O   . HOH S 5 . ? -3.852  16.726  0.230   0.50 38.87 ? 2026 HOH D O   1 
HETATM 620 O  O   . HOH S 5 . ? -5.024  12.325  3.173   1.00 30.38 ? 2027 HOH D O   1 
HETATM 621 O  O   . HOH S 5 . ? 9.333   17.586  2.027   1.00 45.10 ? 2028 HOH D O   1 
HETATM 622 O  O   . HOH S 5 . ? 5.367   20.268  1.022   1.00 42.65 ? 2029 HOH D O   1 
HETATM 623 O  O   . HOH S 5 . ? 8.531   14.494  5.459   1.00 26.85 ? 2030 HOH D O   1 
HETATM 624 O  O   . HOH S 5 . ? 9.288   12.200  2.122   1.00 38.97 ? 2031 HOH D O   1 
HETATM 625 O  O   . HOH S 5 . ? -5.648  13.451  5.782   1.00 22.73 ? 2032 HOH D O   1 
HETATM 626 O  O   . HOH S 5 . ? 1.000   15.733  5.935   1.00 25.47 ? 2033 HOH D O   1 
HETATM 627 O  O   . HOH S 5 . ? 0.820   15.200  8.983   1.00 39.51 ? 2034 HOH D O   1 
# 
loop_
_atom_site_anisotrop.id 
_atom_site_anisotrop.type_symbol 
_atom_site_anisotrop.pdbx_label_atom_id 
_atom_site_anisotrop.pdbx_label_alt_id 
_atom_site_anisotrop.pdbx_label_comp_id 
_atom_site_anisotrop.pdbx_label_asym_id 
_atom_site_anisotrop.pdbx_label_seq_id 
_atom_site_anisotrop.pdbx_PDB_ins_code 
_atom_site_anisotrop.U[1][1] 
_atom_site_anisotrop.U[2][2] 
_atom_site_anisotrop.U[3][3] 
_atom_site_anisotrop.U[1][2] 
_atom_site_anisotrop.U[1][3] 
_atom_site_anisotrop.U[2][3] 
_atom_site_anisotrop.pdbx_auth_seq_id 
_atom_site_anisotrop.pdbx_auth_comp_id 
_atom_site_anisotrop.pdbx_auth_asym_id 
_atom_site_anisotrop.pdbx_auth_atom_id 
1   C  CA  A MLU A 1 ? 0.1276 0.1986 0.1505 0.0825  0.0258  0.0315  1    MLU A CA  
2   C  CA  B MLU A 1 ? 0.1745 0.1787 0.1854 0.0891  0.0906  0.0346  1    MLU A CA  
3   C  C   A MLU A 1 ? 0.1063 0.1694 0.1419 0.0664  0.0172  0.0317  1    MLU A C   
4   C  C   B MLU A 1 ? 0.1400 0.1634 0.1765 0.0813  0.0534  0.0294  1    MLU A C   
5   O  O   A MLU A 1 ? 0.1282 0.1436 0.1354 0.0120  -0.0024 0.0101  1    MLU A O   
6   O  O   B MLU A 1 ? 0.1612 0.1937 0.1643 0.0121  0.0498  0.0091  1    MLU A O   
7   C  CB  A MLU A 1 ? 0.2153 0.3164 0.1028 0.1807  0.0209  0.0213  1    MLU A CB  
8   C  CB  B MLU A 1 ? 0.1675 0.1853 0.1610 0.0939  -0.0460 -0.0097 1    MLU A CB  
9   N  N   . OMZ A 2 ? 0.1134 0.1694 0.1913 0.0845  0.0423  0.0406  2    OMZ A N   
10  C  CA  . OMZ A 2 ? 0.0845 0.1261 0.2051 0.0551  0.0015  0.0375  2    OMZ A CA  
11  C  C   . OMZ A 2 ? 0.0682 0.0929 0.1147 0.0255  -0.0153 0.0250  2    OMZ A C   
12  O  O   . OMZ A 2 ? 0.0853 0.0998 0.1174 0.0004  -0.0331 0.0190  2    OMZ A O   
13  C  CB  . OMZ A 2 ? 0.0574 0.1579 0.2675 0.0300  0.0021  0.0764  2    OMZ A CB  
14  O  OC  . OMZ A 2 ? 0.0726 0.2189 0.4429 0.0736  0.0461  0.1269  2    OMZ A OC  
15  C  CG  . OMZ A 2 ? 0.0434 0.1431 0.1841 0.0252  -0.0077 0.0490  2    OMZ A CG  
16  C  CD1 . OMZ A 2 ? 0.0586 0.1451 0.1113 0.0047  -0.0331 0.0393  2    OMZ A CD1 
17  C  CD2 . OMZ A 2 ? 0.0696 0.1417 0.1763 0.0265  0.0357  0.0238  2    OMZ A CD2 
18  C  CE1 . OMZ A 2 ? 0.0579 0.1166 0.0903 0.0053  -0.0165 0.0156  2    OMZ A CE1 
19  CL CL  . OMZ A 2 ? 0.1087 0.1656 0.1161 0.0021  -0.0159 0.0172  2    OMZ A CL  
20  C  CE2 . OMZ A 2 ? 0.0642 0.1433 0.1037 0.0037  0.0025  0.0118  2    OMZ A CE2 
21  C  CZ  . OMZ A 2 ? 0.0556 0.1055 0.0980 0.0013  -0.0117 0.0243  2    OMZ A CZ  
22  O  OH  . OMZ A 2 ? 0.0553 0.1107 0.1024 -0.0144 -0.0215 0.0323  2    OMZ A OH  
23  N  N   . ASN A 3 ? 0.0769 0.0902 0.0821 0.0351  -0.0073 0.0093  3    ASN A N   
24  C  CA  . ASN A 3 ? 0.0669 0.0709 0.0651 0.0191  -0.0211 0.0008  3    ASN A CA  
25  C  C   . ASN A 3 ? 0.0554 0.0691 0.0584 0.0112  -0.0076 -0.0028 3    ASN A C   
26  O  O   . ASN A 3 ? 0.0751 0.0722 0.0585 0.0225  -0.0093 -0.0034 3    ASN A O   
27  C  CB  . ASN A 3 ? 0.0962 0.0708 0.0805 0.0214  -0.0400 -0.0142 3    ASN A CB  
28  C  CG  . ASN A 3 ? 0.0678 0.0719 0.0705 0.0146  -0.0164 0.0011  3    ASN A CG  
29  O  OD1 . ASN A 3 ? 0.0996 0.0831 0.0786 0.0264  -0.0306 0.0081  3    ASN A OD1 
30  N  ND2 . ASN A 3 ? 0.0941 0.0637 0.0860 0.0110  -0.0129 0.0005  3    ASN A ND2 
31  N  N   . GHP A 4 ? 0.0488 0.0720 0.0574 0.0203  -0.0081 -0.0016 4    GHP A N   
32  C  CA  . GHP A 4 ? 0.0550 0.0677 0.0557 0.0067  -0.0130 -0.0013 4    GHP A CA  
33  C  C   . GHP A 4 ? 0.0575 0.0705 0.0497 0.0116  -0.0093 0.0001  4    GHP A C   
34  O  O   . GHP A 4 ? 0.0659 0.1041 0.0531 0.0202  -0.0082 -0.0160 4    GHP A O   
35  C  C1  . GHP A 4 ? 0.0540 0.0744 0.0603 0.0078  -0.0065 0.0016  4    GHP A C1  
36  C  C2  . GHP A 4 ? 0.0543 0.0791 0.0666 -0.0012 -0.0149 0.0129  4    GHP A C2  
37  C  C3  . GHP A 4 ? 0.0662 0.0838 0.0676 -0.0076 -0.0202 0.0164  4    GHP A C3  
38  C  C4  . GHP A 4 ? 0.0612 0.0827 0.0598 -0.0079 -0.0117 0.0136  4    GHP A C4  
39  O  O4  . GHP A 4 ? 0.0648 0.0949 0.0775 -0.0129 -0.0150 0.0161  4    GHP A O4  
40  C  C5  . GHP A 4 ? 0.0493 0.1012 0.0673 -0.0017 -0.0118 0.0159  4    GHP A C5  
41  C  C6  . GHP A 4 ? 0.0455 0.0872 0.0717 0.0045  -0.0071 0.0148  4    GHP A C6  
42  N  N   . GHP A 5 ? 0.0558 0.0612 0.0496 0.0090  -0.0110 -0.0081 5    GHP A N   
43  C  CA  . GHP A 5 ? 0.0568 0.0602 0.0583 0.0126  -0.0134 -0.0012 5    GHP A CA  
44  C  C   . GHP A 5 ? 0.0580 0.0642 0.0647 0.0061  -0.0212 -0.0128 5    GHP A C   
45  O  O   . GHP A 5 ? 0.0632 0.0809 0.0685 0.0289  -0.0183 -0.0088 5    GHP A O   
46  C  C1  . GHP A 5 ? 0.0665 0.0594 0.0574 0.0103  -0.0176 0.0005  5    GHP A C1  
47  C  C2  . GHP A 5 ? 0.0548 0.0644 0.0538 0.0109  -0.0090 -0.0021 5    GHP A C2  
48  C  C3  . GHP A 5 ? 0.0714 0.0598 0.0551 0.0143  -0.0156 -0.0048 5    GHP A C3  
49  C  C4  . GHP A 5 ? 0.0899 0.0681 0.0637 -0.0049 -0.0098 -0.0069 5    GHP A C4  
50  O  O4  . GHP A 5 ? 0.1211 0.0984 0.0814 -0.0281 -0.0139 -0.0185 5    GHP A O4  
51  C  C5  . GHP A 5 ? 0.0855 0.0829 0.0562 -0.0079 -0.0090 -0.0045 5    GHP A C5  
52  C  C6  . GHP A 5 ? 0.0769 0.0689 0.0533 0.0055  -0.0053 -0.0033 5    GHP A C6  
53  N  N   . OMX A 6 ? 0.0555 0.0736 0.0680 0.0144  -0.0222 -0.0092 6    OMX A N   
54  C  CA  . OMX A 6 ? 0.0589 0.0714 0.0599 0.0108  -0.0135 -0.0062 6    OMX A CA  
55  C  C   . OMX A 6 ? 0.0615 0.0713 0.0739 0.0166  -0.0200 -0.0067 6    OMX A C   
56  O  O   . OMX A 6 ? 0.0645 0.0814 0.0972 0.0147  -0.0213 -0.0256 6    OMX A O   
57  C  CB  . OMX A 6 ? 0.0674 0.0762 0.0719 0.0124  -0.0299 0.0013  6    OMX A CB  
58  O  OC  . OMX A 6 ? 0.0731 0.0686 0.0900 0.0147  -0.0356 -0.0048 6    OMX A OC  
59  C  CG  . OMX A 6 ? 0.0708 0.0777 0.0643 0.0015  -0.0282 0.0046  6    OMX A CG  
60  C  CD1 . OMX A 6 ? 0.0664 0.0793 0.0805 0.0095  -0.0194 0.0010  6    OMX A CD1 
61  C  CD2 . OMX A 6 ? 0.0665 0.0869 0.0717 -0.0046 -0.0136 0.0032  6    OMX A CD2 
62  C  CE1 . OMX A 6 ? 0.0740 0.0766 0.0781 0.0061  -0.0318 -0.0033 6    OMX A CE1 
63  C  CE2 . OMX A 6 ? 0.0616 0.0906 0.0865 -0.0005 -0.0099 0.0071  6    OMX A CE2 
64  C  CZ  . OMX A 6 ? 0.0722 0.0805 0.0730 -0.0165 -0.0303 0.0168  6    OMX A CZ  
65  O  OH  . OMX A 6 ? 0.0723 0.0764 0.0931 -0.0137 -0.0367 0.0183  6    OMX A OH  
66  N  N   . 3FG A 7 ? 0.0707 0.0734 0.0629 0.0124  -0.0207 -0.0076 7    3FG A N   
67  O  OD1 . 3FG A 7 ? 0.1360 0.0973 0.0675 0.0521  -0.0269 -0.0086 7    3FG A OD1 
68  C  CD1 . 3FG A 7 ? 0.1037 0.0732 0.0576 0.0235  -0.0220 -0.0068 7    3FG A CD1 
69  C  CG1 . 3FG A 7 ? 0.0682 0.0749 0.0597 0.0183  -0.0170 -0.0082 7    3FG A CG1 
70  C  CZ  . 3FG A 7 ? 0.1179 0.0824 0.0705 0.0411  -0.0204 -0.0213 7    3FG A CZ  
71  C  CD2 . 3FG A 7 ? 0.1165 0.0916 0.0558 0.0363  -0.0251 -0.0214 7    3FG A CD2 
72  O  OD2 . 3FG A 7 ? 0.1532 0.1299 0.0721 0.0659  -0.0155 -0.0177 7    3FG A OD2 
73  C  CG2 . 3FG A 7 ? 0.0819 0.0987 0.0553 0.0299  -0.0168 -0.0003 7    3FG A CG2 
74  C  CB  . 3FG A 7 ? 0.0724 0.0707 0.0601 0.0141  -0.0109 -0.0070 7    3FG A CB  
75  C  CA  . 3FG A 7 ? 0.0631 0.0669 0.0631 0.0099  -0.0171 -0.0041 7    3FG A CA  
76  C  C   . 3FG A 7 ? 0.0585 0.0714 0.0725 0.0104  -0.0159 -0.0080 7    3FG A C   
77  O  O   . 3FG A 7 ? 0.0844 0.0893 0.0780 0.0050  -0.0284 0.0083  7    3FG A O   
78  O  OXT . 3FG A 7 ? 0.0793 0.0840 0.0854 0.0057  -0.0333 0.0002  7    3FG A OXT 
79  N  N   . MLU B 1 ? 0.1806 0.2043 0.0958 0.1088  -0.0342 -0.0438 1    MLU B N   
80  C  CN  . MLU B 1 ? 0.2841 0.1398 0.1899 0.0802  -0.1143 -0.0293 1    MLU B CN  
81  C  CA  . MLU B 1 ? 0.1234 0.1517 0.0875 0.0664  -0.0266 -0.0211 1    MLU B CA  
82  C  C   . MLU B 1 ? 0.1072 0.1429 0.0837 0.0691  -0.0323 -0.0184 1    MLU B C   
83  O  O   . MLU B 1 ? 0.1114 0.1742 0.0933 0.0894  -0.0282 -0.0202 1    MLU B O   
84  C  CB  . MLU B 1 ? 0.1604 0.2389 0.1018 0.0669  -0.0155 0.0269  1    MLU B CB  
85  C  CG  . MLU B 1 ? 0.1955 0.4363 0.1000 0.0873  -0.0111 0.0617  1    MLU B CG  
86  C  CD1 . MLU B 1 ? 0.2223 0.4129 0.1149 0.1140  -0.0684 0.0067  1    MLU B CD1 
87  C  CD2 . MLU B 1 ? 0.2809 0.5571 0.1893 0.0577  0.0276  0.1787  1    MLU B CD2 
88  N  N   . OMZ B 2 ? 0.0968 0.1166 0.0851 0.0568  -0.0390 -0.0255 2    OMZ B N   
89  C  CA  . OMZ B 2 ? 0.0864 0.1248 0.0864 0.0444  -0.0379 -0.0282 2    OMZ B CA  
90  C  C   . OMZ B 2 ? 0.0748 0.1185 0.0929 0.0370  -0.0338 -0.0312 2    OMZ B C   
91  O  O   . OMZ B 2 ? 0.1054 0.1553 0.1023 0.0307  -0.0327 -0.0604 2    OMZ B O   
92  C  CB  . OMZ B 2 ? 0.0961 0.1211 0.0987 0.0476  -0.0468 -0.0157 2    OMZ B CB  
93  O  OC  . OMZ B 2 ? 0.1123 0.1304 0.1208 0.0694  -0.0399 -0.0062 2    OMZ B OC  
94  C  CG  . OMZ B 2 ? 0.0932 0.0970 0.0826 0.0413  -0.0352 -0.0042 2    OMZ B CG  
95  C  CD1 . OMZ B 2 ? 0.0926 0.0947 0.0843 0.0298  -0.0252 -0.0023 2    OMZ B CD1 
96  C  CD2 . OMZ B 2 ? 0.1057 0.1186 0.0798 0.0474  -0.0361 -0.0181 2    OMZ B CD2 
97  C  CE1 . OMZ B 2 ? 0.0862 0.0881 0.0942 0.0149  -0.0161 -0.0017 2    OMZ B CE1 
98  CL CL  . OMZ B 2 ? 0.1239 0.1398 0.1294 0.0058  -0.0041 -0.0108 2    OMZ B CL  
99  C  CE2 . OMZ B 2 ? 0.1023 0.0865 0.0909 0.0324  -0.0377 -0.0089 2    OMZ B CE2 
100 C  CZ  . OMZ B 2 ? 0.0863 0.0715 0.0925 0.0211  -0.0200 0.0096  2    OMZ B CZ  
101 O  OH  . OMZ B 2 ? 0.0886 0.0694 0.1153 0.0132  -0.0207 0.0116  2    OMZ B OH  
102 N  N   . ASN B 3 ? 0.0764 0.1133 0.1150 0.0483  -0.0372 -0.0346 3    ASN B N   
103 C  CA  . ASN B 3 ? 0.0629 0.1086 0.1187 0.0366  -0.0275 -0.0370 3    ASN B CA  
104 C  C   . ASN B 3 ? 0.0670 0.0822 0.1001 0.0285  -0.0279 -0.0164 3    ASN B C   
105 O  O   . ASN B 3 ? 0.0816 0.1224 0.0951 0.0382  -0.0357 -0.0358 3    ASN B O   
106 C  CB  A ASN B 3 ? 0.0612 0.1348 0.1588 0.0174  -0.0178 -0.0358 3    ASN B CB  
107 C  CB  B ASN B 3 ? 0.0668 0.1119 0.1290 0.0128  -0.0240 -0.0519 3    ASN B CB  
108 C  CG  A ASN B 3 ? 0.0688 0.1438 0.1501 0.0032  0.0068  -0.0193 3    ASN B CG  
109 C  CG  B ASN B 3 ? 0.0669 0.2443 0.0885 0.0074  -0.0175 -0.0029 3    ASN B CG  
110 O  OD1 A ASN B 3 ? 0.1114 0.1830 0.1295 0.0395  -0.0246 -0.0316 3    ASN B OD1 
111 O  OD1 B ASN B 3 ? 0.0907 0.3787 0.1207 0.0094  -0.0023 0.0645  3    ASN B OD1 
112 N  ND2 A ASN B 3 ? 0.2104 0.1608 0.1558 -0.0229 0.0023  0.0255  3    ASN B ND2 
113 N  ND2 B ASN B 3 ? 0.1096 0.6717 0.0793 -0.0995 -0.0338 0.0350  3    ASN B ND2 
114 N  N   . GHP B 4 ? 0.0561 0.0786 0.0870 0.0247  -0.0212 -0.0131 4    GHP B N   
115 C  CA  . GHP B 4 ? 0.0549 0.0710 0.0724 0.0185  -0.0122 -0.0083 4    GHP B CA  
116 C  C   . GHP B 4 ? 0.0456 0.0668 0.0763 0.0126  -0.0108 -0.0107 4    GHP B C   
117 O  O   . GHP B 4 ? 0.0815 0.0876 0.0722 0.0357  -0.0048 -0.0205 4    GHP B O   
118 C  C1  . GHP B 4 ? 0.0542 0.0711 0.0700 0.0149  -0.0114 0.0001  4    GHP B C1  
119 C  C2  . GHP B 4 ? 0.0604 0.0650 0.0826 0.0138  -0.0156 0.0105  4    GHP B C2  
120 C  C3  . GHP B 4 ? 0.0605 0.0713 0.0819 0.0074  -0.0180 0.0051  4    GHP B C3  
121 C  C4  . GHP B 4 ? 0.0776 0.0698 0.0779 0.0055  -0.0187 0.0056  4    GHP B C4  
122 O  O4  . GHP B 4 ? 0.0763 0.0727 0.1019 -0.0033 -0.0164 0.0005  4    GHP B O4  
123 C  C5  . GHP B 4 ? 0.0778 0.0666 0.0791 0.0098  -0.0236 0.0041  4    GHP B C5  
124 C  C6  . GHP B 4 ? 0.0630 0.0767 0.0815 0.0144  -0.0142 0.0045  4    GHP B C6  
125 N  N   . GHP B 5 ? 0.0510 0.0648 0.0579 0.0117  -0.0109 -0.0110 5    GHP B N   
126 C  CA  . GHP B 5 ? 0.0545 0.0646 0.0644 0.0145  -0.0098 -0.0135 5    GHP B CA  
127 C  C   . GHP B 5 ? 0.0466 0.0694 0.0601 0.0114  -0.0023 -0.0074 5    GHP B C   
128 O  O   . GHP B 5 ? 0.0559 0.0959 0.0650 0.0229  -0.0064 -0.0168 5    GHP B O   
129 C  C1  . GHP B 5 ? 0.0463 0.0679 0.0738 0.0170  -0.0048 -0.0094 5    GHP B C1  
130 C  C2  . GHP B 5 ? 0.0474 0.0660 0.0687 0.0145  -0.0034 -0.0139 5    GHP B C2  
131 C  C3  . GHP B 5 ? 0.0588 0.0718 0.0741 0.0132  0.0022  -0.0149 5    GHP B C3  
132 C  C4  . GHP B 5 ? 0.0718 0.0717 0.0842 -0.0002 0.0172  -0.0069 5    GHP B C4  
133 O  O4  . GHP B 5 ? 0.0980 0.0885 0.1179 -0.0159 0.0246  -0.0138 5    GHP B O4  
134 C  C5  . GHP B 5 ? 0.0700 0.0847 0.0859 0.0036  0.0064  -0.0263 5    GHP B C5  
135 C  C6  . GHP B 5 ? 0.0587 0.0758 0.0700 0.0052  -0.0010 -0.0178 5    GHP B C6  
136 N  N   . OMX B 6 ? 0.0495 0.0690 0.0600 0.0191  -0.0080 -0.0111 6    OMX B N   
137 C  CA  . OMX B 6 ? 0.0495 0.0702 0.0614 0.0157  -0.0071 -0.0098 6    OMX B CA  
138 C  C   . OMX B 6 ? 0.0511 0.0819 0.0632 0.0170  -0.0073 -0.0026 6    OMX B C   
139 O  O   . OMX B 6 ? 0.0744 0.0708 0.0839 0.0214  -0.0003 -0.0047 6    OMX B O   
140 C  CB  . OMX B 6 ? 0.0565 0.0706 0.0661 0.0189  -0.0166 -0.0078 6    OMX B CB  
141 O  OC  . OMX B 6 ? 0.0479 0.0740 0.0730 0.0137  -0.0179 -0.0071 6    OMX B OC  
142 C  CG  . OMX B 6 ? 0.0531 0.0759 0.0661 0.0095  -0.0165 -0.0002 6    OMX B CG  
143 C  CD1 . OMX B 6 ? 0.0513 0.0783 0.0717 0.0115  -0.0170 -0.0021 6    OMX B CD1 
144 C  CD2 . OMX B 6 ? 0.0608 0.0773 0.0743 0.0153  -0.0105 -0.0068 6    OMX B CD2 
145 C  CE1 . OMX B 6 ? 0.0501 0.0788 0.0785 0.0030  -0.0095 0.0034  6    OMX B CE1 
146 C  CE2 . OMX B 6 ? 0.0656 0.0660 0.0915 0.0111  -0.0134 0.0000  6    OMX B CE2 
147 C  CZ  . OMX B 6 ? 0.0591 0.0690 0.0806 -0.0012 -0.0145 0.0035  6    OMX B CZ  
148 O  OH  . OMX B 6 ? 0.0599 0.0838 0.0942 0.0048  -0.0177 0.0179  6    OMX B OH  
149 N  N   . 3FG B 7 ? 0.0716 0.0769 0.0691 0.0200  -0.0012 -0.0064 7    3FG B N   
150 O  OD1 . 3FG B 7 ? 0.0713 0.1332 0.0933 0.0303  -0.0027 -0.0273 7    3FG B OD1 
151 C  CD1 . 3FG B 7 ? 0.0754 0.0857 0.0778 0.0223  0.0069  -0.0091 7    3FG B CD1 
152 C  CG1 . 3FG B 7 ? 0.0615 0.0692 0.0804 0.0053  0.0148  -0.0042 7    3FG B CG1 
153 C  CZ  . 3FG B 7 ? 0.0742 0.0886 0.0819 0.0155  0.0118  -0.0089 7    3FG B CZ  
154 C  CD2 . 3FG B 7 ? 0.0918 0.0784 0.0724 0.0149  0.0157  -0.0033 7    3FG B CD2 
155 O  OD2 . 3FG B 7 ? 0.0998 0.0981 0.0760 0.0255  0.0117  -0.0163 7    3FG B OD2 
156 C  CG2 . 3FG B 7 ? 0.0822 0.0861 0.0698 0.0139  0.0049  -0.0032 7    3FG B CG2 
157 C  CB  . 3FG B 7 ? 0.0721 0.0709 0.0733 0.0064  0.0073  -0.0126 7    3FG B CB  
158 C  CA  . 3FG B 7 ? 0.0669 0.0821 0.0804 0.0135  0.0059  -0.0070 7    3FG B CA  
159 C  C   . 3FG B 7 ? 0.0901 0.1181 0.0796 0.0258  0.0105  0.0114  7    3FG B C   
160 O  O   . 3FG B 7 ? 0.1044 0.1645 0.0981 0.0239  -0.0115 0.0049  7    3FG B O   
161 O  OXT . 3FG B 7 ? 0.1192 0.1270 0.1303 0.0237  0.0191  0.0433  7    3FG B OXT 
162 N  N   A MLU C 1 ? 0.1173 0.1328 0.0901 0.0348  0.0086  -0.0140 1    MLU C N   
163 N  N   B MLU C 1 ? 0.0873 0.1260 0.0958 0.0206  0.0133  -0.0088 1    MLU C N   
164 C  CN  A MLU C 1 ? 0.1358 0.2219 0.1321 0.0713  0.0447  0.0033  1    MLU C CN  
165 C  CN  B MLU C 1 ? 0.1563 0.1466 0.1275 -0.0283 0.0359  0.0199  1    MLU C CN  
166 C  CA  . MLU C 1 ? 0.0987 0.1206 0.0884 0.0270  0.0028  -0.0096 1    MLU C CA  
167 C  C   . MLU C 1 ? 0.0897 0.1036 0.0739 0.0149  -0.0154 -0.0185 1    MLU C C   
168 O  O   . MLU C 1 ? 0.0959 0.1199 0.1207 0.0227  -0.0338 -0.0479 1    MLU C O   
169 C  CB  . MLU C 1 ? 0.1019 0.1105 0.1195 0.0222  -0.0103 -0.0014 1    MLU C CB  
170 C  CG  . MLU C 1 ? 0.1133 0.0788 0.1297 0.0177  0.0019  -0.0023 1    MLU C CG  
171 C  CD1 . MLU C 1 ? 0.0978 0.1159 0.1886 0.0103  0.0058  0.0264  1    MLU C CD1 
172 C  CD2 . MLU C 1 ? 0.2017 0.1405 0.1358 -0.0424 -0.0480 0.0178  1    MLU C CD2 
173 N  N   . OMZ C 2 ? 0.0799 0.0851 0.0634 0.0051  -0.0072 -0.0019 2    OMZ C N   
174 C  CA  . OMZ C 2 ? 0.0716 0.0858 0.0616 0.0042  -0.0045 0.0009  2    OMZ C CA  
175 C  C   . OMZ C 2 ? 0.0643 0.0720 0.0602 0.0034  -0.0115 -0.0032 2    OMZ C C   
176 O  O   . OMZ C 2 ? 0.0749 0.0832 0.0724 0.0197  -0.0103 -0.0034 2    OMZ C O   
177 C  CB  . OMZ C 2 ? 0.0952 0.0910 0.0566 0.0098  -0.0237 -0.0027 2    OMZ C CB  
178 O  OC  . OMZ C 2 ? 0.1323 0.1137 0.0583 0.0004  -0.0141 -0.0056 2    OMZ C OC  
179 C  CG  . OMZ C 2 ? 0.0976 0.0740 0.0603 0.0093  -0.0122 0.0100  2    OMZ C CG  
180 C  CD1 . OMZ C 2 ? 0.0914 0.0920 0.0636 0.0114  -0.0085 -0.0050 2    OMZ C CD1 
181 C  CD2 . OMZ C 2 ? 0.1072 0.1040 0.0627 0.0030  -0.0020 0.0032  2    OMZ C CD2 
182 C  CE1 . OMZ C 2 ? 0.1029 0.0916 0.0681 -0.0070 -0.0060 0.0071  2    OMZ C CE1 
183 CL CL  . OMZ C 2 ? 0.1748 0.1490 0.1495 0.0023  0.0048  -0.0197 2    OMZ C CL  
184 C  CE2 . OMZ C 2 ? 0.0968 0.1014 0.0779 -0.0035 -0.0023 0.0097  2    OMZ C CE2 
185 C  CZ  . OMZ C 2 ? 0.1057 0.0775 0.0731 -0.0130 -0.0080 0.0100  2    OMZ C CZ  
186 O  OH  . OMZ C 2 ? 0.1272 0.0927 0.0735 -0.0188 -0.0264 0.0107  2    OMZ C OH  
187 N  N   . ASN C 3 ? 0.0680 0.0782 0.0530 0.0163  -0.0071 -0.0079 3    ASN C N   
188 C  CA  . ASN C 3 ? 0.0640 0.0713 0.0580 0.0077  -0.0120 -0.0013 3    ASN C CA  
189 C  C   . ASN C 3 ? 0.0614 0.0735 0.0556 0.0146  -0.0042 -0.0065 3    ASN C C   
190 O  O   . ASN C 3 ? 0.0685 0.1012 0.0818 0.0112  -0.0049 -0.0230 3    ASN C O   
191 C  CB  . ASN C 3 ? 0.0763 0.0749 0.0619 0.0068  -0.0118 -0.0025 3    ASN C CB  
192 C  CG  . ASN C 3 ? 0.0830 0.0727 0.0653 0.0025  -0.0183 -0.0057 3    ASN C CG  
193 O  OD1 . ASN C 3 ? 0.1133 0.0976 0.0959 -0.0155 -0.0588 0.0079  3    ASN C OD1 
194 N  ND2 . ASN C 3 ? 0.0922 0.0801 0.1048 0.0012  -0.0214 0.0164  3    ASN C ND2 
195 N  N   . GHP C 4 ? 0.0701 0.0694 0.0594 0.0032  -0.0075 -0.0066 4    GHP C N   
196 C  CA  . GHP C 4 ? 0.0695 0.0645 0.0652 0.0014  -0.0002 -0.0106 4    GHP C CA  
197 C  C   . GHP C 4 ? 0.0670 0.0564 0.0766 0.0005  -0.0033 -0.0074 4    GHP C C   
198 O  O   . GHP C 4 ? 0.0729 0.1027 0.0816 0.0156  0.0098  -0.0130 4    GHP C O   
199 C  C1  . GHP C 4 ? 0.0635 0.0729 0.0668 -0.0032 -0.0032 -0.0024 4    GHP C C1  
200 C  C2  . GHP C 4 ? 0.0753 0.0715 0.0782 -0.0003 -0.0095 0.0005  4    GHP C C2  
201 C  C3  . GHP C 4 ? 0.0599 0.0733 0.0925 -0.0047 -0.0043 0.0023  4    GHP C C3  
202 C  C4  . GHP C 4 ? 0.0707 0.0730 0.0828 -0.0021 0.0002  0.0108  4    GHP C C4  
203 O  O4  . GHP C 4 ? 0.0943 0.0816 0.0896 -0.0123 0.0006  0.0093  4    GHP C O4  
204 C  C5  . GHP C 4 ? 0.0947 0.0858 0.0670 -0.0121 -0.0056 0.0056  4    GHP C C5  
205 C  C6  . GHP C 4 ? 0.0853 0.0708 0.0623 -0.0032 -0.0023 -0.0052 4    GHP C C6  
206 N  N   . GHP C 5 ? 0.0629 0.0726 0.0749 0.0139  -0.0014 0.0007  5    GHP C N   
207 C  CA  . GHP C 5 ? 0.0576 0.0699 0.0829 0.0053  -0.0009 0.0000  5    GHP C CA  
208 C  C   . GHP C 5 ? 0.0569 0.0760 0.0904 0.0097  -0.0134 -0.0011 5    GHP C C   
209 O  O   . GHP C 5 ? 0.0597 0.0990 0.0775 0.0144  -0.0150 -0.0156 5    GHP C O   
210 C  C1  . GHP C 5 ? 0.0666 0.0699 0.0714 0.0107  -0.0107 -0.0056 5    GHP C C1  
211 C  C2  . GHP C 5 ? 0.0810 0.0905 0.0876 0.0227  0.0040  0.0064  5    GHP C C2  
212 C  C3  . GHP C 5 ? 0.0792 0.0865 0.0912 0.0273  -0.0084 0.0018  5    GHP C C3  
213 C  C4  . GHP C 5 ? 0.0801 0.0728 0.0855 0.0154  -0.0229 -0.0062 5    GHP C C4  
214 O  O4  . GHP C 5 ? 0.0897 0.0805 0.1107 0.0184  -0.0175 0.0089  5    GHP C O4  
215 C  C5  . GHP C 5 ? 0.0713 0.0775 0.0766 0.0074  -0.0189 -0.0086 5    GHP C C5  
216 C  C6  . GHP C 5 ? 0.0640 0.0717 0.0647 0.0068  -0.0145 -0.0063 5    GHP C C6  
217 N  N   . OMX C 6 ? 0.0574 0.0802 0.0945 0.0039  -0.0163 -0.0024 6    OMX C N   
218 C  CA  . OMX C 6 ? 0.0522 0.0928 0.1272 0.0124  -0.0162 0.0069  6    OMX C CA  
219 C  C   . OMX C 6 ? 0.0581 0.1111 0.1319 0.0157  -0.0024 0.0244  6    OMX C C   
220 O  O   . OMX C 6 ? 0.0905 0.1236 0.1289 0.0147  -0.0169 0.0202  6    OMX C O   
221 C  CB  . OMX C 6 ? 0.0530 0.1091 0.1315 0.0042  -0.0096 0.0182  6    OMX C CB  
222 O  OC  . OMX C 6 ? 0.0742 0.1005 0.1450 -0.0032 -0.0354 0.0134  6    OMX C OC  
223 C  CG  . OMX C 6 ? 0.0585 0.0866 0.1172 -0.0017 -0.0113 0.0034  6    OMX C CG  
224 C  CD1 . OMX C 6 ? 0.0752 0.0929 0.1128 0.0030  -0.0143 0.0069  6    OMX C CD1 
225 C  CD2 . OMX C 6 ? 0.0723 0.0905 0.1176 0.0028  0.0012  0.0054  6    OMX C CD2 
226 C  CE1 . OMX C 6 ? 0.0750 0.0707 0.1189 0.0049  -0.0225 -0.0038 6    OMX C CE1 
227 C  CE2 . OMX C 6 ? 0.0884 0.0834 0.1091 0.0044  -0.0072 -0.0003 6    OMX C CE2 
228 C  CZ  . OMX C 6 ? 0.0642 0.0753 0.1095 -0.0071 -0.0121 0.0125  6    OMX C CZ  
229 O  OH  . OMX C 6 ? 0.0771 0.0759 0.1079 -0.0078 -0.0168 0.0098  6    OMX C OH  
230 N  N   . 3FG C 7 ? 0.0645 0.0970 0.1825 0.0199  0.0105  0.0311  7    3FG C N   
231 O  OD1 . 3FG C 7 ? 0.2599 0.1305 0.1328 0.0531  0.0039  -0.0371 7    3FG C OD1 
232 C  CD1 . 3FG C 7 ? 0.1923 0.1048 0.1232 0.0750  0.0320  0.0063  7    3FG C CD1 
233 C  CG1 . 3FG C 7 ? 0.1081 0.0911 0.1212 0.0508  0.0209  0.0135  7    3FG C CG1 
234 C  CZ  . 3FG C 7 ? 0.2452 0.1297 0.1784 0.1137  0.0862  0.0218  7    3FG C CZ  
235 C  CD2 . 3FG C 7 ? 0.1816 0.1537 0.2372 0.0988  0.1206  0.0806  7    3FG C CD2 
236 O  OD2 . 3FG C 7 ? 0.2271 0.1775 0.3776 0.1349  0.2042  0.1240  7    3FG C OD2 
237 C  CG2 . 3FG C 7 ? 0.1042 0.1328 0.2456 0.0641  0.0600  0.0823  7    3FG C CG2 
238 C  CB  . 3FG C 7 ? 0.0829 0.1097 0.1730 0.0362  0.0276  0.0411  7    3FG C CB  
239 C  CA  . 3FG C 7 ? 0.0788 0.1029 0.1891 0.0231  -0.0243 0.0330  7    3FG C CA  
240 C  C   . 3FG C 7 ? 0.0949 0.1533 0.2669 0.0379  -0.0595 0.0242  7    3FG C C   
241 O  O   . 3FG C 7 ? 0.0816 0.1969 0.4080 0.0143  -0.0686 0.0032  7    3FG C O   
242 O  OXT . 3FG C 7 ? 0.1660 0.1988 0.2639 0.0668  -0.1016 0.0321  7    3FG C OXT 
243 N  N   . MLU D 1 ? 0.3397 0.3007 0.2862 -0.0098 0.0061  -0.1303 1    MLU D N   
244 C  CN  . MLU D 1 ? 0.4119 0.3050 0.3907 -0.0460 0.0509  -0.1559 1    MLU D CN  
245 C  CA  . MLU D 1 ? 0.2771 0.3022 0.2663 -0.0276 0.0445  -0.1231 1    MLU D CA  
246 C  C   . MLU D 1 ? 0.2768 0.2794 0.1875 -0.0387 0.0162  -0.0688 1    MLU D C   
247 O  O   . MLU D 1 ? 0.3930 0.2491 0.1793 -0.0149 -0.0157 -0.0725 1    MLU D O   
248 C  CB  . MLU D 1 ? 0.2541 0.3109 0.3289 -0.0252 0.0096  -0.0954 1    MLU D CB  
249 C  CG  . MLU D 1 ? 0.2535 0.3497 0.4006 -0.0167 0.0080  -0.1174 1    MLU D CG  
250 C  CD1 . MLU D 1 ? 0.2695 0.4069 0.4231 0.0133  -0.0498 -0.1819 1    MLU D CD1 
251 C  CD2 . MLU D 1 ? 0.2852 0.5053 0.5322 -0.1205 0.0425  -0.0875 1    MLU D CD2 
252 N  N   . OMZ D 2 ? 0.2452 0.2322 0.1796 -0.0005 -0.0197 -0.0792 2    OMZ D N   
253 C  CA  . OMZ D 2 ? 0.2171 0.2121 0.1416 -0.0074 -0.0700 -0.0620 2    OMZ D CA  
254 C  C   . OMZ D 2 ? 0.1764 0.1904 0.1481 -0.0116 -0.0525 -0.0375 2    OMZ D C   
255 O  O   . OMZ D 2 ? 0.1682 0.1718 0.1818 -0.0230 -0.0361 -0.0096 2    OMZ D O   
256 C  CB  . OMZ D 2 ? 0.2176 0.1944 0.1807 -0.0225 -0.0924 -0.0627 2    OMZ D CB  
257 O  OC  . OMZ D 2 ? 0.3110 0.2160 0.2140 -0.0172 -0.1207 -0.0925 2    OMZ D OC  
258 C  CG  . OMZ D 2 ? 0.1729 0.1646 0.1827 -0.0286 -0.0867 -0.0521 2    OMZ D CG  
259 C  CD1 . OMZ D 2 ? 0.1360 0.1459 0.1800 -0.0341 -0.0549 -0.0005 2    OMZ D CD1 
260 C  CD2 . OMZ D 2 ? 0.1944 0.1827 0.1885 -0.0004 -0.0717 -0.0617 2    OMZ D CD2 
261 C  CE1 . OMZ D 2 ? 0.1099 0.1279 0.1705 -0.0178 -0.0286 -0.0227 2    OMZ D CE1 
262 CL CL  . OMZ D 2 ? 0.1684 0.1923 0.2573 0.0008  -0.0200 0.0334  2    OMZ D CL  
263 C  CE2 . OMZ D 2 ? 0.1734 0.1486 0.1867 0.0271  -0.0670 -0.0666 2    OMZ D CE2 
264 C  CZ  . OMZ D 2 ? 0.1239 0.1161 0.1700 -0.0206 -0.0527 -0.0312 2    OMZ D CZ  
265 O  OH  . OMZ D 2 ? 0.1242 0.1087 0.1560 -0.0274 -0.0411 -0.0217 2    OMZ D OH  
266 N  N   . ASN D 3 ? 0.1518 0.1819 0.1276 0.0206  -0.0565 -0.0528 3    ASN D N   
267 C  CA  . ASN D 3 ? 0.1345 0.1517 0.1127 0.0292  -0.0421 -0.0210 3    ASN D CA  
268 C  C   . ASN D 3 ? 0.0953 0.1377 0.1095 0.0075  -0.0329 -0.0241 3    ASN D C   
269 O  O   . ASN D 3 ? 0.1049 0.1561 0.1300 0.0459  -0.0515 -0.0303 3    ASN D O   
270 C  CB  . ASN D 3 ? 0.1679 0.1982 0.1080 0.0062  -0.0379 -0.0076 3    ASN D CB  
271 C  CG  . ASN D 3 ? 0.1639 0.2366 0.1596 0.0122  -0.0016 0.0267  3    ASN D CG  
272 O  OD1 . ASN D 3 ? 0.1713 0.2561 0.3445 -0.0421 0.0023  0.0081  3    ASN D OD1 
273 N  ND2 . ASN D 3 ? 0.1953 0.4059 0.1767 0.0637  -0.0329 -0.1124 3    ASN D ND2 
274 N  N   . GHP D 4 ? 0.0807 0.1121 0.0932 0.0029  -0.0258 -0.0330 4    GHP D N   
275 C  CA  . GHP D 4 ? 0.0734 0.0957 0.0917 -0.0017 -0.0164 -0.0259 4    GHP D CA  
276 C  C   . GHP D 4 ? 0.0660 0.1084 0.0728 0.0083  -0.0080 -0.0303 4    GHP D C   
277 O  O   . GHP D 4 ? 0.0846 0.1254 0.1189 -0.0008 -0.0015 -0.0572 4    GHP D O   
278 C  C1  . GHP D 4 ? 0.0776 0.0811 0.0982 0.0082  -0.0136 -0.0235 4    GHP D C1  
279 C  C2  . GHP D 4 ? 0.0641 0.0897 0.0992 -0.0006 -0.0146 -0.0243 4    GHP D C2  
280 C  C3  . GHP D 4 ? 0.0731 0.0923 0.0990 -0.0008 -0.0174 -0.0186 4    GHP D C3  
281 C  C4  . GHP D 4 ? 0.0811 0.0903 0.1181 -0.0015 -0.0100 -0.0182 4    GHP D C4  
282 O  O4  . GHP D 4 ? 0.1066 0.0828 0.1348 -0.0013 -0.0172 -0.0176 4    GHP D O4  
283 C  C5  . GHP D 4 ? 0.0958 0.0871 0.1308 -0.0089 -0.0247 -0.0225 4    GHP D C5  
284 C  C6  . GHP D 4 ? 0.0897 0.0952 0.1074 -0.0034 -0.0239 -0.0320 4    GHP D C6  
285 N  N   . GHP D 5 ? 0.0526 0.0867 0.0701 0.0119  -0.0100 -0.0117 5    GHP D N   
286 C  CA  . GHP D 5 ? 0.0543 0.0776 0.0673 0.0136  -0.0116 -0.0115 5    GHP D CA  
287 C  C   . GHP D 5 ? 0.0539 0.0824 0.0564 0.0061  -0.0083 -0.0063 5    GHP D C   
288 O  O   . GHP D 5 ? 0.0589 0.1054 0.0635 0.0208  -0.0060 -0.0121 5    GHP D O   
289 C  C1  . GHP D 5 ? 0.0504 0.0772 0.0555 0.0095  -0.0104 -0.0182 5    GHP D C1  
290 C  C2  . GHP D 5 ? 0.0645 0.0736 0.0661 0.0150  0.0028  -0.0124 5    GHP D C2  
291 C  C3  . GHP D 5 ? 0.0590 0.0742 0.0632 0.0092  0.0002  -0.0140 5    GHP D C3  
292 C  C4  . GHP D 5 ? 0.0812 0.0779 0.0554 0.0209  0.0073  -0.0075 5    GHP D C4  
293 O  O4  . GHP D 5 ? 0.1009 0.0902 0.0795 0.0190  0.0234  0.0047  5    GHP D O4  
294 C  C5  . GHP D 5 ? 0.0799 0.0836 0.0559 0.0277  -0.0005 -0.0037 5    GHP D C5  
295 C  C6  . GHP D 5 ? 0.0639 0.0838 0.0607 0.0253  -0.0032 -0.0077 5    GHP D C6  
296 N  N   . OMX D 6 ? 0.0578 0.0877 0.0604 0.0203  -0.0113 -0.0135 6    OMX D N   
297 C  CA  . OMX D 6 ? 0.0490 0.0868 0.0644 0.0145  -0.0122 -0.0180 6    OMX D CA  
298 C  C   . OMX D 6 ? 0.0623 0.0808 0.0653 0.0186  -0.0143 -0.0207 6    OMX D C   
299 O  O   . OMX D 6 ? 0.0691 0.0839 0.0997 0.0111  -0.0026 -0.0249 6    OMX D O   
300 C  CB  . OMX D 6 ? 0.0588 0.0830 0.0713 0.0129  -0.0162 -0.0197 6    OMX D CB  
301 O  OC  . OMX D 6 ? 0.0624 0.0863 0.0720 0.0195  -0.0196 -0.0110 6    OMX D OC  
302 C  CG  . OMX D 6 ? 0.0688 0.0762 0.0726 0.0141  -0.0121 -0.0087 6    OMX D CG  
303 C  CD1 . OMX D 6 ? 0.0669 0.0784 0.0778 0.0125  -0.0128 -0.0096 6    OMX D CD1 
304 C  CD2 . OMX D 6 ? 0.0697 0.0874 0.0874 0.0108  -0.0145 -0.0192 6    OMX D CD2 
305 C  CE1 . OMX D 6 ? 0.0809 0.0746 0.0859 0.0046  -0.0046 -0.0045 6    OMX D CE1 
306 C  CE2 . OMX D 6 ? 0.0795 0.0885 0.1054 0.0043  -0.0097 -0.0198 6    OMX D CE2 
307 C  CZ  . OMX D 6 ? 0.0774 0.0831 0.0901 0.0012  -0.0157 -0.0040 6    OMX D CZ  
308 O  OH  . OMX D 6 ? 0.0802 0.0991 0.0971 -0.0043 -0.0131 -0.0108 6    OMX D OH  
309 N  N   . 3FG D 7 ? 0.0659 0.0820 0.0864 0.0129  0.0023  -0.0194 7    3FG D N   
310 O  OD1 . 3FG D 7 ? 0.0995 0.1120 0.0721 0.0293  0.0067  -0.0175 7    3FG D OD1 
311 C  CD1 . 3FG D 7 ? 0.0753 0.0719 0.0843 0.0089  0.0174  -0.0160 7    3FG D CD1 
312 C  CG1 . 3FG D 7 ? 0.0665 0.0777 0.0838 0.0188  0.0081  -0.0111 7    3FG D CG1 
313 C  CZ  . 3FG D 7 ? 0.0930 0.0751 0.0923 0.0180  0.0235  -0.0099 7    3FG D CZ  
314 C  CD2 . 3FG D 7 ? 0.0723 0.0648 0.1153 0.0038  0.0283  -0.0197 7    3FG D CD2 
315 O  OD2 . 3FG D 7 ? 0.0768 0.0860 0.1367 0.0116  0.0255  -0.0255 7    3FG D OD2 
316 C  CG2 . 3FG D 7 ? 0.0632 0.0842 0.1152 0.0154  0.0067  -0.0165 7    3FG D CG2 
317 C  CB  . 3FG D 7 ? 0.0662 0.0691 0.0936 0.0037  0.0119  -0.0059 7    3FG D CB  
318 C  CA  . 3FG D 7 ? 0.0712 0.0834 0.0943 0.0116  -0.0026 -0.0180 7    3FG D CA  
319 C  C   . 3FG D 7 ? 0.0723 0.1049 0.1333 0.0047  -0.0088 -0.0152 7    3FG D C   
320 O  O   . 3FG D 7 ? 0.0798 0.1320 0.1474 0.0027  -0.0222 0.0002  7    3FG D O   
321 O  OXT . 3FG D 7 ? 0.0906 0.1296 0.1434 -0.0199 -0.0103 -0.0069 7    3FG D OXT 
322 C  C2  . BGC E . ? 0.0916 0.0970 0.0809 -0.0227 -0.0303 0.0192  1    BGC E C2  
323 C  C3  . BGC E . ? 0.1123 0.0967 0.0961 -0.0325 -0.0291 0.0111  1    BGC E C3  
324 C  C4  . BGC E . ? 0.1000 0.1102 0.0952 -0.0156 -0.0329 0.0070  1    BGC E C4  
325 C  C5  . BGC E . ? 0.0955 0.1148 0.0783 -0.0027 -0.0171 0.0048  1    BGC E C5  
326 C  C6  . BGC E . ? 0.1248 0.1489 0.0866 -0.0039 -0.0183 0.0178  1    BGC E C6  
327 C  C1  . BGC E . ? 0.0724 0.0883 0.0769 -0.0097 -0.0243 0.0153  1    BGC E C1  
328 O  O2  . BGC E . ? 0.0969 0.1041 0.0787 -0.0303 -0.0229 0.0226  1    BGC E O2  
329 O  O3  . BGC E . ? 0.1567 0.1006 0.1069 -0.0493 -0.0160 0.0103  1    BGC E O3  
330 O  O4  . BGC E . ? 0.1393 0.1236 0.1219 -0.0262 -0.0239 -0.0142 1    BGC E O4  
331 O  O5  . BGC E . ? 0.0831 0.1086 0.0735 -0.0109 -0.0254 0.0149  1    BGC E O5  
332 O  O6  . BGC E . ? 0.1290 0.1924 0.0943 0.0026  -0.0483 0.0047  1    BGC E O6  
333 C  C1  . RAM E . ? 0.1137 0.1321 0.0923 -0.0524 -0.0064 0.0192  2    RAM E C1  
334 C  C2  . RAM E . ? 0.1778 0.1115 0.0807 -0.0481 -0.0085 0.0178  2    RAM E C2  
335 C  C3  . RAM E . ? 0.1469 0.1214 0.0790 -0.0286 -0.0093 0.0066  2    RAM E C3  
336 C  C4  . RAM E . ? 0.1477 0.1150 0.0993 -0.0327 0.0049  -0.0085 2    RAM E C4  
337 C  C5  . RAM E . ? 0.1424 0.1033 0.1116 -0.0149 0.0150  0.0118  2    RAM E C5  
338 C  C6  . RAM E . ? 0.2239 0.1363 0.1721 0.0322  0.0182  0.0341  2    RAM E C6  
339 O  O2  . RAM E . ? 0.1935 0.1947 0.0876 -0.1022 -0.0093 0.0243  2    RAM E O2  
340 O  O3  . RAM E . ? 0.1684 0.1880 0.0846 -0.0188 -0.0291 0.0124  2    RAM E O3  
341 O  O4  . RAM E . ? 0.2383 0.1757 0.1305 -0.1061 0.0058  -0.0259 2    RAM E O4  
342 O  O5  . RAM E . ? 0.1021 0.1622 0.1046 -0.0116 0.0006  0.0280  2    RAM E O5  
343 C  C2  . BGC F . ? 0.1213 0.0793 0.1640 -0.0160 -0.0127 -0.0166 1    BGC F C2  
344 C  C3  . BGC F . ? 0.1764 0.1022 0.1992 -0.0324 0.0050  -0.0399 1    BGC F C3  
345 C  C4  . BGC F . ? 0.1759 0.1404 0.1831 -0.0552 -0.0139 -0.0559 1    BGC F C4  
346 C  C5  . BGC F . ? 0.1366 0.1505 0.1290 -0.0285 -0.0090 -0.0376 1    BGC F C5  
347 C  C6  A BGC F . ? 0.1226 0.1684 0.1074 -0.0147 -0.0063 -0.0595 1    BGC F C6  
348 C  C6  B BGC F . ? 0.1531 0.2732 0.1022 -0.0253 0.0027  0.0214  1    BGC F C6  
349 C  C1  . BGC F . ? 0.0888 0.0854 0.1210 0.0016  -0.0112 -0.0142 1    BGC F C1  
350 O  O2  . BGC F . ? 0.1131 0.0814 0.1772 0.0037  0.0152  0.0118  1    BGC F O2  
351 O  O3  . BGC F . ? 0.2716 0.1121 0.2734 -0.0836 0.0119  -0.0474 1    BGC F O3  
352 O  O4  . BGC F . ? 0.3142 0.1986 0.2266 -0.0787 -0.0106 -0.1096 1    BGC F O4  
353 O  O5  . BGC F . ? 0.1115 0.1070 0.1119 -0.0062 -0.0217 -0.0184 1    BGC F O5  
354 O  O6  A BGC F . ? 0.1226 0.1475 0.1103 0.0051  -0.0246 -0.0273 1    BGC F O6  
355 O  O6  B BGC F . ? 0.1703 0.2448 0.3374 0.0335  0.0588  0.0937  1    BGC F O6  
356 C  C1  . RAM F . ? 0.1071 0.0952 0.1814 0.0032  0.0232  0.0025  2    RAM F C1  
357 C  C2  . RAM F . ? 0.1212 0.1321 0.2001 0.0120  0.0357  0.0418  2    RAM F C2  
358 C  C3  . RAM F . ? 0.1253 0.1552 0.2202 0.0058  0.0071  0.0716  2    RAM F C3  
359 C  C4  . RAM F . ? 0.1119 0.1731 0.1760 -0.0245 0.0008  0.0522  2    RAM F C4  
360 C  C5  . RAM F . ? 0.1022 0.1437 0.1567 -0.0127 -0.0075 -0.0053 2    RAM F C5  
361 C  C6  . RAM F . ? 0.1265 0.1582 0.1937 -0.0260 -0.0227 -0.0553 2    RAM F C6  
362 O  O2  . RAM F . ? 0.1769 0.1487 0.2102 -0.0268 0.0528  0.0375  2    RAM F O2  
363 O  O3  . RAM F . ? 0.1733 0.2243 0.3088 0.0444  -0.0169 0.1120  2    RAM F O3  
364 O  O4  . RAM F . ? 0.1404 0.2241 0.2064 -0.0410 -0.0360 0.0667  2    RAM F O4  
365 O  O5  . RAM F . ? 0.0867 0.1173 0.1904 -0.0084 0.0007  -0.0331 2    RAM F O5  
366 C  C2  . BGC G . ? 0.0908 0.0791 0.1139 -0.0020 -0.0113 0.0222  1    BGC G C2  
367 C  C3  . BGC G . ? 0.1169 0.0778 0.1166 -0.0094 -0.0121 0.0192  1    BGC G C3  
368 C  C4  . BGC G . ? 0.1139 0.0811 0.1328 0.0152  -0.0145 0.0197  1    BGC G C4  
369 C  C5  . BGC G . ? 0.1041 0.0936 0.1284 0.0070  0.0030  0.0073  1    BGC G C5  
370 C  C6  . BGC G . ? 0.0991 0.1050 0.1837 0.0181  -0.0016 0.0063  1    BGC G C6  
371 C  C1  . BGC G . ? 0.0894 0.0730 0.0962 -0.0056 -0.0123 0.0091  1    BGC G C1  
372 O  O2  . BGC G . ? 0.0962 0.0797 0.1023 -0.0131 -0.0091 0.0211  1    BGC G O2  
373 O  O3  . BGC G . ? 0.1273 0.0815 0.1761 -0.0017 -0.0130 0.0456  1    BGC G O3  
374 O  O4  . BGC G . ? 0.1477 0.0998 0.1767 0.0240  -0.0139 0.0072  1    BGC G O4  
375 O  O5  . BGC G . ? 0.0857 0.0843 0.1155 -0.0055 -0.0062 0.0103  1    BGC G O5  
376 O  O6  . BGC G . ? 0.1129 0.1716 0.2099 0.0039  -0.0370 0.0455  1    BGC G O6  
377 C  C1  . RAM G . ? 0.1044 0.1065 0.1197 -0.0294 0.0080  0.0304  2    RAM G C1  
378 C  C2  . RAM G . ? 0.1033 0.1071 0.1190 -0.0156 -0.0009 0.0363  2    RAM G C2  
379 C  C3  . RAM G . ? 0.1028 0.1219 0.1567 -0.0051 0.0179  0.0487  2    RAM G C3  
380 C  C4  . RAM G . ? 0.1260 0.1080 0.2186 0.0081  0.0459  0.0331  2    RAM G C4  
381 C  C5  . RAM G . ? 0.1329 0.0953 0.2055 -0.0141 0.0420  0.0018  2    RAM G C5  
382 C  C6  . RAM G . ? 0.2079 0.1187 0.2682 -0.0472 0.1136  -0.0506 2    RAM G C6  
383 O  O2  . RAM G . ? 0.1160 0.1499 0.1516 -0.0202 0.0188  0.0654  2    RAM G O2  
384 O  O3  . RAM G . ? 0.1001 0.1774 0.1904 -0.0053 0.0042  0.0778  2    RAM G O3  
385 O  O4  . RAM G . ? 0.1350 0.1439 0.3992 0.0338  0.0816  0.1191  2    RAM G O4  
386 O  O5  . RAM G . ? 0.1166 0.1276 0.1279 -0.0316 0.0229  -0.0115 2    RAM G O5  
387 C  C2  . BGC H . ? 0.1668 0.0900 0.1441 0.0068  -0.0189 -0.0202 1    BGC H C2  
388 C  C3  . BGC H . ? 0.2032 0.1037 0.2136 0.0371  -0.0337 0.0010  1    BGC H C3  
389 C  C4  . BGC H . ? 0.2029 0.1029 0.2698 0.0581  -0.0575 -0.0273 1    BGC H C4  
390 C  C5  . BGC H . ? 0.1556 0.1232 0.2784 0.0465  -0.0206 -0.0377 1    BGC H C5  
391 C  C6  . BGC H . ? 0.1250 0.2265 0.3433 0.0534  -0.0037 -0.0243 1    BGC H C6  
392 C  C1  . BGC H . ? 0.1311 0.0866 0.1678 0.0117  -0.0230 -0.0228 1    BGC H C1  
393 O  O2  . BGC H . ? 0.1692 0.0952 0.1280 -0.0088 -0.0182 -0.0282 1    BGC H O2  
394 O  O3  . BGC H . ? 0.3068 0.0920 0.2793 0.0234  0.0005  0.0024  1    BGC H O3  
395 O  O4  . BGC H . ? 0.2226 0.1391 0.3381 0.0716  0.0088  -0.0282 1    BGC H O4  
396 O  O5  . BGC H . ? 0.1263 0.0943 0.2104 0.0251  -0.0301 -0.0275 1    BGC H O5  
397 O  O6  . BGC H . ? 0.1540 0.1886 0.3130 0.0284  0.0205  -0.0775 1    BGC H O6  
398 C  C1  . RAM H . ? 0.1833 0.1179 0.1024 -0.0045 -0.0141 -0.0214 2    RAM H C1  
399 C  C2  . RAM H . ? 0.2078 0.1260 0.1025 -0.0392 0.0085  -0.0207 2    RAM H C2  
400 C  C3  . RAM H . ? 0.1902 0.1704 0.1034 -0.0663 -0.0220 -0.0100 2    RAM H C3  
401 C  C4  . RAM H . ? 0.1503 0.1705 0.1092 -0.0291 -0.0118 0.0226  2    RAM H C4  
402 C  C5  . RAM H . ? 0.1621 0.1293 0.1279 -0.0006 -0.0274 -0.0093 2    RAM H C5  
403 C  C6  . RAM H . ? 0.2079 0.1805 0.2232 0.0601  -0.0511 -0.0623 2    RAM H C6  
404 O  O2  . RAM H . ? 0.2434 0.1688 0.1249 -0.0583 0.0130  0.0060  2    RAM H O2  
405 O  O3  . RAM H . ? 0.2287 0.2582 0.1465 -0.1039 -0.0351 -0.0287 2    RAM H O3  
406 O  O4  . RAM H . ? 0.2181 0.2090 0.1439 -0.0349 -0.0645 0.0449  2    RAM H O4  
407 O  O5  . RAM H . ? 0.1904 0.1270 0.0998 0.0136  -0.0296 -0.0209 2    RAM H O5  
408 C  C1  . ERE I . ? 0.0917 0.0731 0.1106 -0.0016 -0.0606 0.0100  8    ERE A C1  
409 C  C2  . ERE I . ? 0.1219 0.0668 0.1182 0.0246  -0.0746 -0.0189 8    ERE A C2  
410 C  C3  . ERE I . ? 0.0958 0.0836 0.1000 0.0323  -0.0565 -0.0267 8    ERE A C3  
411 C  C4  . ERE I . ? 0.1003 0.0738 0.0972 0.0138  -0.0583 -0.0039 8    ERE A C4  
412 C  C5  . ERE I . ? 0.0880 0.0946 0.0928 0.0097  -0.0389 -0.0055 8    ERE A C5  
413 O  O5  . ERE I . ? 0.0982 0.0917 0.1101 0.0005  -0.0506 0.0157  8    ERE A O5  
414 C  C3A . ERE I . ? 0.0722 0.1085 0.0853 0.0223  -0.0318 -0.0235 8    ERE A C3A 
415 N  N3  . ERE I . ? 0.1291 0.1168 0.1268 0.0648  -0.0877 -0.0520 8    ERE A N3  
416 O  O4  . ERE I . ? 0.0827 0.1072 0.0995 0.0230  -0.0479 -0.0257 8    ERE A O4  
417 C  C5A . ERE I . ? 0.1277 0.1400 0.0838 -0.0205 -0.0306 0.0234  8    ERE A C5A 
418 C  C1  . ERE J . ? 0.0545 0.0868 0.0750 0.0136  -0.0163 -0.0012 8    ERE B C1  
419 C  C2  . ERE J . ? 0.0500 0.0911 0.0837 0.0162  -0.0088 0.0117  8    ERE B C2  
420 C  C3  . ERE J . ? 0.0432 0.0874 0.0938 0.0266  -0.0074 0.0096  8    ERE B C3  
421 C  C4  . ERE J . ? 0.0742 0.1043 0.0827 0.0078  -0.0249 0.0177  8    ERE B C4  
422 C  C5  . ERE J . ? 0.0798 0.1097 0.0745 0.0217  -0.0190 0.0056  8    ERE B C5  
423 O  O5  . ERE J . ? 0.0713 0.1037 0.0850 0.0178  -0.0304 -0.0133 8    ERE B O5  
424 C  C3A . ERE J . ? 0.0620 0.0865 0.0838 0.0180  -0.0069 0.0031  8    ERE B C3A 
427 C  C5A . ERE J . ? 0.1236 0.1443 0.0909 0.0179  -0.0350 -0.0162 8    ERE B C5A 
428 C  C1  . GOL K . ? 0.1305 0.1599 0.1170 0.0240  0.0002  -0.0095 1001 GOL B C1  
429 O  O1  . GOL K . ? 0.1378 0.2044 0.1323 -0.0020 0.0207  -0.0172 1001 GOL B O1  
430 C  C2  . GOL K . ? 0.1379 0.1621 0.1047 0.0083  -0.0032 -0.0152 1001 GOL B C2  
431 O  O2  . GOL K . ? 0.1640 0.1762 0.1375 -0.0102 -0.0272 -0.0299 1001 GOL B O2  
432 C  C3  . GOL K . ? 0.1196 0.1386 0.1014 0.0249  -0.0205 -0.0160 1001 GOL B C3  
433 O  O3  . GOL K . ? 0.1748 0.1477 0.1265 0.0452  -0.0305 -0.0039 1001 GOL B O3  
434 C  C1  . GOL L . ? 0.1358 0.2214 0.1105 0.0616  -0.0059 0.0219  1002 GOL B C1  
435 O  O1  . GOL L . ? 0.1431 0.2360 0.1267 -0.0260 0.0137  -0.0284 1002 GOL B O1  
436 C  C2  . GOL L . ? 0.1553 0.1362 0.1413 0.0485  -0.0065 -0.0134 1002 GOL B C2  
437 O  O2  . GOL L . ? 0.3284 0.1240 0.1588 0.0087  0.0413  -0.0091 1002 GOL B O2  
438 C  C3  . GOL L . ? 0.1585 0.1175 0.0884 0.0444  -0.0086 -0.0315 1002 GOL B C3  
439 O  O3  . GOL L . ? 0.1040 0.2004 0.1253 0.0137  -0.0159 -0.0556 1002 GOL B O3  
440 C  C1  . ERE M . ? 0.0746 0.1147 0.1846 -0.0120 -0.0395 0.0160  8    ERE C C1  
441 C  C2  . ERE M . ? 0.1135 0.1345 0.1862 -0.0039 -0.0688 -0.0020 8    ERE C C2  
442 C  C3  . ERE M . ? 0.1188 0.1524 0.1895 -0.0080 -0.0699 0.0055  8    ERE C C3  
443 C  C4  . ERE M . ? 0.1202 0.1614 0.2297 0.0043  -0.0629 0.0469  8    ERE C C4  
444 C  C5  . ERE M . ? 0.0924 0.1655 0.2119 0.0111  -0.0418 0.0517  8    ERE C C5  
445 O  O5  . ERE M . ? 0.0778 0.1313 0.2131 -0.0103 -0.0357 0.0380  8    ERE C O5  
446 C  C3A . ERE M . ? 0.1262 0.1581 0.1871 -0.0083 -0.0491 0.0228  8    ERE C C3A 
447 N  N3  . ERE M . ? 0.1773 0.1978 0.1998 -0.0110 -0.1058 -0.0171 8    ERE C N3  
448 O  O4  . ERE M . ? 0.1444 0.2538 0.2412 0.0328  -0.1059 0.0384  8    ERE C O4  
449 C  C5A . ERE M . ? 0.0961 0.1832 0.3031 0.0226  -0.0264 0.0453  8    ERE C C5A 
450 C  C1  . ERE N . ? 0.0910 0.1011 0.0799 0.0248  -0.0287 -0.0094 8    ERE D C1  
451 C  C2  . ERE N . ? 0.0771 0.1138 0.0796 0.0240  -0.0281 -0.0115 8    ERE D C2  
452 C  C3  . ERE N . ? 0.0709 0.1138 0.0743 0.0243  -0.0270 -0.0245 8    ERE D C3  
453 C  C4  . ERE N . ? 0.0723 0.1104 0.1015 0.0295  -0.0375 -0.0333 8    ERE D C4  
454 C  C5  . ERE N . ? 0.0766 0.1368 0.0994 0.0377  -0.0291 -0.0419 8    ERE D C5  
455 O  O5  . ERE N . ? 0.0964 0.0997 0.1037 0.0393  -0.0446 -0.0243 8    ERE D O5  
456 C  C3A . ERE N . ? 0.0687 0.1030 0.0985 0.0233  -0.0137 -0.0191 8    ERE D C3A 
457 N  N3  . ERE N . ? 0.0793 0.1388 0.0865 0.0408  -0.0281 -0.0373 8    ERE D N3  
458 O  O4  . ERE N . ? 0.0652 0.1580 0.1187 0.0225  -0.0301 -0.0487 8    ERE D O4  
459 C  C5A . ERE N . ? 0.1058 0.1872 0.1218 0.0700  -0.0432 -0.0661 8    ERE D C5A 
460 C  C1  . GOL O . ? 0.1544 0.1399 0.2011 -0.0064 0.0575  -0.0034 1003 GOL D C1  
461 O  O1  . GOL O . ? 0.1440 0.1680 0.1422 -0.0271 0.0231  0.0196  1003 GOL D O1  
462 C  C2  . GOL O . ? 0.1279 0.1706 0.1951 0.0232  0.0352  0.0233  1003 GOL D C2  
463 O  O2  . GOL O . ? 0.2027 0.1633 0.2115 0.0317  0.0520  0.0091  1003 GOL D O2  
464 C  C3  . GOL O . ? 0.1114 0.1655 0.1708 -0.0084 0.0102  -0.0576 1003 GOL D C3  
465 O  O3  . GOL O . ? 0.1418 0.2243 0.2324 -0.0222 -0.0049 -0.0956 1003 GOL D O3  
466 O  O   . HOH P . ? 0.2236 0.2064 0.7374 0.1107  -0.3180 -0.2573 2001 HOH A O   
467 O  O   . HOH P . ? 0.5464 0.2951 0.2730 -0.1918 0.0478  -0.1139 2002 HOH A O   
468 O  O   . HOH P . ? 0.8280 0.5612 0.4917 -0.0553 -0.1234 -0.1846 2003 HOH A O   
469 O  O   . HOH P . ? 0.4334 0.3006 0.1750 0.0047  -0.0201 -0.1023 2004 HOH A O   
470 O  O   . HOH P . ? 0.5374 0.4940 0.2959 0.1552  0.1175  -0.0720 2005 HOH A O   
471 O  O   . HOH P . ? 0.2852 0.4452 0.4208 0.0957  0.0817  0.1058  2006 HOH A O   
472 O  O   . HOH P . ? 0.3016 0.4409 0.4129 -0.0750 0.1308  0.1209  2007 HOH A O   
473 O  O   . HOH P . ? 0.3236 0.5644 0.4378 0.0326  0.0948  0.0294  2008 HOH A O   
474 O  O   . HOH P . ? 0.4749 0.3959 0.1050 0.3610  -0.0508 -0.0606 2009 HOH A O   
475 O  O   . HOH P . ? 0.6064 0.5822 0.5152 0.2116  0.0752  -0.2446 2010 HOH A O   
476 O  O   . HOH P . ? 0.1597 0.8551 0.4275 -0.1134 0.0816  -0.4098 2011 HOH A O   
477 O  O   . HOH P . ? 0.4094 0.7477 0.6198 0.0331  -0.0571 0.0713  2012 HOH A O   
478 O  O   . HOH P . ? 0.2346 0.4783 0.3036 0.1179  -0.1002 -0.0738 2013 HOH A O   
479 O  O   . HOH P . ? 0.1560 0.2204 0.1642 -0.0497 0.0032  -0.0505 2014 HOH A O   
480 O  O   . HOH P . ? 0.4431 0.2851 0.5715 0.1319  0.0736  0.0124  2015 HOH A O   
481 O  O   . HOH P . ? 0.5433 0.7310 0.2819 -0.1690 0.0300  -0.1748 2016 HOH A O   
482 O  O   . HOH P . ? 0.4386 0.1883 0.3942 0.0463  0.0094  0.0682  2017 HOH A O   
483 O  O   . HOH P . ? 0.3339 0.3958 0.3020 -0.0340 -0.0803 -0.0637 2018 HOH A O   
484 O  O   . HOH P . ? 0.4279 0.6602 0.6525 0.3925  0.1181  0.3388  2019 HOH A O   
485 O  O   . HOH P . ? 0.5326 0.5186 0.2544 -0.3007 0.0106  -0.0532 2020 HOH A O   
486 O  O   . HOH P . ? 0.1923 0.5881 0.5466 -0.0873 0.1185  0.0266  2021 HOH A O   
487 O  O   . HOH P . ? 0.2847 0.3524 0.2322 -0.0049 0.1256  -0.0497 2022 HOH A O   
488 O  O   . HOH P . ? 0.3030 0.1734 0.2250 -0.0383 0.0750  -0.0743 2023 HOH A O   
489 O  O   . HOH P . ? 0.4727 0.1677 0.1320 0.2080  0.0994  0.0551  2024 HOH A O   
490 O  O   . HOH P . ? 0.1403 0.2976 0.5537 0.0010  0.0701  0.2123  2025 HOH A O   
491 O  O   . HOH P . ? 0.0597 0.0809 0.0990 0.0147  0.0218  -0.0316 2026 HOH A O   
492 O  O   . HOH P . ? 0.1433 0.2444 0.1513 -0.0795 -0.0012 0.0412  2027 HOH A O   
493 O  O   . HOH P . ? 0.2267 0.1652 0.1571 0.0097  -0.0440 -0.0528 2028 HOH A O   
494 O  O   . HOH P . ? 0.2149 0.1899 0.2238 0.1374  -0.0240 -0.0503 2029 HOH A O   
495 O  O   . HOH P . ? 0.7440 0.3083 0.1078 0.2477  -0.0320 0.0215  2030 HOH A O   
496 O  O   . HOH P . ? 0.1788 0.2583 0.4087 -0.0038 -0.0485 -0.0419 2031 HOH A O   
497 O  O   . HOH P . ? 0.1748 0.1173 0.2663 0.0298  0.0385  0.0116  2032 HOH A O   
498 O  O   . HOH P . ? 0.4928 1.2296 0.1647 -0.4187 -0.0343 -0.0251 2033 HOH A O   
499 O  O   . HOH P . ? 0.2936 0.0662 0.1432 0.0086  -0.1495 0.0011  2034 HOH A O   
500 O  O   . HOH P . ? 0.1644 0.1348 0.1158 0.0546  -0.0649 -0.0030 2035 HOH A O   
501 O  O   . HOH P . ? 0.1359 0.1138 0.3123 -0.0481 0.0498  0.0637  2036 HOH A O   
502 O  O   . HOH P . ? 0.2043 0.2529 0.3802 -0.0501 0.0247  0.0132  2037 HOH A O   
503 O  O   . HOH P . ? 0.2211 0.5830 0.2660 -0.1882 -0.0189 -0.0148 2038 HOH A O   
504 O  O   . HOH P . ? 0.4439 0.1866 0.2339 0.0049  -0.1881 -0.0076 2039 HOH A O   
505 O  O   . HOH P . ? 0.3040 1.1906 0.2081 -0.0313 0.1286  0.0526  2040 HOH A O   
506 O  O   . HOH P . ? 0.3818 0.4766 0.3114 -0.2349 -0.1214 0.1069  2041 HOH A O   
507 O  O   . HOH P . ? 0.7304 0.3376 0.4034 -0.0712 -0.0414 -0.1647 2042 HOH A O   
508 O  O   . HOH Q . ? 0.1887 0.4913 0.1432 0.1691  0.0204  0.0616  2001 HOH B O   
509 O  O   . HOH Q . ? 0.6807 0.4423 0.2060 0.2478  -0.0801 -0.1129 2002 HOH B O   
510 O  O   . HOH Q . ? 0.3058 0.6226 0.3933 0.1616  -0.1711 -0.2662 2003 HOH B O   
511 O  O   . HOH Q . ? 0.3319 0.7352 0.3044 0.0775  0.0121  0.2183  2004 HOH B O   
512 O  O   . HOH Q . ? 0.3992 0.2971 0.4930 0.1523  0.0800  -0.0955 2005 HOH B O   
513 O  O   . HOH Q . ? 0.1688 0.2655 0.1626 0.1458  -0.0486 -0.0064 2006 HOH B O   
514 O  O   . HOH Q . ? 0.0507 0.0815 0.0511 0.0270  -0.0155 -0.0050 2007 HOH B O   
515 O  O   . HOH Q . ? 0.2394 0.2041 0.3711 0.0345  -0.0494 0.0016  2008 HOH B O   
516 O  O   . HOH Q . ? 0.5947 0.1904 0.4848 0.0078  -0.0064 0.0210  2009 HOH B O   
517 O  O   . HOH Q . ? 0.2368 0.1741 0.2042 0.0330  -0.0131 -0.0115 2010 HOH B O   
518 O  O   . HOH Q . ? 0.0661 0.3338 0.0629 0.0568  -0.0119 -0.0773 2011 HOH B O   
519 O  O   . HOH Q . ? 0.1684 0.4618 0.1827 0.0318  0.0163  0.0833  2012 HOH B O   
520 O  O   . HOH Q . ? 0.6178 0.6042 0.1937 0.0738  0.0248  0.0593  2013 HOH B O   
521 O  O   . HOH Q . ? 0.6634 0.4262 0.9197 0.2313  0.1336  -0.0832 2014 HOH B O   
522 O  O   . HOH Q . ? 0.8415 0.4507 0.6889 -0.0594 -0.0495 -0.1254 2015 HOH B O   
523 O  O   . HOH Q . ? 0.6272 0.2163 0.4780 -0.0367 -0.0594 -0.0557 2016 HOH B O   
524 O  O   . HOH Q . ? 0.4641 0.2932 0.5193 0.1548  0.1214  -0.0302 2017 HOH B O   
525 O  O   . HOH Q . ? 0.3546 0.6138 0.4757 0.0415  0.0159  -0.0377 2018 HOH B O   
526 O  O   . HOH Q . ? 0.8916 0.4156 0.5897 0.0013  -0.2320 -0.1913 2019 HOH B O   
527 O  O   . HOH Q . ? 0.1964 0.2164 0.3083 -0.0075 0.0364  -0.0170 2020 HOH B O   
528 O  O   . HOH Q . ? 0.3669 0.2901 0.2339 -0.1307 0.0383  -0.0449 2021 HOH B O   
529 O  O   . HOH Q . ? 0.2098 0.2571 0.3033 -0.0066 0.0555  0.0253  2022 HOH B O   
530 O  O   . HOH Q . ? 0.1770 0.1074 0.1299 0.0120  0.0243  0.0082  2023 HOH B O   
531 O  O   . HOH Q . ? 0.1946 0.4018 0.8088 0.0983  -0.1496 -0.4135 2024 HOH B O   
532 O  O   . HOH Q . ? 0.3648 0.5140 0.2768 0.0018  -0.0302 0.2208  2025 HOH B O   
533 O  O   . HOH Q . ? 0.1009 0.1967 0.2451 0.0224  -0.0059 0.0823  2026 HOH B O   
534 O  O   . HOH Q . ? 0.4048 0.3668 0.6770 -0.0051 0.0112  -0.0600 2027 HOH B O   
535 O  O   . HOH Q . ? 0.6610 0.3241 0.5305 0.0736  -0.0746 0.1098  2028 HOH B O   
536 O  O   . HOH Q . ? 0.2791 0.2222 0.3111 -0.0239 0.0701  -0.0595 2029 HOH B O   
537 O  O   . HOH Q . ? 0.2970 0.2711 0.3974 -0.0460 0.0036  0.0311  2030 HOH B O   
538 O  O   . HOH Q . ? 0.5376 0.3152 0.5253 0.0672  0.0075  0.0406  2031 HOH B O   
539 O  O   . HOH Q . ? 0.7533 0.4402 0.3873 -0.1005 -0.0449 -0.1372 2032 HOH B O   
540 O  O   . HOH Q . ? 0.2976 0.3107 0.4057 0.0927  -0.1527 -0.1795 2033 HOH B O   
541 O  O   . HOH Q . ? 0.8898 0.3957 0.2350 -0.0423 -0.1568 0.0484  2034 HOH B O   
542 O  O   . HOH Q . ? 0.2996 0.5168 0.2911 0.0788  0.0345  0.0789  2035 HOH B O   
543 O  O   . HOH Q . ? 0.5185 0.1542 0.4848 -0.0208 0.1534  0.0594  2036 HOH B O   
544 O  O   . HOH Q . ? 0.4174 0.2439 0.3990 -0.1234 0.1274  -0.0079 2037 HOH B O   
545 O  O   . HOH Q . ? 0.4685 0.2909 0.8171 0.0781  0.2065  0.1406  2038 HOH B O   
546 O  O   . HOH Q . ? 0.5294 0.6949 0.3584 -0.0257 -0.0655 0.1054  2039 HOH B O   
547 O  O   . HOH Q . ? 0.1829 0.3355 0.4654 -0.0206 0.0279  0.1350  2040 HOH B O   
548 O  O   . HOH Q . ? 0.5941 0.5252 0.1306 -0.1476 -0.0198 -0.0572 2041 HOH B O   
549 O  O   . HOH Q . ? 0.4918 0.4974 0.1688 -0.2646 -0.1132 0.0842  2042 HOH B O   
550 O  O   . HOH Q . ? 0.4456 0.1678 0.5904 -0.0090 0.0859  -0.1741 2043 HOH B O   
551 O  O   . HOH Q . ? 0.2172 0.1878 0.1913 -0.0182 -0.0351 -0.0040 2044 HOH B O   
552 O  O   . HOH Q . ? 0.2386 0.4332 0.2861 0.1617  -0.0501 -0.0243 2045 HOH B O   
553 O  O   . HOH Q . ? 0.2951 0.3077 0.4268 -0.1055 -0.0118 0.1312  2046 HOH B O   
554 O  O   . HOH Q . ? 0.5568 0.3389 0.4727 -0.0098 0.0707  -0.2242 2047 HOH B O   
555 O  O   . HOH R . ? 0.3101 0.1447 0.1602 0.0354  0.0312  0.0141  2001 HOH C O   
556 O  O   . HOH R . ? 0.2283 0.2527 0.2296 0.0214  -0.0141 -0.0211 2002 HOH C O   
557 O  O   . HOH R . ? 0.0924 0.3615 0.1581 0.0000  0.0025  0.0438  2003 HOH C O   
558 O  O   . HOH R . ? 0.1224 0.3485 0.2333 -0.0206 -0.0093 -0.0184 2004 HOH C O   
559 O  O   . HOH R . ? 0.5285 0.3076 0.1842 -0.1786 -0.0902 0.0243  2005 HOH C O   
560 O  O   . HOH R . ? 0.6072 0.4215 0.4168 -0.0672 -0.2241 0.2084  2006 HOH C O   
561 O  O   . HOH R . ? 0.3938 0.5270 0.4556 -0.0955 -0.1237 0.0664  2007 HOH C O   
562 O  O   . HOH R . ? 0.3758 0.5856 0.2403 0.0080  -0.0381 0.1017  2008 HOH C O   
563 O  O   . HOH R . ? 0.0847 0.1615 0.2928 0.0284  -0.0500 -0.1475 2009 HOH C O   
564 O  O   . HOH R . ? 0.1098 0.1582 0.2419 0.0092  0.0225  0.0179  2010 HOH C O   
565 O  O   . HOH R . ? 0.5405 0.3796 0.1336 -0.2884 -0.0283 0.0515  2011 HOH C O   
566 O  O   . HOH R . ? 0.7830 0.4129 0.3495 -0.4107 -0.2645 0.1400  2012 HOH C O   
567 O  O   . HOH R . ? 0.0371 0.1392 0.1686 0.0193  -0.0544 -0.0313 2013 HOH C O   
568 O  O   . HOH R . ? 0.3522 0.2873 0.2235 -0.0759 -0.0215 -0.0600 2014 HOH C O   
569 O  O   . HOH R . ? 0.2484 0.1879 0.1793 -0.0206 -0.0435 0.0493  2015 HOH C O   
570 O  O   . HOH R . ? 0.3296 0.2937 0.2890 0.0110  -0.1110 0.0572  2016 HOH C O   
571 O  O   . HOH R . ? 0.3702 0.2122 0.3484 -0.0012 -0.0527 -0.0081 2017 HOH C O   
572 O  O   . HOH R . ? 0.5395 0.3113 0.8987 0.1611  -0.1575 -0.2146 2018 HOH C O   
573 O  O   . HOH R . ? 0.4263 0.4823 0.2610 0.1303  -0.0698 -0.0094 2019 HOH C O   
574 O  O   . HOH R . ? 0.2560 0.4572 0.7215 0.0399  0.0925  -0.2191 2020 HOH C O   
575 O  O   . HOH R . ? 0.3145 0.2453 0.5321 -0.0441 -0.0516 0.1092  2021 HOH C O   
576 O  O   . HOH R . ? 0.1911 0.5329 0.9058 -0.1103 0.0279  -0.1063 2022 HOH C O   
577 O  O   . HOH R . ? 0.3664 0.2325 0.7108 0.0550  0.2993  0.1307  2023 HOH C O   
578 O  O   . HOH R . ? 0.1951 0.2873 0.1344 0.0386  -0.0277 0.0215  2024 HOH C O   
579 O  O   . HOH R . ? 0.2269 0.1970 0.2157 0.0044  -0.0511 0.0879  2025 HOH C O   
580 O  O   . HOH R . ? 0.4482 0.3121 0.3014 -0.0064 0.0244  0.1265  2026 HOH C O   
581 O  O   . HOH R . ? 0.2554 0.5506 0.2543 -0.0697 -0.0215 0.0283  2027 HOH C O   
582 O  O   . HOH R . ? 0.2435 0.2697 0.4653 -0.0241 0.0167  0.0931  2028 HOH C O   
583 O  O   . HOH R . ? 0.2080 0.1380 0.1752 0.0683  0.0592  0.0400  2029 HOH C O   
584 O  O   . HOH R . ? 0.1793 0.2763 0.3596 0.0258  -0.0450 -0.0049 2030 HOH C O   
585 O  O   . HOH R . ? 0.2376 0.4857 0.4663 -0.0786 0.0179  0.0337  2031 HOH C O   
586 O  O   . HOH R . ? 0.5570 0.5749 0.3059 -0.0186 -0.1886 -0.0811 2032 HOH C O   
587 O  O   . HOH R . ? 0.3922 0.3312 0.3851 -0.0779 -0.0792 -0.1180 2033 HOH C O   
588 O  O   . HOH R . ? 0.4963 0.5914 0.3174 0.1219  -0.0401 0.1410  2034 HOH C O   
589 O  O   . HOH R . ? 0.4198 0.5890 0.2246 -0.0145 -0.0930 0.1087  2035 HOH C O   
590 O  O   . HOH R . ? 0.5515 0.3438 0.4537 0.1327  -0.1474 -0.2370 2036 HOH C O   
591 O  O   . HOH R . ? 0.3510 0.3090 0.8176 0.0564  0.0872  0.2549  2037 HOH C O   
592 O  O   . HOH R . ? 0.2534 0.3993 0.6085 -0.0974 -0.0374 -0.0872 2038 HOH C O   
593 O  O   . HOH R . ? 0.3361 0.3476 0.5193 -0.0595 -0.0806 0.1340  2039 HOH C O   
594 O  O   . HOH S . ? 0.1680 0.3531 0.2057 0.0620  -0.0509 -0.1302 2001 HOH D O   
595 O  O   . HOH S . ? 0.5424 0.7154 0.6251 -0.2273 -0.1228 -0.1326 2002 HOH D O   
596 O  O   . HOH S . ? 0.8447 0.7185 0.4149 -0.0758 -0.0352 0.1219  2003 HOH D O   
597 O  O   . HOH S . ? 0.5738 0.5189 0.5630 0.0680  0.1220  0.2042  2004 HOH D O   
598 O  O   . HOH S . ? 0.1838 0.5288 0.2296 -0.1552 0.0399  -0.1576 2005 HOH D O   
599 O  O   . HOH S . ? 0.2039 0.6579 0.1615 0.2390  0.0215  0.0363  2006 HOH D O   
600 O  O   . HOH S . ? 0.6437 0.7988 0.7736 -0.2995 -0.0221 -0.0999 2007 HOH D O   
601 O  O   . HOH S . ? 0.3736 0.3680 0.2920 0.0225  -0.0078 0.0127  2008 HOH D O   
602 O  O   . HOH S . ? 0.3113 0.4991 0.3499 -0.0687 -0.0753 -0.0216 2009 HOH D O   
603 O  O   . HOH S . ? 0.3532 0.4612 0.6591 0.1482  0.0273  -0.1511 2010 HOH D O   
604 O  O   . HOH S . ? 0.5323 0.3712 0.6675 0.0494  0.1678  0.2447  2011 HOH D O   
605 O  O   . HOH S . ? 0.2692 0.2969 0.3791 0.0424  0.1147  0.0714  2012 HOH D O   
606 O  O   . HOH S . ? 0.2880 0.1858 0.1316 0.0629  -0.0419 -0.0356 2013 HOH D O   
607 O  O   . HOH S . ? 0.1488 0.2980 0.1674 -0.0504 -0.0370 -0.0565 2014 HOH D O   
608 O  O   . HOH S . ? 0.5009 0.4360 0.4666 -0.2127 -0.2550 0.0970  2015 HOH D O   
609 O  O   . HOH S . ? 0.3693 0.4380 0.3230 0.1319  -0.0597 -0.0061 2016 HOH D O   
610 O  O   . HOH S . ? 0.7801 0.3939 0.7620 0.1595  0.0396  0.0550  2017 HOH D O   
611 O  O   . HOH S . ? 0.1274 0.3124 0.0979 0.1095  0.0132  0.0167  2018 HOH D O   
612 O  O   . HOH S . ? 0.1251 0.6032 0.2514 0.1159  -0.0312 -0.1933 2019 HOH D O   
613 O  O   . HOH S . ? 0.3931 0.4162 0.7248 0.1433  0.0535  0.2587  2020 HOH D O   
614 O  O   . HOH S . ? 0.1394 0.2741 0.1411 -0.0043 -0.0413 0.0003  2021 HOH D O   
615 O  O   . HOH S . ? 0.3934 0.2936 0.3030 -0.0843 0.0860  -0.0362 2022 HOH D O   
616 O  O   . HOH S . ? 0.8154 0.2990 0.6981 -0.1274 0.0301  -0.0408 2023 HOH D O   
617 O  O   . HOH S . ? 0.4836 0.2924 0.4318 0.0841  -0.0637 0.0838  2024 HOH D O   
618 O  O   . HOH S . ? 0.7901 0.3844 0.5901 0.1302  0.1025  -0.2082 2025 HOH D O   
619 O  O   . HOH S . ? 0.4776 0.6641 0.3350 0.0156  -0.1745 0.1387  2026 HOH D O   
620 O  O   . HOH S . ? 0.4733 0.2348 0.4462 0.0514  0.1775  0.0242  2027 HOH D O   
621 O  O   . HOH S . ? 0.4306 0.8132 0.4699 -0.2853 0.1250  0.0571  2028 HOH D O   
622 O  O   . HOH S . ? 0.7043 0.3379 0.5782 0.0641  0.2189  0.1280  2029 HOH D O   
623 O  O   . HOH S . ? 0.4569 0.3255 0.2378 -0.1028 -0.1182 0.0725  2030 HOH D O   
624 O  O   . HOH S . ? 0.4165 0.7209 0.3432 0.1657  0.0705  0.0120  2031 HOH D O   
625 O  O   . HOH S . ? 0.2163 0.1932 0.4541 -0.0135 -0.0193 0.0923  2032 HOH D O   
626 O  O   . HOH S . ? 0.3172 0.2754 0.3751 0.0814  -0.0330 0.0121  2033 HOH D O   
627 O  O   . HOH S . ? 0.4855 0.5010 0.5147 -0.0690 -0.0070 -0.1855 2034 HOH D O   
# 
